data_1C9F
#
_entry.id   1C9F
#
_cell.length_a   1.000
_cell.length_b   1.000
_cell.length_c   1.000
_cell.angle_alpha   90.00
_cell.angle_beta   90.00
_cell.angle_gamma   90.00
#
_symmetry.space_group_name_H-M   'P 1'
#
_entity_poly.entity_id   1
_entity_poly.type   'polypeptide(L)'
_entity_poly.pdbx_seq_one_letter_code
;VPHMCAVLRQPKCVKLRALHSACKFGVAARSCQELLRKGCVRFQLPMPGSRLCLYEDGTEVTDDCFPGLPNDAELLLLTA
GETWHGYVSD
;
_entity_poly.pdbx_strand_id   A
#
# COMPACT_ATOMS: atom_id res chain seq x y z
N MET A 4 16.71 14.67 -21.00
CA MET A 4 16.34 13.25 -21.28
C MET A 4 16.69 12.37 -20.08
N CYS A 5 16.41 11.10 -20.17
CA CYS A 5 16.73 10.18 -19.04
C CYS A 5 15.87 10.54 -17.82
N ALA A 6 16.13 9.93 -16.70
CA ALA A 6 15.32 10.24 -15.49
C ALA A 6 15.80 9.41 -14.29
N VAL A 7 17.02 9.61 -13.87
CA VAL A 7 17.54 8.83 -12.72
C VAL A 7 16.74 9.17 -11.45
N LEU A 8 16.62 8.25 -10.55
CA LEU A 8 15.84 8.52 -9.30
C LEU A 8 16.79 8.84 -8.15
N ARG A 9 16.99 10.10 -7.86
CA ARG A 9 17.89 10.47 -6.74
C ARG A 9 17.10 10.50 -5.43
N GLN A 10 16.34 9.48 -5.16
CA GLN A 10 15.53 9.45 -3.90
C GLN A 10 14.59 8.24 -3.91
N PRO A 11 14.85 7.33 -3.02
CA PRO A 11 14.00 6.11 -2.92
C PRO A 11 12.65 6.44 -2.30
N LYS A 12 11.59 5.86 -2.81
CA LYS A 12 10.24 6.14 -2.24
C LYS A 12 9.89 5.10 -1.18
N CYS A 13 9.23 5.50 -0.13
CA CYS A 13 8.87 4.52 0.93
C CYS A 13 7.35 4.43 1.09
N VAL A 14 6.85 3.27 1.44
CA VAL A 14 5.38 3.11 1.60
C VAL A 14 5.07 2.20 2.81
N LYS A 15 4.25 2.65 3.70
CA LYS A 15 3.92 1.79 4.90
C LYS A 15 2.83 0.79 4.53
N LEU A 16 3.19 -0.47 4.41
CA LEU A 16 2.18 -1.50 4.06
C LEU A 16 1.52 -2.06 5.31
N ARG A 17 0.48 -1.40 5.79
CA ARG A 17 -0.21 -1.89 7.01
C ARG A 17 -1.28 -2.92 6.62
N ALA A 18 -1.67 -3.77 7.52
CA ALA A 18 -2.71 -4.78 7.18
C ALA A 18 -3.75 -4.90 8.29
N LEU A 19 -5.01 -4.81 7.97
CA LEU A 19 -6.06 -4.92 9.01
C LEU A 19 -6.17 -6.37 9.48
N HIS A 20 -5.82 -7.30 8.63
CA HIS A 20 -5.89 -8.74 9.02
C HIS A 20 -4.61 -9.15 9.76
N SER A 21 -3.82 -8.19 10.17
CA SER A 21 -2.57 -8.51 10.91
C SER A 21 -2.44 -7.62 12.14
N ALA A 22 -1.24 -7.49 12.66
CA ALA A 22 -1.06 -6.64 13.87
C ALA A 22 0.09 -5.65 13.65
N CYS A 23 0.24 -5.16 12.45
CA CYS A 23 1.35 -4.19 12.17
C CYS A 23 1.40 -3.85 10.69
N LYS A 24 2.50 -3.30 10.24
CA LYS A 24 2.64 -2.94 8.80
C LYS A 24 4.04 -3.29 8.31
N PHE A 25 4.41 -2.83 7.15
CA PHE A 25 5.77 -3.13 6.62
C PHE A 25 6.31 -1.93 5.84
N GLY A 26 7.00 -1.04 6.51
CA GLY A 26 7.56 0.15 5.81
C GLY A 26 8.59 -0.31 4.77
N VAL A 27 8.17 -0.53 3.56
CA VAL A 27 9.13 -0.98 2.51
C VAL A 27 9.55 0.21 1.64
N ALA A 28 10.82 0.34 1.37
CA ALA A 28 11.29 1.48 0.53
C ALA A 28 11.93 0.96 -0.76
N ALA A 29 11.85 1.70 -1.83
CA ALA A 29 12.45 1.24 -3.11
C ALA A 29 12.47 2.38 -4.13
N ARG A 30 13.48 2.43 -4.94
CA ARG A 30 13.56 3.53 -5.97
C ARG A 30 12.33 3.47 -6.88
N SER A 31 12.13 2.38 -7.55
CA SER A 31 10.94 2.26 -8.45
C SER A 31 9.69 1.95 -7.63
N CYS A 32 8.91 2.95 -7.32
CA CYS A 32 7.66 2.71 -6.52
C CYS A 32 6.97 1.42 -6.99
N GLN A 33 7.13 1.08 -8.24
CA GLN A 33 6.49 -0.17 -8.74
C GLN A 33 7.01 -1.37 -7.96
N GLU A 34 8.22 -1.29 -7.48
CA GLU A 34 8.80 -2.42 -6.70
C GLU A 34 8.10 -2.53 -5.35
N LEU A 35 7.91 -1.42 -4.69
CA LEU A 35 7.22 -1.45 -3.37
C LEU A 35 5.83 -2.08 -3.50
N LEU A 36 5.11 -1.72 -4.53
CA LEU A 36 3.74 -2.29 -4.72
C LEU A 36 3.85 -3.80 -4.91
N ARG A 37 4.44 -4.24 -5.98
CA ARG A 37 4.57 -5.71 -6.22
C ARG A 37 4.98 -6.40 -4.92
N LYS A 38 6.19 -6.20 -4.49
CA LYS A 38 6.64 -6.83 -3.22
C LYS A 38 5.58 -6.64 -2.14
N GLY A 39 4.82 -5.59 -2.25
CA GLY A 39 3.75 -5.34 -1.24
C GLY A 39 2.67 -6.40 -1.38
N CYS A 40 2.10 -6.55 -2.55
CA CYS A 40 1.05 -7.59 -2.74
C CYS A 40 1.62 -8.98 -2.50
N VAL A 41 2.92 -9.08 -2.39
CA VAL A 41 3.54 -10.42 -2.16
C VAL A 41 3.56 -10.73 -0.65
N ARG A 42 4.41 -10.05 0.08
CA ARG A 42 4.48 -10.30 1.55
C ARG A 42 3.08 -10.21 2.17
N PHE A 43 2.18 -9.50 1.54
CA PHE A 43 0.81 -9.37 2.11
C PHE A 43 -0.15 -10.28 1.34
N GLN A 44 0.25 -10.74 0.19
CA GLN A 44 -0.63 -11.64 -0.61
C GLN A 44 -2.01 -10.99 -0.82
N LEU A 45 -2.15 -10.18 -1.83
CA LEU A 45 -3.48 -9.53 -2.08
C LEU A 45 -3.91 -9.73 -3.54
N PRO A 46 -4.76 -10.68 -3.74
CA PRO A 46 -5.27 -10.99 -5.10
C PRO A 46 -6.25 -9.91 -5.55
N MET A 47 -6.38 -9.70 -6.83
CA MET A 47 -7.33 -8.66 -7.32
C MET A 47 -8.77 -9.01 -6.94
N PRO A 48 -9.16 -10.21 -7.26
CA PRO A 48 -10.53 -10.68 -6.95
C PRO A 48 -10.65 -11.02 -5.46
N GLY A 49 -11.85 -11.00 -4.94
CA GLY A 49 -12.05 -11.32 -3.50
C GLY A 49 -10.98 -10.62 -2.67
N SER A 50 -10.73 -9.37 -2.94
CA SER A 50 -9.69 -8.63 -2.16
C SER A 50 -9.79 -7.13 -2.45
N ARG A 51 -8.97 -6.33 -1.82
CA ARG A 51 -9.02 -4.87 -2.07
C ARG A 51 -8.11 -4.14 -1.09
N LEU A 52 -7.55 -3.03 -1.50
CA LEU A 52 -6.66 -2.26 -0.59
C LEU A 52 -7.25 -0.87 -0.35
N CYS A 53 -6.74 -0.14 0.59
CA CYS A 53 -7.29 1.22 0.86
C CYS A 53 -6.24 2.13 1.50
N LEU A 54 -6.20 3.37 1.08
CA LEU A 54 -5.21 4.32 1.66
C LEU A 54 -5.55 4.62 3.13
N TYR A 55 -4.60 4.45 4.01
CA TYR A 55 -4.87 4.72 5.46
C TYR A 55 -4.79 6.22 5.75
N GLU A 56 -4.53 7.02 4.75
CA GLU A 56 -4.43 8.49 4.99
C GLU A 56 -5.75 9.01 5.56
N ASP A 57 -6.86 8.63 4.98
CA ASP A 57 -8.17 9.11 5.49
C ASP A 57 -9.27 8.07 5.22
N GLY A 58 -8.88 6.86 4.91
CA GLY A 58 -9.89 5.81 4.62
C GLY A 58 -10.18 5.75 3.12
N THR A 59 -9.22 6.08 2.30
CA THR A 59 -9.44 6.02 0.83
C THR A 59 -9.39 4.56 0.38
N GLU A 60 -9.86 4.27 -0.80
CA GLU A 60 -9.84 2.86 -1.28
C GLU A 60 -9.05 2.75 -2.59
N VAL A 61 -8.13 1.82 -2.66
CA VAL A 61 -7.32 1.66 -3.90
C VAL A 61 -6.84 0.20 -4.03
N THR A 62 -6.21 -0.13 -5.12
CA THR A 62 -5.73 -1.53 -5.31
C THR A 62 -4.22 -1.53 -5.58
N ASP A 63 -3.60 -2.67 -5.46
CA ASP A 63 -2.13 -2.75 -5.71
C ASP A 63 -1.83 -2.50 -7.19
N ASP A 64 -2.84 -2.51 -8.02
CA ASP A 64 -2.62 -2.28 -9.47
C ASP A 64 -3.08 -0.87 -9.87
N CYS A 65 -3.67 -0.16 -8.96
CA CYS A 65 -4.15 1.22 -9.27
C CYS A 65 -3.26 2.26 -8.58
N PHE A 66 -2.09 1.86 -8.16
CA PHE A 66 -1.17 2.82 -7.48
C PHE A 66 -0.08 3.30 -8.45
N PRO A 67 -0.31 4.44 -9.05
CA PRO A 67 0.66 5.00 -10.01
C PRO A 67 1.91 5.52 -9.27
N GLY A 68 1.91 6.78 -8.90
CA GLY A 68 3.10 7.33 -8.19
C GLY A 68 2.73 7.66 -6.74
N LEU A 69 2.47 6.66 -5.94
CA LEU A 69 2.10 6.91 -4.52
C LEU A 69 2.99 8.00 -3.91
N PRO A 70 2.46 8.69 -2.94
CA PRO A 70 3.21 9.77 -2.27
C PRO A 70 4.26 9.16 -1.33
N ASN A 71 5.21 9.94 -0.89
CA ASN A 71 6.25 9.40 0.03
C ASN A 71 5.59 8.64 1.17
N ASP A 72 6.25 7.63 1.68
CA ASP A 72 5.66 6.85 2.80
C ASP A 72 4.18 6.58 2.52
N ALA A 73 3.85 6.34 1.28
CA ALA A 73 2.43 6.08 0.92
C ALA A 73 1.80 5.13 1.96
N GLU A 74 0.68 5.51 2.50
CA GLU A 74 0.02 4.64 3.52
C GLU A 74 -0.95 3.68 2.84
N LEU A 75 -0.62 2.42 2.79
CA LEU A 75 -1.53 1.43 2.14
C LEU A 75 -1.99 0.38 3.16
N LEU A 76 -3.20 -0.09 3.05
CA LEU A 76 -3.71 -1.09 4.02
C LEU A 76 -4.28 -2.30 3.29
N LEU A 77 -3.98 -3.49 3.76
CA LEU A 77 -4.53 -4.71 3.10
C LEU A 77 -5.99 -4.91 3.48
N LEU A 78 -6.83 -5.29 2.55
CA LEU A 78 -8.25 -5.50 2.88
C LEU A 78 -8.89 -6.47 1.88
N THR A 79 -10.02 -7.03 2.20
CA THR A 79 -10.67 -7.98 1.26
C THR A 79 -12.18 -8.00 1.52
N ALA A 80 -12.93 -8.66 0.68
CA ALA A 80 -14.41 -8.70 0.89
C ALA A 80 -14.72 -9.10 2.33
N GLY A 81 -13.83 -9.79 2.97
CA GLY A 81 -14.08 -10.21 4.38
C GLY A 81 -13.43 -9.19 5.32
N GLU A 82 -13.20 -7.99 4.86
CA GLU A 82 -12.56 -6.97 5.74
C GLU A 82 -12.92 -5.56 5.26
N THR A 83 -12.73 -4.57 6.10
CA THR A 83 -13.07 -3.17 5.68
C THR A 83 -12.34 -2.16 6.58
N TRP A 84 -12.05 -1.01 6.06
CA TRP A 84 -11.36 0.04 6.87
C TRP A 84 -12.18 1.33 6.88
N HIS A 85 -12.48 1.85 8.04
CA HIS A 85 -13.29 3.10 8.10
C HIS A 85 -12.50 4.28 7.54
N GLY A 86 -11.49 4.73 8.23
CA GLY A 86 -10.68 5.87 7.72
C GLY A 86 -9.86 6.47 8.87
N TYR A 87 -9.03 7.43 8.57
CA TYR A 87 -8.19 8.06 9.63
C TYR A 87 -8.60 9.52 9.83
N VAL A 88 -9.86 9.77 10.06
CA VAL A 88 -10.33 11.17 10.26
C VAL A 88 -10.97 11.32 11.64
N SER A 89 -11.41 12.51 11.97
CA SER A 89 -12.06 12.72 13.29
C SER A 89 -13.54 13.07 13.12
N ASP A 90 -14.30 12.21 12.50
CA ASP A 90 -15.74 12.50 12.31
C ASP A 90 -16.56 11.20 12.42
N MET A 4 10.88 -1.70 -21.32
CA MET A 4 10.10 -1.10 -20.21
C MET A 4 10.98 -0.95 -18.98
N CYS A 5 10.70 0.04 -18.16
CA CYS A 5 11.52 0.26 -16.94
C CYS A 5 11.14 1.58 -16.28
N ALA A 6 11.84 1.98 -15.25
CA ALA A 6 11.51 3.25 -14.56
C ALA A 6 12.73 3.77 -13.78
N VAL A 7 13.68 4.36 -14.45
CA VAL A 7 14.89 4.88 -13.75
C VAL A 7 14.50 6.00 -12.78
N LEU A 8 14.86 5.87 -11.53
CA LEU A 8 14.52 6.92 -10.54
C LEU A 8 15.75 7.31 -9.71
N ARG A 9 15.96 8.58 -9.50
CA ARG A 9 17.14 9.01 -8.71
C ARG A 9 16.72 9.35 -7.27
N GLN A 10 15.94 8.50 -6.66
CA GLN A 10 15.49 8.75 -5.27
C GLN A 10 14.56 7.63 -4.80
N PRO A 11 15.01 6.89 -3.83
CA PRO A 11 14.21 5.77 -3.28
C PRO A 11 13.02 6.28 -2.46
N LYS A 12 11.82 5.94 -2.85
CA LYS A 12 10.62 6.39 -2.08
C LYS A 12 10.38 5.44 -0.91
N CYS A 13 9.23 5.52 -0.31
CA CYS A 13 8.94 4.61 0.84
C CYS A 13 7.43 4.38 0.96
N VAL A 14 7.03 3.28 1.54
CA VAL A 14 5.58 3.00 1.69
C VAL A 14 5.32 2.21 2.98
N LYS A 15 4.20 2.45 3.61
CA LYS A 15 3.89 1.70 4.86
C LYS A 15 2.80 0.68 4.59
N LEU A 16 3.17 -0.55 4.35
CA LEU A 16 2.15 -1.60 4.07
C LEU A 16 1.47 -2.07 5.36
N ARG A 17 0.40 -1.44 5.73
CA ARG A 17 -0.32 -1.87 6.97
C ARG A 17 -1.39 -2.90 6.61
N ALA A 18 -1.74 -3.76 7.52
CA ALA A 18 -2.77 -4.79 7.19
C ALA A 18 -3.75 -4.97 8.35
N LEU A 19 -5.02 -4.97 8.07
CA LEU A 19 -6.03 -5.15 9.16
C LEU A 19 -6.01 -6.59 9.65
N HIS A 20 -5.63 -7.50 8.80
CA HIS A 20 -5.58 -8.93 9.22
C HIS A 20 -4.29 -9.20 10.00
N SER A 21 -3.50 -8.19 10.22
CA SER A 21 -2.23 -8.37 10.98
C SER A 21 -2.20 -7.45 12.20
N ALA A 22 -1.05 -7.24 12.77
CA ALA A 22 -0.95 -6.35 13.95
C ALA A 22 0.09 -5.25 13.71
N CYS A 23 0.23 -4.82 12.48
CA CYS A 23 1.24 -3.76 12.19
C CYS A 23 1.35 -3.52 10.68
N LYS A 24 2.44 -2.94 10.26
CA LYS A 24 2.64 -2.68 8.79
C LYS A 24 4.11 -2.89 8.42
N PHE A 25 4.40 -2.96 7.15
CA PHE A 25 5.82 -3.16 6.73
C PHE A 25 6.35 -1.91 6.02
N GLY A 26 7.05 -1.07 6.72
CA GLY A 26 7.60 0.16 6.08
C GLY A 26 8.74 -0.23 5.15
N VAL A 27 8.47 -0.34 3.88
CA VAL A 27 9.54 -0.72 2.91
C VAL A 27 9.82 0.42 1.93
N ALA A 28 11.03 0.51 1.44
CA ALA A 28 11.37 1.61 0.47
C ALA A 28 11.96 1.02 -0.80
N ALA A 29 12.07 1.81 -1.83
CA ALA A 29 12.64 1.29 -3.11
C ALA A 29 12.68 2.38 -4.17
N ARG A 30 13.63 2.32 -5.08
CA ARG A 30 13.71 3.36 -6.14
C ARG A 30 12.46 3.31 -7.02
N SER A 31 12.19 2.18 -7.61
CA SER A 31 10.98 2.07 -8.48
C SER A 31 9.74 1.80 -7.61
N CYS A 32 9.01 2.83 -7.29
CA CYS A 32 7.79 2.64 -6.45
C CYS A 32 7.02 1.40 -6.91
N GLN A 33 7.13 1.06 -8.17
CA GLN A 33 6.42 -0.14 -8.68
C GLN A 33 6.81 -1.36 -7.86
N GLU A 34 8.06 -1.45 -7.49
CA GLU A 34 8.51 -2.61 -6.67
C GLU A 34 7.80 -2.61 -5.32
N LEU A 35 7.69 -1.47 -4.70
CA LEU A 35 7.01 -1.39 -3.39
C LEU A 35 5.59 -1.96 -3.50
N LEU A 36 4.86 -1.56 -4.51
CA LEU A 36 3.48 -2.08 -4.69
C LEU A 36 3.51 -3.60 -4.94
N ARG A 37 4.09 -4.01 -6.03
CA ARG A 37 4.16 -5.47 -6.33
C ARG A 37 4.65 -6.22 -5.09
N LYS A 38 5.89 -6.04 -4.73
CA LYS A 38 6.42 -6.75 -3.52
C LYS A 38 5.40 -6.64 -2.39
N GLY A 39 4.64 -5.59 -2.35
CA GLY A 39 3.62 -5.43 -1.27
C GLY A 39 2.57 -6.53 -1.41
N CYS A 40 1.96 -6.64 -2.55
CA CYS A 40 0.94 -7.71 -2.75
C CYS A 40 1.57 -9.09 -2.54
N VAL A 41 2.88 -9.15 -2.54
CA VAL A 41 3.56 -10.46 -2.34
C VAL A 41 3.69 -10.78 -0.85
N ARG A 42 4.36 -9.94 -0.12
CA ARG A 42 4.52 -10.19 1.35
C ARG A 42 3.16 -10.15 2.05
N PHE A 43 2.22 -9.45 1.49
CA PHE A 43 0.87 -9.36 2.13
C PHE A 43 -0.11 -10.30 1.42
N GLN A 44 0.22 -10.72 0.22
CA GLN A 44 -0.70 -11.64 -0.53
C GLN A 44 -2.08 -11.01 -0.68
N LEU A 45 -2.26 -10.19 -1.67
CA LEU A 45 -3.60 -9.56 -1.88
C LEU A 45 -4.11 -9.86 -3.29
N PRO A 46 -5.06 -10.74 -3.36
CA PRO A 46 -5.65 -11.14 -4.67
C PRO A 46 -6.54 -10.03 -5.22
N MET A 47 -6.56 -9.87 -6.51
CA MET A 47 -7.42 -8.81 -7.11
C MET A 47 -8.88 -8.99 -6.68
N PRO A 48 -9.35 -10.19 -6.85
CA PRO A 48 -10.74 -10.52 -6.49
C PRO A 48 -10.85 -10.76 -4.98
N GLY A 49 -12.04 -10.63 -4.43
CA GLY A 49 -12.20 -10.83 -2.97
C GLY A 49 -11.06 -10.13 -2.22
N SER A 50 -10.85 -8.87 -2.50
CA SER A 50 -9.75 -8.14 -1.80
C SER A 50 -9.81 -6.64 -2.16
N ARG A 51 -8.99 -5.84 -1.55
CA ARG A 51 -9.00 -4.38 -1.86
C ARG A 51 -7.93 -3.65 -1.04
N LEU A 52 -6.98 -3.04 -1.69
CA LEU A 52 -5.92 -2.30 -0.96
C LEU A 52 -6.36 -0.85 -0.76
N CYS A 53 -6.82 -0.52 0.43
CA CYS A 53 -7.29 0.87 0.68
C CYS A 53 -6.14 1.76 1.17
N LEU A 54 -6.42 3.01 1.41
CA LEU A 54 -5.36 3.94 1.90
C LEU A 54 -5.61 4.29 3.37
N TYR A 55 -4.60 4.19 4.19
CA TYR A 55 -4.77 4.51 5.63
C TYR A 55 -4.70 6.02 5.85
N GLU A 56 -4.56 6.78 4.81
CA GLU A 56 -4.50 8.26 4.96
C GLU A 56 -5.83 8.81 5.47
N ASP A 57 -6.89 8.59 4.74
CA ASP A 57 -8.22 9.10 5.19
C ASP A 57 -9.32 8.08 4.86
N GLY A 58 -8.96 6.83 4.71
CA GLY A 58 -9.98 5.80 4.39
C GLY A 58 -10.26 5.78 2.88
N THR A 59 -9.22 5.76 2.08
CA THR A 59 -9.43 5.73 0.60
C THR A 59 -9.48 4.29 0.11
N GLU A 60 -9.92 4.07 -1.10
CA GLU A 60 -9.98 2.67 -1.62
C GLU A 60 -9.09 2.52 -2.86
N VAL A 61 -8.21 1.55 -2.84
CA VAL A 61 -7.31 1.35 -4.01
C VAL A 61 -7.05 -0.15 -4.22
N THR A 62 -6.29 -0.49 -5.21
CA THR A 62 -5.99 -1.94 -5.46
C THR A 62 -4.51 -2.10 -5.84
N ASP A 63 -3.98 -3.29 -5.67
CA ASP A 63 -2.56 -3.52 -6.02
C ASP A 63 -2.33 -3.28 -7.52
N ASP A 64 -3.39 -3.15 -8.28
CA ASP A 64 -3.23 -2.91 -9.74
C ASP A 64 -3.58 -1.47 -10.09
N CYS A 65 -4.06 -0.71 -9.14
CA CYS A 65 -4.41 0.70 -9.41
C CYS A 65 -3.28 1.64 -8.98
N PHE A 66 -2.78 1.47 -7.79
CA PHE A 66 -1.67 2.35 -7.31
C PHE A 66 -0.65 2.59 -8.43
N PRO A 67 -0.77 3.74 -9.04
CA PRO A 67 0.15 4.11 -10.15
C PRO A 67 1.49 4.59 -9.59
N GLY A 68 1.46 5.49 -8.64
CA GLY A 68 2.73 6.00 -8.06
C GLY A 68 2.43 6.78 -6.78
N LEU A 69 2.02 6.09 -5.74
CA LEU A 69 1.71 6.79 -4.46
C LEU A 69 2.85 7.74 -4.10
N PRO A 70 2.55 8.66 -3.23
CA PRO A 70 3.55 9.66 -2.77
C PRO A 70 4.57 8.98 -1.85
N ASN A 71 5.36 9.75 -1.17
CA ASN A 71 6.38 9.15 -0.26
C ASN A 71 5.68 8.51 0.95
N ASP A 72 6.21 7.43 1.43
CA ASP A 72 5.57 6.76 2.61
C ASP A 72 4.12 6.42 2.30
N ALA A 73 3.84 6.10 1.06
CA ALA A 73 2.44 5.76 0.69
C ALA A 73 1.84 4.80 1.71
N GLU A 74 1.02 5.31 2.60
CA GLU A 74 0.40 4.43 3.64
C GLU A 74 -0.75 3.63 3.03
N LEU A 75 -0.59 2.34 2.91
CA LEU A 75 -1.67 1.49 2.33
C LEU A 75 -2.19 0.51 3.40
N LEU A 76 -3.34 -0.05 3.18
CA LEU A 76 -3.89 -1.01 4.19
C LEU A 76 -4.49 -2.23 3.49
N LEU A 77 -4.00 -3.40 3.81
CA LEU A 77 -4.55 -4.63 3.18
C LEU A 77 -5.98 -4.89 3.65
N LEU A 78 -6.93 -4.82 2.76
CA LEU A 78 -8.34 -5.05 3.17
C LEU A 78 -9.00 -6.03 2.19
N THR A 79 -10.07 -6.67 2.58
CA THR A 79 -10.73 -7.63 1.66
C THR A 79 -12.23 -7.68 1.93
N ALA A 80 -12.98 -8.34 1.08
CA ALA A 80 -14.45 -8.40 1.31
C ALA A 80 -14.73 -8.78 2.76
N GLY A 81 -13.81 -9.45 3.41
CA GLY A 81 -14.03 -9.84 4.82
C GLY A 81 -13.48 -8.75 5.74
N GLU A 82 -13.21 -7.59 5.20
CA GLU A 82 -12.67 -6.49 6.04
C GLU A 82 -13.03 -5.12 5.44
N THR A 83 -13.29 -4.15 6.27
CA THR A 83 -13.66 -2.80 5.75
C THR A 83 -12.91 -1.71 6.53
N TRP A 84 -12.30 -0.79 5.84
CA TRP A 84 -11.56 0.30 6.56
C TRP A 84 -12.39 1.59 6.55
N HIS A 85 -12.55 2.21 7.69
CA HIS A 85 -13.34 3.46 7.75
C HIS A 85 -12.49 4.65 7.31
N GLY A 86 -11.27 4.73 7.76
CA GLY A 86 -10.40 5.87 7.36
C GLY A 86 -9.75 6.47 8.61
N TYR A 87 -9.06 7.57 8.45
CA TYR A 87 -8.40 8.21 9.62
C TYR A 87 -8.97 9.61 9.87
N VAL A 88 -10.23 9.71 10.18
CA VAL A 88 -10.85 11.03 10.42
C VAL A 88 -10.83 11.37 11.92
N SER A 89 -10.64 12.62 12.26
CA SER A 89 -10.61 13.00 13.71
C SER A 89 -11.83 13.87 14.03
N ASP A 90 -13.01 13.38 13.77
CA ASP A 90 -14.24 14.18 14.07
C ASP A 90 -14.16 15.53 13.37
N MET A 4 17.93 16.38 -19.88
CA MET A 4 18.24 15.20 -20.74
C MET A 4 18.37 13.94 -19.89
N CYS A 5 17.45 13.73 -18.97
CA CYS A 5 17.51 12.52 -18.10
C CYS A 5 16.48 12.62 -16.98
N ALA A 6 15.98 11.52 -16.51
CA ALA A 6 14.97 11.57 -15.42
C ALA A 6 15.11 10.35 -14.50
N VAL A 7 16.28 10.14 -13.96
CA VAL A 7 16.49 8.98 -13.06
C VAL A 7 15.99 9.31 -11.65
N LEU A 8 15.56 8.32 -10.91
CA LEU A 8 15.07 8.59 -9.53
C LEU A 8 16.23 8.94 -8.60
N ARG A 9 16.26 10.15 -8.12
CA ARG A 9 17.38 10.55 -7.21
C ARG A 9 16.95 10.36 -5.75
N GLN A 10 16.28 9.28 -5.47
CA GLN A 10 15.83 9.01 -4.07
C GLN A 10 14.88 7.81 -4.04
N PRO A 11 15.13 6.91 -3.13
CA PRO A 11 14.29 5.70 -3.00
C PRO A 11 12.94 6.05 -2.36
N LYS A 12 11.86 5.57 -2.92
CA LYS A 12 10.53 5.87 -2.35
C LYS A 12 10.22 4.92 -1.18
N CYS A 13 9.22 5.24 -0.40
CA CYS A 13 8.87 4.36 0.75
C CYS A 13 7.35 4.22 0.88
N VAL A 14 6.90 3.14 1.48
CA VAL A 14 5.43 2.94 1.63
C VAL A 14 5.15 2.12 2.89
N LYS A 15 4.23 2.57 3.71
CA LYS A 15 3.92 1.80 4.95
C LYS A 15 2.82 0.78 4.67
N LEU A 16 3.19 -0.38 4.20
CA LEU A 16 2.16 -1.43 3.90
C LEU A 16 1.48 -1.89 5.19
N ARG A 17 0.45 -1.19 5.60
CA ARG A 17 -0.27 -1.60 6.85
C ARG A 17 -1.28 -2.70 6.50
N ALA A 18 -1.61 -3.54 7.45
CA ALA A 18 -2.58 -4.62 7.16
C ALA A 18 -3.60 -4.75 8.29
N LEU A 19 -4.87 -4.83 7.96
CA LEU A 19 -5.91 -4.96 9.03
C LEU A 19 -6.00 -6.41 9.50
N HIS A 20 -5.47 -7.33 8.74
CA HIS A 20 -5.53 -8.76 9.15
C HIS A 20 -4.40 -9.07 10.14
N SER A 21 -3.59 -8.10 10.45
CA SER A 21 -2.47 -8.33 11.42
C SER A 21 -2.48 -7.25 12.50
N ALA A 22 -1.39 -7.09 13.20
CA ALA A 22 -1.33 -6.06 14.26
C ALA A 22 -0.21 -5.06 13.98
N CYS A 23 0.03 -4.76 12.73
CA CYS A 23 1.12 -3.79 12.40
C CYS A 23 1.17 -3.51 10.90
N LYS A 24 2.28 -3.00 10.43
CA LYS A 24 2.40 -2.70 8.97
C LYS A 24 3.78 -3.12 8.45
N PHE A 25 4.19 -2.57 7.34
CA PHE A 25 5.53 -2.94 6.79
C PHE A 25 6.12 -1.76 6.02
N GLY A 26 6.77 -0.87 6.70
CA GLY A 26 7.38 0.30 6.01
C GLY A 26 8.53 -0.17 5.12
N VAL A 27 8.24 -0.42 3.86
CA VAL A 27 9.32 -0.89 2.93
C VAL A 27 9.70 0.22 1.96
N ALA A 28 10.92 0.24 1.49
CA ALA A 28 11.34 1.31 0.54
C ALA A 28 11.92 0.70 -0.74
N ALA A 29 11.83 1.39 -1.83
CA ALA A 29 12.37 0.85 -3.12
C ALA A 29 12.43 1.96 -4.17
N ARG A 30 13.55 2.08 -4.85
CA ARG A 30 13.66 3.14 -5.89
C ARG A 30 12.44 3.13 -6.80
N SER A 31 12.21 2.05 -7.50
CA SER A 31 11.03 1.98 -8.40
C SER A 31 9.76 1.75 -7.58
N CYS A 32 9.05 2.80 -7.27
CA CYS A 32 7.80 2.65 -6.48
C CYS A 32 7.01 1.43 -6.97
N GLN A 33 7.07 1.15 -8.24
CA GLN A 33 6.35 -0.02 -8.79
C GLN A 33 6.75 -1.27 -8.02
N GLU A 34 7.98 -1.32 -7.56
CA GLU A 34 8.43 -2.51 -6.79
C GLU A 34 7.79 -2.49 -5.41
N LEU A 35 7.67 -1.34 -4.82
CA LEU A 35 7.04 -1.24 -3.47
C LEU A 35 5.64 -1.85 -3.53
N LEU A 36 4.88 -1.51 -4.54
CA LEU A 36 3.51 -2.07 -4.66
C LEU A 36 3.58 -3.57 -4.90
N ARG A 37 4.13 -3.99 -6.01
CA ARG A 37 4.24 -5.45 -6.28
C ARG A 37 4.77 -6.17 -5.05
N LYS A 38 6.01 -5.98 -4.72
CA LYS A 38 6.58 -6.65 -3.52
C LYS A 38 5.66 -6.45 -2.32
N GLY A 39 4.84 -5.43 -2.35
CA GLY A 39 3.91 -5.19 -1.22
C GLY A 39 2.81 -6.26 -1.23
N CYS A 40 2.24 -6.54 -2.37
CA CYS A 40 1.18 -7.56 -2.43
C CYS A 40 1.79 -8.96 -2.35
N VAL A 41 3.07 -9.07 -2.56
CA VAL A 41 3.72 -10.41 -2.49
C VAL A 41 3.97 -10.79 -1.03
N ARG A 42 4.55 -9.91 -0.26
CA ARG A 42 4.81 -10.22 1.18
C ARG A 42 3.48 -10.27 1.94
N PHE A 43 2.57 -9.39 1.63
CA PHE A 43 1.25 -9.40 2.32
C PHE A 43 0.32 -10.42 1.66
N GLN A 44 0.67 -10.87 0.48
CA GLN A 44 -0.18 -11.86 -0.22
C GLN A 44 -1.60 -11.31 -0.40
N LEU A 45 -1.80 -10.48 -1.39
CA LEU A 45 -3.16 -9.91 -1.61
C LEU A 45 -3.67 -10.27 -3.02
N PRO A 46 -4.65 -11.13 -3.05
CA PRO A 46 -5.24 -11.57 -4.33
C PRO A 46 -6.10 -10.45 -4.94
N MET A 47 -6.48 -10.58 -6.18
CA MET A 47 -7.32 -9.53 -6.82
C MET A 47 -8.80 -9.77 -6.51
N PRO A 48 -9.23 -10.99 -6.72
CA PRO A 48 -10.64 -11.34 -6.47
C PRO A 48 -10.90 -11.60 -4.99
N GLY A 49 -11.97 -11.08 -4.46
CA GLY A 49 -12.27 -11.30 -3.01
C GLY A 49 -11.28 -10.52 -2.15
N SER A 50 -10.66 -9.52 -2.72
CA SER A 50 -9.68 -8.72 -1.92
C SER A 50 -9.78 -7.24 -2.31
N ARG A 51 -9.02 -6.40 -1.68
CA ARG A 51 -9.08 -4.95 -1.99
C ARG A 51 -8.16 -4.16 -1.06
N LEU A 52 -7.51 -3.16 -1.56
CA LEU A 52 -6.59 -2.34 -0.70
C LEU A 52 -7.21 -0.96 -0.45
N CYS A 53 -6.67 -0.23 0.49
CA CYS A 53 -7.22 1.12 0.77
C CYS A 53 -6.12 2.04 1.30
N LEU A 54 -6.40 3.31 1.39
CA LEU A 54 -5.38 4.28 1.90
C LEU A 54 -5.64 4.58 3.37
N TYR A 55 -4.62 4.47 4.19
CA TYR A 55 -4.82 4.75 5.65
C TYR A 55 -4.77 6.27 5.90
N GLU A 56 -4.42 7.04 4.90
CA GLU A 56 -4.37 8.51 5.10
C GLU A 56 -5.74 9.05 5.54
N ASP A 57 -6.78 8.66 4.86
CA ASP A 57 -8.14 9.16 5.25
C ASP A 57 -9.19 8.07 4.99
N GLY A 58 -8.77 6.87 4.71
CA GLY A 58 -9.76 5.79 4.45
C GLY A 58 -10.15 5.76 2.97
N THR A 59 -9.19 5.84 2.09
CA THR A 59 -9.51 5.81 0.64
C THR A 59 -9.49 4.37 0.13
N GLU A 60 -9.91 4.13 -1.08
CA GLU A 60 -9.93 2.74 -1.61
C GLU A 60 -9.01 2.62 -2.83
N VAL A 61 -8.13 1.65 -2.82
CA VAL A 61 -7.19 1.48 -3.98
C VAL A 61 -6.77 0.02 -4.10
N THR A 62 -6.02 -0.31 -5.11
CA THR A 62 -5.58 -1.72 -5.29
C THR A 62 -4.05 -1.79 -5.43
N ASP A 63 -3.49 -2.97 -5.43
CA ASP A 63 -2.02 -3.10 -5.56
C ASP A 63 -1.59 -2.98 -7.03
N ASP A 64 -2.54 -2.89 -7.92
CA ASP A 64 -2.19 -2.77 -9.37
C ASP A 64 -2.59 -1.40 -9.90
N CYS A 65 -3.15 -0.56 -9.07
CA CYS A 65 -3.56 0.80 -9.53
C CYS A 65 -2.61 1.86 -8.97
N PHE A 66 -2.20 1.73 -7.73
CA PHE A 66 -1.27 2.73 -7.15
C PHE A 66 -0.19 3.10 -8.16
N PRO A 67 -0.38 4.25 -8.77
CA PRO A 67 0.59 4.73 -9.79
C PRO A 67 1.90 5.19 -9.14
N GLY A 68 1.85 6.21 -8.32
CA GLY A 68 3.10 6.69 -7.66
C GLY A 68 2.75 7.44 -6.38
N LEU A 69 2.17 6.75 -5.44
CA LEU A 69 1.82 7.41 -4.15
C LEU A 69 2.99 8.27 -3.66
N PRO A 70 2.69 9.13 -2.73
CA PRO A 70 3.73 10.02 -2.15
C PRO A 70 4.71 9.21 -1.31
N ASN A 71 5.55 9.88 -0.55
CA ASN A 71 6.53 9.14 0.28
C ASN A 71 5.83 8.38 1.39
N ASP A 72 6.42 7.30 1.84
CA ASP A 72 5.80 6.49 2.93
C ASP A 72 4.30 6.33 2.67
N ALA A 73 3.92 6.17 1.43
CA ALA A 73 2.49 5.99 1.11
C ALA A 73 1.88 4.93 2.02
N GLU A 74 1.10 5.33 2.99
CA GLU A 74 0.49 4.33 3.93
C GLU A 74 -0.61 3.54 3.23
N LEU A 75 -0.34 2.30 2.91
CA LEU A 75 -1.39 1.47 2.24
C LEU A 75 -2.02 0.53 3.27
N LEU A 76 -3.09 -0.13 2.93
CA LEU A 76 -3.73 -1.05 3.91
C LEU A 76 -4.27 -2.30 3.22
N LEU A 77 -4.08 -3.45 3.82
CA LEU A 77 -4.59 -4.71 3.20
C LEU A 77 -6.04 -4.94 3.61
N LEU A 78 -6.90 -5.20 2.67
CA LEU A 78 -8.33 -5.42 3.02
C LEU A 78 -8.94 -6.46 2.08
N THR A 79 -10.02 -7.09 2.49
CA THR A 79 -10.65 -8.11 1.61
C THR A 79 -12.16 -8.16 1.90
N ALA A 80 -12.91 -8.87 1.10
CA ALA A 80 -14.38 -8.96 1.33
C ALA A 80 -14.65 -9.26 2.81
N GLY A 81 -13.76 -9.96 3.46
CA GLY A 81 -13.98 -10.28 4.89
C GLY A 81 -13.38 -9.17 5.76
N GLU A 82 -13.09 -8.04 5.18
CA GLU A 82 -12.52 -6.92 5.98
C GLU A 82 -12.98 -5.57 5.41
N THR A 83 -12.90 -4.53 6.21
CA THR A 83 -13.33 -3.19 5.73
C THR A 83 -12.68 -2.09 6.57
N TRP A 84 -12.24 -1.03 5.94
CA TRP A 84 -11.59 0.07 6.73
C TRP A 84 -12.48 1.31 6.72
N HIS A 85 -12.66 1.93 7.86
CA HIS A 85 -13.51 3.15 7.92
C HIS A 85 -12.74 4.36 7.39
N GLY A 86 -11.62 4.68 7.99
CA GLY A 86 -10.83 5.84 7.52
C GLY A 86 -10.26 6.61 8.71
N TYR A 87 -9.28 7.44 8.48
CA TYR A 87 -8.68 8.21 9.61
C TYR A 87 -9.54 9.44 9.92
N VAL A 88 -10.51 9.29 10.78
CA VAL A 88 -11.39 10.44 11.13
C VAL A 88 -10.90 11.14 12.39
N SER A 89 -11.68 12.04 12.93
CA SER A 89 -11.26 12.76 14.17
C SER A 89 -9.84 13.33 13.98
N ASP A 90 -9.63 14.10 12.94
CA ASP A 90 -8.28 14.68 12.71
C ASP A 90 -8.07 15.89 13.63
N MET A 4 12.40 0.26 -18.88
CA MET A 4 13.23 -0.53 -17.94
C MET A 4 14.26 0.39 -17.25
N CYS A 5 14.53 1.52 -17.83
CA CYS A 5 15.52 2.46 -17.22
C CYS A 5 15.15 2.75 -15.76
N ALA A 6 16.13 2.94 -14.91
CA ALA A 6 15.83 3.23 -13.48
C ALA A 6 16.43 4.57 -13.08
N VAL A 7 15.89 5.65 -13.58
CA VAL A 7 16.43 7.00 -13.22
C VAL A 7 15.66 7.57 -12.03
N LEU A 8 16.31 7.71 -10.91
CA LEU A 8 15.61 8.26 -9.72
C LEU A 8 16.63 8.72 -8.67
N ARG A 9 16.62 9.99 -8.33
CA ARG A 9 17.60 10.49 -7.32
C ARG A 9 16.96 10.49 -5.92
N GLN A 10 16.24 9.46 -5.61
CA GLN A 10 15.59 9.37 -4.27
C GLN A 10 14.67 8.16 -4.20
N PRO A 11 14.95 7.29 -3.27
CA PRO A 11 14.13 6.05 -3.10
C PRO A 11 12.77 6.39 -2.50
N LYS A 12 11.73 5.77 -2.98
CA LYS A 12 10.37 6.05 -2.43
C LYS A 12 10.05 5.07 -1.30
N CYS A 13 9.46 5.53 -0.23
CA CYS A 13 9.13 4.62 0.90
C CYS A 13 7.62 4.50 1.07
N VAL A 14 7.14 3.38 1.53
CA VAL A 14 5.67 3.19 1.73
C VAL A 14 5.41 2.36 2.97
N LYS A 15 4.33 2.62 3.66
CA LYS A 15 4.03 1.83 4.88
C LYS A 15 2.89 0.84 4.59
N LEU A 16 3.22 -0.35 4.20
CA LEU A 16 2.17 -1.35 3.89
C LEU A 16 1.50 -1.87 5.18
N ARG A 17 0.37 -1.32 5.52
CA ARG A 17 -0.33 -1.77 6.75
C ARG A 17 -1.38 -2.83 6.37
N ALA A 18 -1.76 -3.68 7.29
CA ALA A 18 -2.77 -4.72 6.94
C ALA A 18 -3.76 -4.92 8.08
N LEU A 19 -5.03 -4.72 7.83
CA LEU A 19 -6.05 -4.90 8.90
C LEU A 19 -6.11 -6.37 9.33
N HIS A 20 -5.65 -7.27 8.49
CA HIS A 20 -5.67 -8.71 8.86
C HIS A 20 -4.50 -9.03 9.79
N SER A 21 -3.71 -8.04 10.12
CA SER A 21 -2.55 -8.29 11.02
C SER A 21 -2.53 -7.24 12.15
N ALA A 22 -1.41 -7.09 12.80
CA ALA A 22 -1.33 -6.08 13.90
C ALA A 22 -0.20 -5.08 13.62
N CYS A 23 0.11 -4.85 12.36
CA CYS A 23 1.20 -3.89 12.04
C CYS A 23 1.24 -3.61 10.54
N LYS A 24 2.34 -3.10 10.06
CA LYS A 24 2.46 -2.80 8.60
C LYS A 24 3.86 -3.19 8.11
N PHE A 25 4.21 -2.80 6.92
CA PHE A 25 5.56 -3.16 6.39
C PHE A 25 6.20 -1.94 5.71
N GLY A 26 6.86 -1.11 6.47
CA GLY A 26 7.52 0.09 5.86
C GLY A 26 8.62 -0.37 4.92
N VAL A 27 8.32 -0.50 3.66
CA VAL A 27 9.36 -0.95 2.68
C VAL A 27 9.76 0.19 1.75
N ALA A 28 11.02 0.31 1.44
CA ALA A 28 11.47 1.41 0.54
C ALA A 28 11.90 0.84 -0.82
N ALA A 29 11.99 1.67 -1.82
CA ALA A 29 12.39 1.18 -3.17
C ALA A 29 12.39 2.33 -4.18
N ARG A 30 13.40 2.44 -4.98
CA ARG A 30 13.44 3.53 -5.99
C ARG A 30 12.22 3.47 -6.90
N SER A 31 12.03 2.36 -7.58
CA SER A 31 10.86 2.23 -8.49
C SER A 31 9.61 1.88 -7.67
N CYS A 32 8.80 2.86 -7.37
CA CYS A 32 7.57 2.59 -6.57
C CYS A 32 6.90 1.30 -7.04
N GLN A 33 7.07 0.96 -8.30
CA GLN A 33 6.44 -0.29 -8.81
C GLN A 33 6.93 -1.49 -7.99
N GLU A 34 8.11 -1.41 -7.46
CA GLU A 34 8.65 -2.53 -6.64
C GLU A 34 7.94 -2.57 -5.29
N LEU A 35 7.72 -1.42 -4.70
CA LEU A 35 7.03 -1.38 -3.38
C LEU A 35 5.64 -2.03 -3.51
N LEU A 36 4.94 -1.74 -4.57
CA LEU A 36 3.59 -2.34 -4.74
C LEU A 36 3.72 -3.86 -4.93
N ARG A 37 4.31 -4.28 -6.02
CA ARG A 37 4.46 -5.74 -6.26
C ARG A 37 4.92 -6.43 -4.97
N LYS A 38 6.12 -6.19 -4.55
CA LYS A 38 6.61 -6.81 -3.29
C LYS A 38 5.57 -6.63 -2.19
N GLY A 39 4.75 -5.63 -2.31
CA GLY A 39 3.69 -5.40 -1.28
C GLY A 39 2.65 -6.51 -1.35
N CYS A 40 2.13 -6.77 -2.51
CA CYS A 40 1.11 -7.86 -2.64
C CYS A 40 1.76 -9.22 -2.37
N VAL A 41 3.07 -9.27 -2.37
CA VAL A 41 3.78 -10.55 -2.11
C VAL A 41 3.92 -10.78 -0.60
N ARG A 42 4.53 -9.87 0.10
CA ARG A 42 4.70 -10.04 1.56
C ARG A 42 3.33 -10.06 2.25
N PHE A 43 2.34 -9.47 1.63
CA PHE A 43 0.98 -9.44 2.24
C PHE A 43 0.08 -10.47 1.56
N GLN A 44 0.51 -10.99 0.43
CA GLN A 44 -0.29 -12.01 -0.28
C GLN A 44 -1.70 -11.49 -0.59
N LEU A 45 -1.89 -10.84 -1.71
CA LEU A 45 -3.24 -10.33 -2.08
C LEU A 45 -3.64 -10.84 -3.46
N PRO A 46 -4.33 -11.95 -3.46
CA PRO A 46 -4.78 -12.56 -4.73
C PRO A 46 -5.92 -11.73 -5.34
N MET A 47 -6.68 -12.30 -6.25
CA MET A 47 -7.79 -11.54 -6.86
C MET A 47 -9.15 -12.21 -6.61
N PRO A 48 -9.35 -12.66 -5.40
CA PRO A 48 -10.63 -13.32 -5.05
C PRO A 48 -11.72 -12.27 -4.87
N GLY A 49 -11.37 -11.01 -4.99
CA GLY A 49 -12.38 -9.93 -4.81
C GLY A 49 -11.93 -9.01 -3.67
N SER A 50 -10.78 -9.28 -3.11
CA SER A 50 -10.28 -8.41 -1.99
C SER A 50 -10.09 -6.97 -2.46
N ARG A 51 -9.33 -6.19 -1.75
CA ARG A 51 -9.11 -4.78 -2.15
C ARG A 51 -8.27 -4.05 -1.11
N LEU A 52 -7.63 -2.98 -1.49
CA LEU A 52 -6.80 -2.23 -0.52
C LEU A 52 -7.40 -0.83 -0.29
N CYS A 53 -6.92 -0.13 0.70
CA CYS A 53 -7.48 1.23 0.98
C CYS A 53 -6.42 2.10 1.67
N LEU A 54 -6.43 3.38 1.41
CA LEU A 54 -5.44 4.28 2.07
C LEU A 54 -5.75 4.41 3.56
N TYR A 55 -4.79 4.16 4.40
CA TYR A 55 -5.04 4.26 5.86
C TYR A 55 -5.13 5.73 6.29
N GLU A 56 -5.00 6.65 5.37
CA GLU A 56 -5.07 8.09 5.74
C GLU A 56 -6.52 8.47 6.09
N ASP A 57 -7.42 8.32 5.17
CA ASP A 57 -8.85 8.67 5.46
C ASP A 57 -9.77 7.52 5.04
N GLY A 58 -9.25 6.32 4.97
CA GLY A 58 -10.09 5.16 4.58
C GLY A 58 -10.42 5.24 3.08
N THR A 59 -9.45 5.53 2.26
CA THR A 59 -9.73 5.60 0.80
C THR A 59 -9.62 4.21 0.18
N GLU A 60 -10.06 4.04 -1.04
CA GLU A 60 -9.98 2.69 -1.66
C GLU A 60 -8.99 2.66 -2.83
N VAL A 61 -8.12 1.70 -2.85
CA VAL A 61 -7.12 1.60 -3.96
C VAL A 61 -6.64 0.15 -4.08
N THR A 62 -5.86 -0.15 -5.09
CA THR A 62 -5.37 -1.55 -5.25
C THR A 62 -3.86 -1.56 -5.51
N ASP A 63 -3.22 -2.67 -5.28
CA ASP A 63 -1.75 -2.75 -5.51
C ASP A 63 -1.42 -2.51 -6.99
N ASP A 64 -2.43 -2.48 -7.84
CA ASP A 64 -2.18 -2.25 -9.28
C ASP A 64 -2.57 -0.81 -9.67
N CYS A 65 -3.18 -0.09 -8.77
CA CYS A 65 -3.58 1.31 -9.09
C CYS A 65 -2.54 2.30 -8.56
N PHE A 66 -2.06 2.09 -7.37
CA PHE A 66 -1.05 3.02 -6.78
C PHE A 66 -0.03 3.44 -7.84
N PRO A 67 -0.21 4.61 -8.36
CA PRO A 67 0.72 5.14 -9.40
C PRO A 67 2.03 5.60 -8.75
N GLY A 68 2.09 6.83 -8.30
CA GLY A 68 3.34 7.32 -7.67
C GLY A 68 3.02 7.87 -6.28
N LEU A 69 2.77 7.01 -5.33
CA LEU A 69 2.46 7.49 -3.95
C LEU A 69 3.61 8.33 -3.40
N PRO A 70 3.30 9.11 -2.40
CA PRO A 70 4.31 9.98 -1.76
C PRO A 70 5.22 9.13 -0.88
N ASN A 71 5.92 9.76 0.03
CA ASN A 71 6.82 8.97 0.93
C ASN A 71 5.99 8.25 2.01
N ASP A 72 6.46 7.14 2.47
CA ASP A 72 5.70 6.39 3.50
C ASP A 72 4.23 6.28 3.10
N ALA A 73 3.98 6.10 1.84
CA ALA A 73 2.57 5.98 1.36
C ALA A 73 1.78 5.05 2.30
N GLU A 74 1.07 5.62 3.24
CA GLU A 74 0.29 4.77 4.19
C GLU A 74 -0.78 3.96 3.46
N LEU A 75 -0.51 2.72 3.18
CA LEU A 75 -1.50 1.87 2.47
C LEU A 75 -2.04 0.79 3.41
N LEU A 76 -3.16 0.20 3.08
CA LEU A 76 -3.72 -0.87 3.96
C LEU A 76 -4.27 -2.02 3.11
N LEU A 77 -3.94 -3.23 3.46
CA LEU A 77 -4.45 -4.40 2.68
C LEU A 77 -5.83 -4.82 3.21
N LEU A 78 -6.71 -5.24 2.35
CA LEU A 78 -8.07 -5.66 2.81
C LEU A 78 -8.63 -6.70 1.85
N THR A 79 -9.58 -7.48 2.30
CA THR A 79 -10.17 -8.51 1.39
C THR A 79 -11.68 -8.59 1.61
N ALA A 80 -12.37 -9.28 0.74
CA ALA A 80 -13.86 -9.39 0.89
C ALA A 80 -14.21 -9.77 2.33
N GLY A 81 -13.29 -10.36 3.05
CA GLY A 81 -13.60 -10.74 4.46
C GLY A 81 -13.13 -9.63 5.40
N GLU A 82 -12.99 -8.43 4.90
CA GLU A 82 -12.54 -7.32 5.78
C GLU A 82 -12.90 -5.96 5.15
N THR A 83 -13.31 -5.02 5.96
CA THR A 83 -13.67 -3.68 5.43
C THR A 83 -13.06 -2.59 6.31
N TRP A 84 -12.69 -1.48 5.74
CA TRP A 84 -12.09 -0.38 6.56
C TRP A 84 -12.99 0.86 6.52
N HIS A 85 -13.29 1.42 7.66
CA HIS A 85 -14.16 2.62 7.69
C HIS A 85 -13.35 3.87 7.33
N GLY A 86 -12.54 4.35 8.24
CA GLY A 86 -11.73 5.57 7.94
C GLY A 86 -10.84 5.90 9.14
N TYR A 87 -9.87 6.75 8.95
CA TYR A 87 -8.97 7.12 10.08
C TYR A 87 -9.09 8.61 10.39
N VAL A 88 -9.02 8.98 11.64
CA VAL A 88 -9.13 10.42 12.00
C VAL A 88 -7.78 11.12 11.80
N SER A 89 -7.77 12.42 11.81
CA SER A 89 -6.49 13.16 11.62
C SER A 89 -5.92 13.61 12.98
N ASP A 90 -5.58 12.67 13.82
CA ASP A 90 -5.03 13.03 15.15
C ASP A 90 -3.66 13.70 15.00
N MET A 4 20.90 6.25 -20.23
CA MET A 4 19.83 6.08 -21.25
C MET A 4 18.45 6.09 -20.58
N CYS A 5 18.40 5.86 -19.30
CA CYS A 5 17.09 5.86 -18.60
C CYS A 5 17.26 5.36 -17.17
N ALA A 6 16.21 5.38 -16.39
CA ALA A 6 16.31 4.89 -14.98
C ALA A 6 17.20 5.83 -14.16
N VAL A 7 16.65 6.91 -13.67
CA VAL A 7 17.47 7.86 -12.86
C VAL A 7 16.67 8.33 -11.65
N LEU A 8 16.61 7.52 -10.63
CA LEU A 8 15.85 7.92 -9.41
C LEU A 8 16.81 8.21 -8.25
N ARG A 9 17.19 9.44 -8.07
CA ARG A 9 18.12 9.78 -6.95
C ARG A 9 17.33 9.99 -5.66
N GLN A 10 16.40 9.12 -5.38
CA GLN A 10 15.59 9.25 -4.14
C GLN A 10 14.57 8.10 -4.06
N PRO A 11 14.85 7.17 -3.21
CA PRO A 11 13.95 6.00 -3.03
C PRO A 11 12.65 6.40 -2.33
N LYS A 12 11.53 5.99 -2.86
CA LYS A 12 10.23 6.33 -2.22
C LYS A 12 9.93 5.36 -1.08
N CYS A 13 9.26 5.83 -0.06
CA CYS A 13 8.94 4.92 1.08
C CYS A 13 7.43 4.74 1.22
N VAL A 14 7.00 3.57 1.62
CA VAL A 14 5.54 3.33 1.77
C VAL A 14 5.27 2.49 3.03
N LYS A 15 4.19 2.75 3.72
CA LYS A 15 3.88 1.97 4.94
C LYS A 15 2.87 0.87 4.62
N LEU A 16 3.33 -0.31 4.28
CA LEU A 16 2.40 -1.41 3.94
C LEU A 16 1.73 -1.95 5.21
N ARG A 17 0.64 -1.36 5.61
CA ARG A 17 -0.07 -1.85 6.84
C ARG A 17 -1.10 -2.91 6.45
N ALA A 18 -1.52 -3.72 7.38
CA ALA A 18 -2.53 -4.76 7.07
C ALA A 18 -3.38 -5.07 8.29
N LEU A 19 -4.68 -5.08 8.12
CA LEU A 19 -5.57 -5.37 9.28
C LEU A 19 -5.73 -6.88 9.45
N HIS A 20 -5.34 -7.64 8.45
CA HIS A 20 -5.46 -9.12 8.56
C HIS A 20 -4.28 -9.69 9.36
N SER A 21 -3.35 -8.85 9.73
CA SER A 21 -2.19 -9.35 10.52
C SER A 21 -1.77 -8.32 11.56
N ALA A 22 -2.69 -7.49 11.97
CA ALA A 22 -2.39 -6.44 12.99
C ALA A 22 -0.93 -5.99 12.94
N CYS A 23 -0.45 -5.58 11.80
CA CYS A 23 0.98 -5.13 11.71
C CYS A 23 1.20 -4.34 10.42
N LYS A 24 2.36 -3.75 10.28
CA LYS A 24 2.67 -2.96 9.06
C LYS A 24 4.14 -3.10 8.69
N PHE A 25 4.51 -2.71 7.50
CA PHE A 25 5.95 -2.83 7.10
C PHE A 25 6.35 -1.64 6.22
N GLY A 26 6.99 -0.65 6.80
CA GLY A 26 7.42 0.52 5.99
C GLY A 26 8.52 0.09 5.02
N VAL A 27 8.17 -0.22 3.80
CA VAL A 27 9.18 -0.66 2.82
C VAL A 27 9.55 0.49 1.87
N ALA A 28 10.80 0.61 1.51
CA ALA A 28 11.22 1.71 0.61
C ALA A 28 11.87 1.15 -0.65
N ALA A 29 11.68 1.79 -1.77
CA ALA A 29 12.29 1.27 -3.04
C ALA A 29 12.29 2.37 -4.12
N ARG A 30 13.34 2.47 -4.88
CA ARG A 30 13.40 3.51 -5.94
C ARG A 30 12.15 3.43 -6.83
N SER A 31 11.92 2.32 -7.46
CA SER A 31 10.72 2.20 -8.33
C SER A 31 9.49 1.84 -7.49
N CYS A 32 8.70 2.81 -7.13
CA CYS A 32 7.48 2.53 -6.31
C CYS A 32 6.79 1.27 -6.82
N GLN A 33 6.91 0.98 -8.10
CA GLN A 33 6.25 -0.23 -8.65
C GLN A 33 6.77 -1.47 -7.92
N GLU A 34 7.94 -1.41 -7.35
CA GLU A 34 8.49 -2.57 -6.62
C GLU A 34 7.75 -2.77 -5.30
N LEU A 35 7.70 -1.75 -4.48
CA LEU A 35 7.00 -1.87 -3.19
C LEU A 35 5.55 -2.29 -3.41
N LEU A 36 4.94 -1.83 -4.47
CA LEU A 36 3.53 -2.19 -4.76
C LEU A 36 3.42 -3.69 -5.04
N ARG A 37 4.00 -4.15 -6.12
CA ARG A 37 3.94 -5.60 -6.44
C ARG A 37 4.53 -6.43 -5.30
N LYS A 38 5.81 -6.33 -5.10
CA LYS A 38 6.45 -7.10 -3.99
C LYS A 38 5.58 -7.03 -2.74
N GLY A 39 4.97 -5.90 -2.49
CA GLY A 39 4.12 -5.77 -1.28
C GLY A 39 2.95 -6.75 -1.37
N CYS A 40 2.27 -6.81 -2.49
CA CYS A 40 1.12 -7.75 -2.62
C CYS A 40 1.62 -9.19 -2.51
N VAL A 41 2.89 -9.42 -2.70
CA VAL A 41 3.42 -10.81 -2.60
C VAL A 41 3.57 -11.20 -1.13
N ARG A 42 4.06 -10.30 -0.31
CA ARG A 42 4.21 -10.61 1.13
C ARG A 42 2.87 -10.44 1.85
N PHE A 43 2.03 -9.57 1.34
CA PHE A 43 0.69 -9.36 1.99
C PHE A 43 -0.35 -10.27 1.34
N GLN A 44 0.00 -10.92 0.27
CA GLN A 44 -0.96 -11.83 -0.42
C GLN A 44 -2.29 -11.12 -0.66
N LEU A 45 -2.40 -10.36 -1.71
CA LEU A 45 -3.69 -9.65 -1.98
C LEU A 45 -4.10 -9.87 -3.44
N PRO A 46 -4.94 -10.85 -3.64
CA PRO A 46 -5.43 -11.18 -5.00
C PRO A 46 -6.44 -10.11 -5.47
N MET A 47 -6.44 -9.80 -6.73
CA MET A 47 -7.38 -8.77 -7.25
C MET A 47 -8.81 -9.09 -6.82
N PRO A 48 -9.20 -10.32 -7.04
CA PRO A 48 -10.58 -10.76 -6.69
C PRO A 48 -10.67 -11.05 -5.18
N GLY A 49 -11.86 -11.05 -4.65
CA GLY A 49 -12.02 -11.32 -3.20
C GLY A 49 -10.96 -10.57 -2.40
N SER A 50 -10.75 -9.31 -2.70
CA SER A 50 -9.72 -8.54 -1.95
C SER A 50 -9.80 -7.05 -2.33
N ARG A 51 -9.08 -6.21 -1.64
CA ARG A 51 -9.13 -4.76 -1.96
C ARG A 51 -8.18 -3.99 -1.03
N LEU A 52 -7.52 -2.98 -1.54
CA LEU A 52 -6.59 -2.20 -0.67
C LEU A 52 -7.13 -0.79 -0.46
N CYS A 53 -6.60 -0.09 0.50
CA CYS A 53 -7.11 1.30 0.77
C CYS A 53 -6.03 2.14 1.44
N LEU A 54 -6.03 3.43 1.19
CA LEU A 54 -5.02 4.31 1.83
C LEU A 54 -5.38 4.56 3.30
N TYR A 55 -4.68 3.93 4.20
CA TYR A 55 -4.98 4.12 5.64
C TYR A 55 -4.91 5.60 6.01
N GLU A 56 -4.21 6.38 5.24
CA GLU A 56 -4.10 7.84 5.55
C GLU A 56 -5.50 8.44 5.74
N ASP A 57 -6.38 8.24 4.80
CA ASP A 57 -7.75 8.80 4.93
C ASP A 57 -8.80 7.71 4.70
N GLY A 58 -8.36 6.51 4.45
CA GLY A 58 -9.33 5.40 4.22
C GLY A 58 -9.73 5.36 2.74
N THR A 59 -8.86 5.76 1.87
CA THR A 59 -9.19 5.74 0.42
C THR A 59 -9.19 4.30 -0.10
N GLU A 60 -9.70 4.06 -1.27
CA GLU A 60 -9.72 2.67 -1.81
C GLU A 60 -8.83 2.59 -3.05
N VAL A 61 -8.00 1.59 -3.13
CA VAL A 61 -7.11 1.45 -4.32
C VAL A 61 -6.68 -0.01 -4.50
N THR A 62 -6.00 -0.30 -5.58
CA THR A 62 -5.57 -1.70 -5.82
C THR A 62 -4.03 -1.78 -5.89
N ASP A 63 -3.48 -2.94 -5.69
CA ASP A 63 -1.99 -3.08 -5.73
C ASP A 63 -1.48 -2.92 -7.16
N ASP A 64 -2.35 -2.73 -8.11
CA ASP A 64 -1.90 -2.56 -9.52
C ASP A 64 -2.18 -1.15 -10.01
N CYS A 65 -3.12 -0.46 -9.40
CA CYS A 65 -3.43 0.93 -9.84
C CYS A 65 -2.41 1.91 -9.26
N PHE A 66 -1.99 1.68 -8.03
CA PHE A 66 -0.99 2.59 -7.40
C PHE A 66 0.06 3.04 -8.43
N PRO A 67 -0.13 4.22 -8.94
CA PRO A 67 0.81 4.78 -9.95
C PRO A 67 2.08 5.29 -9.27
N GLY A 68 1.95 5.90 -8.12
CA GLY A 68 3.15 6.42 -7.41
C GLY A 68 2.72 7.12 -6.12
N LEU A 69 2.18 6.38 -5.18
CA LEU A 69 1.74 7.01 -3.91
C LEU A 69 2.77 8.03 -3.43
N PRO A 70 2.34 8.89 -2.55
CA PRO A 70 3.23 9.94 -1.99
C PRO A 70 4.23 9.31 -1.02
N ASN A 71 5.00 10.13 -0.35
CA ASN A 71 6.00 9.58 0.62
C ASN A 71 5.29 8.75 1.69
N ASP A 72 5.96 7.80 2.25
CA ASP A 72 5.32 6.96 3.30
C ASP A 72 3.90 6.59 2.87
N ALA A 73 3.70 6.33 1.61
CA ALA A 73 2.35 5.97 1.13
C ALA A 73 1.69 4.99 2.10
N GLU A 74 0.88 5.50 3.00
CA GLU A 74 0.21 4.61 3.99
C GLU A 74 -0.84 3.73 3.31
N LEU A 75 -0.49 2.52 2.98
CA LEU A 75 -1.46 1.61 2.33
C LEU A 75 -1.91 0.54 3.33
N LEU A 76 -3.09 0.01 3.16
CA LEU A 76 -3.57 -1.04 4.12
C LEU A 76 -4.17 -2.22 3.36
N LEU A 77 -3.90 -3.42 3.81
CA LEU A 77 -4.46 -4.62 3.15
C LEU A 77 -5.92 -4.84 3.58
N LEU A 78 -6.80 -5.07 2.65
CA LEU A 78 -8.23 -5.29 3.03
C LEU A 78 -8.86 -6.30 2.08
N THR A 79 -9.94 -6.91 2.49
CA THR A 79 -10.60 -7.93 1.62
C THR A 79 -12.10 -7.95 1.89
N ALA A 80 -12.76 -9.01 1.52
CA ALA A 80 -14.23 -9.09 1.77
C ALA A 80 -14.52 -9.24 3.27
N GLY A 81 -13.70 -9.96 3.97
CA GLY A 81 -13.94 -10.14 5.43
C GLY A 81 -13.27 -8.99 6.19
N GLU A 82 -12.96 -7.92 5.52
CA GLU A 82 -12.31 -6.76 6.21
C GLU A 82 -12.78 -5.44 5.60
N THR A 83 -12.85 -4.40 6.39
CA THR A 83 -13.31 -3.08 5.86
C THR A 83 -12.65 -1.95 6.65
N TRP A 84 -12.23 -0.90 6.00
CA TRP A 84 -11.59 0.23 6.72
C TRP A 84 -12.43 1.50 6.57
N HIS A 85 -12.73 2.15 7.66
CA HIS A 85 -13.55 3.39 7.58
C HIS A 85 -12.68 4.56 7.10
N GLY A 86 -11.66 4.90 7.85
CA GLY A 86 -10.78 6.03 7.45
C GLY A 86 -10.23 6.72 8.70
N TYR A 87 -9.04 7.23 8.62
CA TYR A 87 -8.43 7.91 9.81
C TYR A 87 -9.39 9.00 10.33
N VAL A 88 -9.44 9.18 11.62
CA VAL A 88 -10.35 10.22 12.19
C VAL A 88 -9.68 11.60 12.14
N SER A 89 -10.44 12.62 11.87
CA SER A 89 -9.85 13.99 11.82
C SER A 89 -10.30 14.82 13.03
N ASP A 90 -10.10 14.30 14.21
CA ASP A 90 -10.51 15.04 15.43
C ASP A 90 -12.00 15.36 15.39
N MET A 4 9.84 8.22 -15.56
CA MET A 4 9.58 7.18 -16.60
C MET A 4 10.16 5.84 -16.16
N CYS A 5 11.42 5.81 -15.81
CA CYS A 5 12.04 4.53 -15.37
C CYS A 5 13.55 4.71 -15.21
N ALA A 6 14.15 3.98 -14.30
CA ALA A 6 15.62 4.12 -14.11
C ALA A 6 16.04 5.59 -14.14
N VAL A 7 15.37 6.43 -13.40
CA VAL A 7 15.73 7.87 -13.39
C VAL A 7 15.13 8.55 -12.15
N LEU A 8 15.73 8.34 -11.01
CA LEU A 8 15.19 8.98 -9.76
C LEU A 8 16.34 9.41 -8.85
N ARG A 9 16.08 10.33 -7.97
CA ARG A 9 17.16 10.79 -7.04
C ARG A 9 16.69 10.65 -5.59
N GLN A 10 16.05 9.55 -5.28
CA GLN A 10 15.55 9.33 -3.89
C GLN A 10 14.58 8.14 -3.88
N PRO A 11 14.87 7.18 -3.05
CA PRO A 11 14.01 5.97 -2.95
C PRO A 11 12.70 6.32 -2.23
N LYS A 12 11.59 6.03 -2.86
CA LYS A 12 10.27 6.34 -2.22
C LYS A 12 9.92 5.26 -1.19
N CYS A 13 9.42 5.66 -0.04
CA CYS A 13 9.06 4.66 0.99
C CYS A 13 7.54 4.54 1.12
N VAL A 14 7.06 3.45 1.63
CA VAL A 14 5.58 3.28 1.79
C VAL A 14 5.28 2.33 2.95
N LYS A 15 4.31 2.65 3.76
CA LYS A 15 3.97 1.77 4.92
C LYS A 15 2.83 0.82 4.54
N LEU A 16 3.12 -0.44 4.36
CA LEU A 16 2.04 -1.40 4.00
C LEU A 16 1.34 -1.90 5.27
N ARG A 17 0.39 -1.14 5.76
CA ARG A 17 -0.33 -1.56 6.99
C ARG A 17 -1.41 -2.59 6.65
N ALA A 18 -1.82 -3.39 7.60
CA ALA A 18 -2.87 -4.41 7.31
C ALA A 18 -3.83 -4.56 8.49
N LEU A 19 -5.10 -4.35 8.26
CA LEU A 19 -6.09 -4.48 9.36
C LEU A 19 -6.31 -5.97 9.70
N HIS A 20 -5.98 -6.85 8.79
CA HIS A 20 -6.18 -8.29 9.07
C HIS A 20 -5.02 -8.82 9.93
N SER A 21 -4.08 -7.96 10.25
CA SER A 21 -2.94 -8.40 11.10
C SER A 21 -2.78 -7.44 12.29
N ALA A 22 -1.62 -7.44 12.90
CA ALA A 22 -1.41 -6.52 14.06
C ALA A 22 -0.20 -5.61 13.81
N CYS A 23 -0.03 -5.14 12.60
CA CYS A 23 1.12 -4.25 12.30
C CYS A 23 1.13 -3.83 10.84
N LYS A 24 2.27 -3.41 10.34
CA LYS A 24 2.35 -2.98 8.92
C LYS A 24 3.68 -3.42 8.32
N PHE A 25 4.08 -2.83 7.22
CA PHE A 25 5.38 -3.22 6.59
C PHE A 25 6.04 -2.01 5.96
N GLY A 26 6.98 -1.40 6.63
CA GLY A 26 7.68 -0.22 6.07
C GLY A 26 8.61 -0.67 4.94
N VAL A 27 8.20 -0.51 3.71
CA VAL A 27 9.06 -0.94 2.57
C VAL A 27 9.47 0.27 1.74
N ALA A 28 10.63 0.23 1.13
CA ALA A 28 11.09 1.38 0.30
C ALA A 28 11.68 0.89 -1.02
N ALA A 29 11.73 1.73 -2.01
CA ALA A 29 12.29 1.31 -3.32
C ALA A 29 12.20 2.46 -4.33
N ARG A 30 13.27 2.75 -5.02
CA ARG A 30 13.25 3.85 -6.02
C ARG A 30 11.99 3.76 -6.88
N SER A 31 11.78 2.65 -7.52
CA SER A 31 10.56 2.50 -8.37
C SER A 31 9.36 2.11 -7.52
N CYS A 32 8.55 3.07 -7.16
CA CYS A 32 7.35 2.77 -6.31
C CYS A 32 6.69 1.46 -6.76
N GLN A 33 6.84 1.12 -8.02
CA GLN A 33 6.21 -0.15 -8.51
C GLN A 33 6.82 -1.36 -7.78
N GLU A 34 8.04 -1.24 -7.34
CA GLU A 34 8.68 -2.38 -6.61
C GLU A 34 7.97 -2.61 -5.28
N LEU A 35 7.70 -1.57 -4.55
CA LEU A 35 7.01 -1.73 -3.25
C LEU A 35 5.59 -2.25 -3.45
N LEU A 36 4.94 -1.82 -4.50
CA LEU A 36 3.55 -2.29 -4.76
C LEU A 36 3.56 -3.80 -5.05
N ARG A 37 4.25 -4.20 -6.09
CA ARG A 37 4.30 -5.66 -6.41
C ARG A 37 4.80 -6.44 -5.19
N LYS A 38 6.04 -6.28 -4.84
CA LYS A 38 6.58 -7.00 -3.66
C LYS A 38 5.59 -6.87 -2.50
N GLY A 39 4.86 -5.79 -2.46
CA GLY A 39 3.88 -5.60 -1.37
C GLY A 39 2.86 -6.73 -1.41
N CYS A 40 2.25 -6.96 -2.54
CA CYS A 40 1.25 -8.05 -2.63
C CYS A 40 1.94 -9.41 -2.46
N VAL A 41 3.24 -9.43 -2.60
CA VAL A 41 3.97 -10.72 -2.44
C VAL A 41 4.20 -11.01 -0.95
N ARG A 42 4.75 -10.07 -0.24
CA ARG A 42 5.00 -10.29 1.21
C ARG A 42 3.65 -10.38 1.96
N PHE A 43 2.71 -9.56 1.58
CA PHE A 43 1.39 -9.60 2.25
C PHE A 43 0.51 -10.69 1.63
N GLN A 44 0.85 -11.11 0.44
CA GLN A 44 0.07 -12.19 -0.23
C GLN A 44 -1.38 -11.74 -0.44
N LEU A 45 -1.62 -10.90 -1.43
CA LEU A 45 -3.02 -10.45 -1.68
C LEU A 45 -3.46 -10.82 -3.10
N PRO A 46 -4.16 -11.92 -3.19
CA PRO A 46 -4.65 -12.39 -4.50
C PRO A 46 -5.83 -11.53 -4.95
N MET A 47 -6.61 -11.99 -5.90
CA MET A 47 -7.76 -11.18 -6.38
C MET A 47 -9.09 -11.95 -6.24
N PRO A 48 -9.26 -12.58 -5.11
CA PRO A 48 -10.51 -13.34 -4.86
C PRO A 48 -11.65 -12.38 -4.54
N GLY A 49 -11.37 -11.10 -4.51
CA GLY A 49 -12.42 -10.10 -4.20
C GLY A 49 -11.91 -9.16 -3.11
N SER A 50 -10.70 -9.36 -2.65
CA SER A 50 -10.13 -8.48 -1.60
C SER A 50 -10.01 -7.04 -2.10
N ARG A 51 -9.22 -6.23 -1.45
CA ARG A 51 -9.08 -4.83 -1.92
C ARG A 51 -8.18 -4.04 -0.96
N LEU A 52 -7.54 -3.02 -1.44
CA LEU A 52 -6.65 -2.20 -0.55
C LEU A 52 -7.27 -0.82 -0.36
N CYS A 53 -6.80 -0.07 0.60
CA CYS A 53 -7.38 1.28 0.83
C CYS A 53 -6.37 2.18 1.55
N LEU A 54 -6.21 3.39 1.08
CA LEU A 54 -5.25 4.32 1.72
C LEU A 54 -5.69 4.63 3.16
N TYR A 55 -4.82 4.45 4.11
CA TYR A 55 -5.19 4.74 5.53
C TYR A 55 -5.16 6.25 5.77
N GLU A 56 -4.87 7.02 4.76
CA GLU A 56 -4.81 8.50 4.94
C GLU A 56 -6.21 9.06 5.20
N ASP A 57 -7.17 8.71 4.38
CA ASP A 57 -8.55 9.23 4.60
C ASP A 57 -9.60 8.23 4.08
N GLY A 58 -9.54 7.01 4.55
CA GLY A 58 -10.53 6.00 4.11
C GLY A 58 -10.58 5.94 2.59
N THR A 59 -9.46 6.02 1.92
CA THR A 59 -9.46 5.96 0.43
C THR A 59 -9.37 4.51 -0.02
N GLU A 60 -9.76 4.21 -1.22
CA GLU A 60 -9.70 2.80 -1.70
C GLU A 60 -8.75 2.68 -2.90
N VAL A 61 -7.93 1.67 -2.91
CA VAL A 61 -6.97 1.50 -4.04
C VAL A 61 -6.56 0.02 -4.14
N THR A 62 -5.79 -0.34 -5.14
CA THR A 62 -5.36 -1.76 -5.28
C THR A 62 -3.85 -1.86 -5.49
N ASP A 63 -3.28 -3.00 -5.25
CA ASP A 63 -1.81 -3.16 -5.43
C ASP A 63 -1.43 -2.94 -6.90
N ASP A 64 -2.31 -3.27 -7.81
CA ASP A 64 -1.99 -3.09 -9.25
C ASP A 64 -2.54 -1.75 -9.75
N CYS A 65 -2.76 -0.82 -8.86
CA CYS A 65 -3.29 0.51 -9.30
C CYS A 65 -2.45 1.63 -8.69
N PHE A 66 -1.98 1.45 -7.49
CA PHE A 66 -1.15 2.51 -6.83
C PHE A 66 -0.13 3.06 -7.83
N PRO A 67 -0.42 4.24 -8.32
CA PRO A 67 0.48 4.91 -9.29
C PRO A 67 1.75 5.41 -8.59
N GLY A 68 1.73 6.62 -8.11
CA GLY A 68 2.93 7.17 -7.41
C GLY A 68 2.52 7.72 -6.05
N LEU A 69 2.06 6.88 -5.17
CA LEU A 69 1.63 7.36 -3.82
C LEU A 69 2.66 8.35 -3.27
N PRO A 70 2.23 9.09 -2.28
CA PRO A 70 3.13 10.09 -1.65
C PRO A 70 4.18 9.38 -0.80
N ASN A 71 5.22 10.09 -0.43
CA ASN A 71 6.29 9.44 0.41
C ASN A 71 5.65 8.61 1.52
N ASP A 72 6.32 7.59 1.96
CA ASP A 72 5.75 6.73 3.04
C ASP A 72 4.29 6.43 2.74
N ALA A 73 3.98 6.22 1.49
CA ALA A 73 2.57 5.91 1.11
C ALA A 73 1.94 4.95 2.13
N GLU A 74 1.04 5.44 2.94
CA GLU A 74 0.40 4.57 3.96
C GLU A 74 -0.77 3.80 3.35
N LEU A 75 -0.54 2.57 2.96
CA LEU A 75 -1.63 1.76 2.35
C LEU A 75 -2.14 0.72 3.36
N LEU A 76 -3.33 0.23 3.18
CA LEU A 76 -3.86 -0.78 4.14
C LEU A 76 -4.40 -2.01 3.38
N LEU A 77 -3.76 -3.13 3.55
CA LEU A 77 -4.22 -4.37 2.85
C LEU A 77 -5.57 -4.81 3.42
N LEU A 78 -6.51 -5.13 2.58
CA LEU A 78 -7.84 -5.55 3.08
C LEU A 78 -8.42 -6.61 2.14
N THR A 79 -9.33 -7.41 2.62
CA THR A 79 -9.93 -8.45 1.74
C THR A 79 -11.46 -8.44 1.88
N ALA A 80 -12.12 -9.37 1.24
CA ALA A 80 -13.61 -9.40 1.33
C ALA A 80 -14.05 -9.70 2.76
N GLY A 81 -13.14 -10.11 3.60
CA GLY A 81 -13.52 -10.40 5.01
C GLY A 81 -13.05 -9.26 5.90
N GLU A 82 -12.92 -8.08 5.35
CA GLU A 82 -12.46 -6.93 6.18
C GLU A 82 -12.91 -5.60 5.57
N THR A 83 -12.89 -4.54 6.34
CA THR A 83 -13.31 -3.21 5.81
C THR A 83 -12.66 -2.11 6.65
N TRP A 84 -12.19 -1.06 6.03
CA TRP A 84 -11.55 0.04 6.80
C TRP A 84 -12.49 1.25 6.93
N HIS A 85 -12.56 1.83 8.09
CA HIS A 85 -13.47 3.01 8.29
C HIS A 85 -12.92 4.22 7.52
N GLY A 86 -11.95 4.89 8.06
CA GLY A 86 -11.38 6.09 7.37
C GLY A 86 -10.00 6.39 7.93
N TYR A 87 -9.93 7.15 9.00
CA TYR A 87 -8.60 7.49 9.59
C TYR A 87 -8.79 8.48 10.75
N VAL A 88 -9.07 7.98 11.92
CA VAL A 88 -9.25 8.89 13.09
C VAL A 88 -7.92 9.07 13.82
N SER A 89 -7.92 9.83 14.88
CA SER A 89 -6.65 10.05 15.65
C SER A 89 -6.46 8.94 16.68
N ASP A 90 -6.34 7.71 16.24
CA ASP A 90 -6.16 6.58 17.19
C ASP A 90 -4.68 6.19 17.27
N MET A 4 25.98 5.77 -18.50
CA MET A 4 24.71 5.07 -18.14
C MET A 4 23.55 6.07 -18.12
N CYS A 5 22.43 5.67 -17.57
CA CYS A 5 21.26 6.59 -17.52
C CYS A 5 20.07 5.92 -16.84
N ALA A 6 19.82 6.25 -15.60
CA ALA A 6 18.68 5.63 -14.88
C ALA A 6 18.61 6.14 -13.45
N VAL A 7 18.40 7.42 -13.27
CA VAL A 7 18.33 7.97 -11.89
C VAL A 7 16.87 8.27 -11.51
N LEU A 8 16.58 8.32 -10.25
CA LEU A 8 15.18 8.60 -9.81
C LEU A 8 15.16 9.67 -8.73
N ARG A 9 14.00 10.07 -8.30
CA ARG A 9 13.91 11.12 -7.24
C ARG A 9 14.04 10.46 -5.87
N GLN A 10 15.13 9.78 -5.63
CA GLN A 10 15.33 9.10 -4.31
C GLN A 10 14.38 7.91 -4.19
N PRO A 11 14.74 7.00 -3.33
CA PRO A 11 13.92 5.79 -3.10
C PRO A 11 12.64 6.15 -2.36
N LYS A 12 11.50 5.77 -2.89
CA LYS A 12 10.22 6.09 -2.20
C LYS A 12 9.96 5.11 -1.06
N CYS A 13 9.22 5.52 -0.07
CA CYS A 13 8.93 4.61 1.08
C CYS A 13 7.42 4.42 1.24
N VAL A 14 7.00 3.23 1.54
CA VAL A 14 5.53 2.98 1.71
C VAL A 14 5.28 2.15 2.96
N LYS A 15 4.29 2.50 3.73
CA LYS A 15 3.99 1.73 4.97
C LYS A 15 2.85 0.74 4.70
N LEU A 16 3.18 -0.46 4.31
CA LEU A 16 2.12 -1.47 4.02
C LEU A 16 1.47 -1.97 5.31
N ARG A 17 0.39 -1.36 5.70
CA ARG A 17 -0.30 -1.79 6.96
C ARG A 17 -1.33 -2.88 6.62
N ALA A 18 -1.71 -3.67 7.58
CA ALA A 18 -2.70 -4.75 7.29
C ALA A 18 -3.73 -4.86 8.42
N LEU A 19 -4.98 -4.99 8.09
CA LEU A 19 -6.02 -5.10 9.14
C LEU A 19 -6.01 -6.50 9.76
N HIS A 20 -5.52 -7.47 9.04
CA HIS A 20 -5.47 -8.86 9.58
C HIS A 20 -4.26 -9.02 10.50
N SER A 21 -3.57 -7.95 10.79
CA SER A 21 -2.38 -8.05 11.69
C SER A 21 -2.36 -6.88 12.68
N ALA A 22 -1.25 -6.64 13.32
CA ALA A 22 -1.18 -5.51 14.29
C ALA A 22 -0.04 -4.57 13.91
N CYS A 23 0.35 -4.54 12.65
CA CYS A 23 1.46 -3.65 12.24
C CYS A 23 1.44 -3.43 10.73
N LYS A 24 2.53 -2.95 10.18
CA LYS A 24 2.57 -2.71 8.71
C LYS A 24 3.95 -3.11 8.16
N PHE A 25 4.28 -2.64 6.99
CA PHE A 25 5.61 -2.99 6.40
C PHE A 25 6.24 -1.76 5.74
N GLY A 26 6.82 -0.88 6.51
CA GLY A 26 7.45 0.32 5.92
C GLY A 26 8.62 -0.09 5.02
N VAL A 27 8.34 -0.43 3.79
CA VAL A 27 9.43 -0.85 2.86
C VAL A 27 9.74 0.27 1.87
N ALA A 28 10.99 0.47 1.55
CA ALA A 28 11.36 1.55 0.60
C ALA A 28 12.01 0.96 -0.65
N ALA A 29 11.80 1.57 -1.79
CA ALA A 29 12.40 1.05 -3.05
C ALA A 29 12.43 2.14 -4.12
N ARG A 30 13.45 2.17 -4.93
CA ARG A 30 13.52 3.21 -5.99
C ARG A 30 12.29 3.12 -6.91
N SER A 31 12.12 2.00 -7.57
CA SER A 31 10.95 1.85 -8.47
C SER A 31 9.69 1.54 -7.65
N CYS A 32 8.90 2.54 -7.36
CA CYS A 32 7.67 2.31 -6.55
C CYS A 32 6.97 1.04 -7.04
N GLN A 33 7.07 0.74 -8.30
CA GLN A 33 6.42 -0.49 -8.83
C GLN A 33 6.86 -1.69 -7.98
N GLU A 34 8.06 -1.63 -7.46
CA GLU A 34 8.55 -2.74 -6.61
C GLU A 34 7.82 -2.72 -5.26
N LEU A 35 7.71 -1.56 -4.67
CA LEU A 35 7.01 -1.46 -3.37
C LEU A 35 5.59 -2.00 -3.50
N LEU A 36 4.91 -1.66 -4.55
CA LEU A 36 3.52 -2.18 -4.75
C LEU A 36 3.55 -3.69 -4.97
N ARG A 37 4.06 -4.12 -6.09
CA ARG A 37 4.12 -5.58 -6.35
C ARG A 37 4.66 -6.31 -5.11
N LYS A 38 5.93 -6.13 -4.83
CA LYS A 38 6.50 -6.79 -3.63
C LYS A 38 5.55 -6.59 -2.44
N GLY A 39 4.78 -5.53 -2.47
CA GLY A 39 3.84 -5.26 -1.35
C GLY A 39 2.73 -6.33 -1.37
N CYS A 40 2.18 -6.61 -2.52
CA CYS A 40 1.12 -7.65 -2.58
C CYS A 40 1.73 -9.04 -2.44
N VAL A 41 3.02 -9.15 -2.61
CA VAL A 41 3.69 -10.47 -2.48
C VAL A 41 4.01 -10.75 -1.01
N ARG A 42 4.59 -9.79 -0.32
CA ARG A 42 4.91 -10.00 1.11
C ARG A 42 3.61 -10.08 1.92
N PHE A 43 2.63 -9.31 1.55
CA PHE A 43 1.32 -9.34 2.28
C PHE A 43 0.39 -10.38 1.64
N GLN A 44 0.74 -10.83 0.46
CA GLN A 44 -0.11 -11.84 -0.23
C GLN A 44 -1.55 -11.33 -0.39
N LEU A 45 -1.81 -10.55 -1.41
CA LEU A 45 -3.19 -10.04 -1.61
C LEU A 45 -3.74 -10.55 -2.94
N PRO A 46 -4.75 -11.38 -2.86
CA PRO A 46 -5.38 -11.95 -4.07
C PRO A 46 -6.21 -10.89 -4.81
N MET A 47 -6.71 -11.22 -5.97
CA MET A 47 -7.52 -10.23 -6.74
C MET A 47 -9.01 -10.33 -6.40
N PRO A 48 -9.50 -11.55 -6.33
CA PRO A 48 -10.93 -11.77 -6.01
C PRO A 48 -11.16 -11.67 -4.50
N GLY A 49 -12.25 -11.07 -4.09
CA GLY A 49 -12.52 -10.95 -2.64
C GLY A 49 -11.32 -10.26 -1.98
N SER A 50 -10.72 -9.32 -2.67
CA SER A 50 -9.54 -8.62 -2.11
C SER A 50 -9.58 -7.14 -2.49
N ARG A 51 -8.79 -6.32 -1.84
CA ARG A 51 -8.79 -4.87 -2.18
C ARG A 51 -7.94 -4.10 -1.17
N LEU A 52 -7.36 -3.01 -1.58
CA LEU A 52 -6.52 -2.22 -0.64
C LEU A 52 -7.14 -0.84 -0.41
N CYS A 53 -6.66 -0.11 0.55
CA CYS A 53 -7.23 1.24 0.82
C CYS A 53 -6.22 2.12 1.55
N LEU A 54 -6.23 3.40 1.28
CA LEU A 54 -5.28 4.32 1.97
C LEU A 54 -5.68 4.47 3.44
N TYR A 55 -4.80 4.08 4.34
CA TYR A 55 -5.14 4.20 5.80
C TYR A 55 -5.00 5.65 6.25
N GLU A 56 -4.26 6.45 5.55
CA GLU A 56 -4.10 7.88 5.95
C GLU A 56 -5.44 8.47 6.37
N ASP A 57 -6.48 8.24 5.62
CA ASP A 57 -7.81 8.80 6.00
C ASP A 57 -8.90 7.74 5.77
N GLY A 58 -8.93 7.12 4.63
CA GLY A 58 -9.98 6.09 4.37
C GLY A 58 -10.28 6.04 2.87
N THR A 59 -9.27 5.95 2.06
CA THR A 59 -9.50 5.88 0.58
C THR A 59 -9.44 4.44 0.10
N GLU A 60 -9.91 4.16 -1.08
CA GLU A 60 -9.88 2.76 -1.59
C GLU A 60 -9.02 2.66 -2.85
N VAL A 61 -8.12 1.71 -2.89
CA VAL A 61 -7.25 1.55 -4.09
C VAL A 61 -6.77 0.10 -4.21
N THR A 62 -6.15 -0.25 -5.30
CA THR A 62 -5.68 -1.65 -5.47
C THR A 62 -4.15 -1.67 -5.65
N ASP A 63 -3.53 -2.79 -5.36
CA ASP A 63 -2.05 -2.88 -5.51
C ASP A 63 -1.65 -2.68 -6.97
N ASP A 64 -2.57 -2.80 -7.88
CA ASP A 64 -2.23 -2.60 -9.33
C ASP A 64 -2.66 -1.22 -9.81
N CYS A 65 -3.13 -0.39 -8.92
CA CYS A 65 -3.56 0.97 -9.34
C CYS A 65 -2.63 2.03 -8.75
N PHE A 66 -2.12 1.80 -7.57
CA PHE A 66 -1.20 2.79 -6.94
C PHE A 66 -0.15 3.27 -7.95
N PRO A 67 -0.36 4.47 -8.44
CA PRO A 67 0.57 5.05 -9.43
C PRO A 67 1.85 5.54 -8.73
N GLY A 68 1.85 6.74 -8.23
CA GLY A 68 3.06 7.26 -7.54
C GLY A 68 2.66 7.81 -6.17
N LEU A 69 2.19 6.96 -5.29
CA LEU A 69 1.78 7.43 -3.94
C LEU A 69 2.84 8.37 -3.36
N PRO A 70 2.43 9.14 -2.39
CA PRO A 70 3.35 10.10 -1.74
C PRO A 70 4.35 9.35 -0.85
N ASN A 71 5.25 10.05 -0.23
CA ASN A 71 6.26 9.36 0.63
C ASN A 71 5.56 8.53 1.70
N ASP A 72 6.18 7.48 2.16
CA ASP A 72 5.54 6.63 3.19
C ASP A 72 4.07 6.38 2.84
N ALA A 73 3.80 6.20 1.57
CA ALA A 73 2.38 5.95 1.15
C ALA A 73 1.70 5.01 2.15
N GLU A 74 0.83 5.53 2.98
CA GLU A 74 0.14 4.67 3.97
C GLU A 74 -0.92 3.79 3.28
N LEU A 75 -0.61 2.54 3.09
CA LEU A 75 -1.59 1.62 2.45
C LEU A 75 -2.07 0.57 3.45
N LEU A 76 -3.18 -0.04 3.21
CA LEU A 76 -3.68 -1.07 4.17
C LEU A 76 -4.29 -2.26 3.41
N LEU A 77 -3.93 -3.45 3.80
CA LEU A 77 -4.47 -4.65 3.11
C LEU A 77 -5.93 -4.84 3.50
N LEU A 78 -6.78 -5.13 2.55
CA LEU A 78 -8.22 -5.33 2.86
C LEU A 78 -8.83 -6.38 1.94
N THR A 79 -9.87 -7.04 2.36
CA THR A 79 -10.49 -8.08 1.50
C THR A 79 -12.01 -8.10 1.72
N ALA A 80 -12.71 -8.95 1.01
CA ALA A 80 -14.20 -9.00 1.16
C ALA A 80 -14.56 -9.22 2.63
N GLY A 81 -13.86 -10.08 3.30
CA GLY A 81 -14.18 -10.33 4.74
C GLY A 81 -13.55 -9.22 5.59
N GLU A 82 -13.02 -8.21 4.97
CA GLU A 82 -12.39 -7.11 5.74
C GLU A 82 -12.85 -5.75 5.20
N THR A 83 -12.72 -4.71 5.99
CA THR A 83 -13.14 -3.36 5.54
C THR A 83 -12.46 -2.29 6.40
N TRP A 84 -12.04 -1.21 5.81
CA TRP A 84 -11.37 -0.14 6.60
C TRP A 84 -12.26 1.12 6.65
N HIS A 85 -12.44 1.67 7.82
CA HIS A 85 -13.30 2.88 7.94
C HIS A 85 -12.47 4.13 7.63
N GLY A 86 -11.45 4.39 8.39
CA GLY A 86 -10.62 5.60 8.14
C GLY A 86 -10.02 6.12 9.45
N TYR A 87 -8.97 6.88 9.37
CA TYR A 87 -8.33 7.41 10.61
C TYR A 87 -9.01 8.72 11.02
N VAL A 88 -9.98 8.64 11.89
CA VAL A 88 -10.69 9.88 12.34
C VAL A 88 -10.07 10.41 13.64
N SER A 89 -10.34 11.64 13.97
CA SER A 89 -9.77 12.22 15.23
C SER A 89 -10.84 12.29 16.31
N ASP A 90 -11.41 11.18 16.68
CA ASP A 90 -12.46 11.18 17.73
C ASP A 90 -12.34 9.94 18.62
N MET A 4 20.13 17.74 -14.72
CA MET A 4 20.37 17.79 -13.25
C MET A 4 20.37 16.37 -12.65
N CYS A 5 20.86 16.22 -11.46
CA CYS A 5 20.89 14.86 -10.83
C CYS A 5 19.57 14.14 -11.09
N ALA A 6 19.64 12.89 -11.47
CA ALA A 6 18.39 12.12 -11.74
C ALA A 6 18.45 10.76 -11.02
N VAL A 7 18.72 10.77 -9.75
CA VAL A 7 18.79 9.48 -8.99
C VAL A 7 17.39 9.03 -8.58
N LEU A 8 16.48 8.95 -9.52
CA LEU A 8 15.09 8.52 -9.18
C LEU A 8 14.60 9.29 -7.94
N ARG A 9 14.88 10.55 -7.88
CA ARG A 9 14.43 11.37 -6.71
C ARG A 9 14.58 10.57 -5.41
N GLN A 10 15.74 10.02 -5.17
CA GLN A 10 15.95 9.23 -3.93
C GLN A 10 14.95 8.07 -3.89
N PRO A 11 15.23 7.11 -3.04
CA PRO A 11 14.35 5.93 -2.91
C PRO A 11 13.04 6.31 -2.20
N LYS A 12 11.93 5.89 -2.72
CA LYS A 12 10.62 6.23 -2.08
C LYS A 12 10.35 5.27 -0.91
N CYS A 13 9.24 5.43 -0.26
CA CYS A 13 8.91 4.52 0.88
C CYS A 13 7.40 4.38 1.04
N VAL A 14 6.95 3.25 1.50
CA VAL A 14 5.48 3.03 1.67
C VAL A 14 5.22 2.16 2.90
N LYS A 15 4.25 2.52 3.70
CA LYS A 15 3.94 1.71 4.91
C LYS A 15 2.81 0.73 4.62
N LEU A 16 3.14 -0.48 4.26
CA LEU A 16 2.09 -1.49 3.95
C LEU A 16 1.39 -1.94 5.23
N ARG A 17 0.34 -1.28 5.61
CA ARG A 17 -0.39 -1.68 6.85
C ARG A 17 -1.43 -2.75 6.50
N ALA A 18 -1.76 -3.62 7.42
CA ALA A 18 -2.75 -4.69 7.11
C ALA A 18 -3.76 -4.83 8.26
N LEU A 19 -5.02 -4.98 7.94
CA LEU A 19 -6.04 -5.13 9.01
C LEU A 19 -5.97 -6.54 9.60
N HIS A 20 -5.44 -7.48 8.87
CA HIS A 20 -5.34 -8.87 9.38
C HIS A 20 -4.07 -9.03 10.23
N SER A 21 -3.39 -7.95 10.49
CA SER A 21 -2.14 -8.03 11.31
C SER A 21 -2.17 -6.96 12.41
N ALA A 22 -1.04 -6.65 12.98
CA ALA A 22 -1.00 -5.62 14.05
C ALA A 22 0.01 -4.53 13.70
N CYS A 23 0.25 -4.30 12.43
CA CYS A 23 1.23 -3.24 12.04
C CYS A 23 1.32 -3.14 10.51
N LYS A 24 2.36 -2.54 10.01
CA LYS A 24 2.51 -2.40 8.54
C LYS A 24 3.94 -2.76 8.12
N PHE A 25 4.25 -2.62 6.86
CA PHE A 25 5.62 -2.96 6.39
C PHE A 25 6.29 -1.73 5.76
N GLY A 26 7.11 -1.05 6.49
CA GLY A 26 7.80 0.16 5.93
C GLY A 26 8.81 -0.28 4.88
N VAL A 27 8.39 -0.46 3.66
CA VAL A 27 9.35 -0.89 2.60
C VAL A 27 9.69 0.29 1.69
N ALA A 28 10.95 0.45 1.34
CA ALA A 28 11.33 1.58 0.45
C ALA A 28 12.01 1.07 -0.82
N ALA A 29 11.80 1.74 -1.92
CA ALA A 29 12.42 1.29 -3.20
C ALA A 29 12.39 2.43 -4.22
N ARG A 30 13.49 2.67 -4.89
CA ARG A 30 13.52 3.77 -5.89
C ARG A 30 12.34 3.64 -6.86
N SER A 31 11.89 2.44 -7.12
CA SER A 31 10.75 2.25 -8.04
C SER A 31 9.47 1.94 -7.26
N CYS A 32 8.69 2.95 -6.97
CA CYS A 32 7.42 2.71 -6.21
C CYS A 32 6.73 1.45 -6.72
N GLN A 33 6.87 1.17 -7.98
CA GLN A 33 6.22 -0.05 -8.55
C GLN A 33 6.81 -1.31 -7.91
N GLU A 34 8.05 -1.25 -7.51
CA GLU A 34 8.68 -2.44 -6.86
C GLU A 34 8.07 -2.68 -5.48
N LEU A 35 7.66 -1.63 -4.81
CA LEU A 35 7.05 -1.79 -3.46
C LEU A 35 5.61 -2.28 -3.59
N LEU A 36 4.93 -1.90 -4.65
CA LEU A 36 3.52 -2.35 -4.83
C LEU A 36 3.49 -3.87 -5.04
N ARG A 37 4.17 -4.34 -6.04
CA ARG A 37 4.18 -5.81 -6.30
C ARG A 37 4.73 -6.54 -5.08
N LYS A 38 5.91 -6.19 -4.66
CA LYS A 38 6.50 -6.85 -3.46
C LYS A 38 5.54 -6.74 -2.28
N GLY A 39 4.72 -5.72 -2.28
CA GLY A 39 3.75 -5.55 -1.16
C GLY A 39 2.70 -6.64 -1.23
N CYS A 40 2.09 -6.83 -2.37
CA CYS A 40 1.05 -7.89 -2.49
C CYS A 40 1.72 -9.27 -2.32
N VAL A 41 3.02 -9.32 -2.40
CA VAL A 41 3.73 -10.62 -2.24
C VAL A 41 4.02 -10.86 -0.76
N ARG A 42 4.51 -9.86 -0.07
CA ARG A 42 4.80 -10.03 1.39
C ARG A 42 3.48 -10.07 2.17
N PHE A 43 2.44 -9.48 1.62
CA PHE A 43 1.13 -9.48 2.32
C PHE A 43 0.21 -10.53 1.69
N GLN A 44 0.54 -10.99 0.51
CA GLN A 44 -0.29 -12.02 -0.16
C GLN A 44 -1.71 -11.48 -0.44
N LEU A 45 -1.90 -10.84 -1.57
CA LEU A 45 -3.25 -10.31 -1.89
C LEU A 45 -3.62 -10.66 -3.34
N PRO A 46 -4.38 -11.72 -3.47
CA PRO A 46 -4.81 -12.17 -4.80
C PRO A 46 -5.91 -11.27 -5.35
N MET A 47 -6.64 -11.70 -6.35
CA MET A 47 -7.71 -10.83 -6.92
C MET A 47 -9.08 -11.51 -6.83
N PRO A 48 -9.37 -12.10 -5.69
CA PRO A 48 -10.67 -12.77 -5.49
C PRO A 48 -11.75 -11.71 -5.24
N GLY A 49 -11.37 -10.48 -5.16
CA GLY A 49 -12.37 -9.39 -4.90
C GLY A 49 -11.88 -8.53 -3.73
N SER A 50 -10.75 -8.87 -3.16
CA SER A 50 -10.21 -8.06 -2.03
C SER A 50 -9.88 -6.65 -2.50
N ARG A 51 -9.06 -5.94 -1.77
CA ARG A 51 -8.70 -4.56 -2.19
C ARG A 51 -7.82 -3.88 -1.14
N LEU A 52 -7.02 -2.93 -1.56
CA LEU A 52 -6.13 -2.21 -0.60
C LEU A 52 -6.54 -0.75 -0.50
N CYS A 53 -6.96 -0.32 0.64
CA CYS A 53 -7.38 1.11 0.80
C CYS A 53 -6.22 1.97 1.32
N LEU A 54 -6.46 3.23 1.51
CA LEU A 54 -5.38 4.14 2.01
C LEU A 54 -5.67 4.55 3.46
N TYR A 55 -4.76 4.28 4.35
CA TYR A 55 -4.98 4.66 5.78
C TYR A 55 -4.95 6.18 5.93
N GLU A 56 -4.61 6.89 4.89
CA GLU A 56 -4.55 8.37 4.97
C GLU A 56 -5.93 8.93 5.34
N ASP A 57 -6.97 8.46 4.68
CA ASP A 57 -8.34 8.98 4.99
C ASP A 57 -9.40 7.95 4.61
N GLY A 58 -9.08 6.68 4.73
CA GLY A 58 -10.07 5.63 4.38
C GLY A 58 -10.29 5.61 2.87
N THR A 59 -9.27 5.90 2.11
CA THR A 59 -9.43 5.89 0.62
C THR A 59 -9.47 4.45 0.11
N GLU A 60 -9.88 4.25 -1.11
CA GLU A 60 -9.94 2.86 -1.65
C GLU A 60 -9.04 2.73 -2.87
N VAL A 61 -8.18 1.74 -2.87
CA VAL A 61 -7.26 1.55 -4.03
C VAL A 61 -6.92 0.06 -4.21
N THR A 62 -6.12 -0.27 -5.19
CA THR A 62 -5.76 -1.70 -5.40
C THR A 62 -4.24 -1.85 -5.56
N ASP A 63 -3.73 -3.03 -5.35
CA ASP A 63 -2.25 -3.25 -5.49
C ASP A 63 -1.85 -3.24 -6.96
N ASP A 64 -2.80 -3.05 -7.85
CA ASP A 64 -2.45 -3.04 -9.31
C ASP A 64 -2.72 -1.66 -9.91
N CYS A 65 -3.20 -0.73 -9.12
CA CYS A 65 -3.47 0.63 -9.65
C CYS A 65 -2.45 1.63 -9.11
N PHE A 66 -2.03 1.45 -7.87
CA PHE A 66 -1.03 2.38 -7.28
C PHE A 66 0.03 2.76 -8.31
N PRO A 67 -0.13 3.91 -8.89
CA PRO A 67 0.82 4.40 -9.91
C PRO A 67 2.10 4.94 -9.25
N GLY A 68 1.97 5.51 -8.08
CA GLY A 68 3.18 6.05 -7.40
C GLY A 68 2.75 6.85 -6.16
N LEU A 69 2.24 6.19 -5.16
CA LEU A 69 1.80 6.90 -3.93
C LEU A 69 2.92 7.82 -3.44
N PRO A 70 2.55 8.73 -2.58
CA PRO A 70 3.53 9.69 -2.02
C PRO A 70 4.49 8.97 -1.08
N ASN A 71 5.44 9.67 -0.52
CA ASN A 71 6.41 9.01 0.40
C ASN A 71 5.67 8.34 1.56
N ASP A 72 6.22 7.29 2.08
CA ASP A 72 5.55 6.58 3.22
C ASP A 72 4.08 6.33 2.89
N ALA A 73 3.79 6.06 1.65
CA ALA A 73 2.36 5.80 1.27
C ALA A 73 1.75 4.76 2.21
N GLU A 74 1.03 5.20 3.21
CA GLU A 74 0.42 4.23 4.17
C GLU A 74 -0.74 3.50 3.51
N LEU A 75 -0.50 2.31 3.01
CA LEU A 75 -1.60 1.53 2.37
C LEU A 75 -2.20 0.55 3.38
N LEU A 76 -3.34 0.01 3.10
CA LEU A 76 -3.96 -0.96 4.06
C LEU A 76 -4.49 -2.19 3.32
N LEU A 77 -3.97 -3.34 3.62
CA LEU A 77 -4.45 -4.58 2.94
C LEU A 77 -5.87 -4.90 3.40
N LEU A 78 -6.78 -5.08 2.48
CA LEU A 78 -8.19 -5.39 2.85
C LEU A 78 -8.75 -6.44 1.91
N THR A 79 -9.77 -7.14 2.31
CA THR A 79 -10.37 -8.18 1.42
C THR A 79 -11.89 -8.19 1.55
N ALA A 80 -12.56 -8.97 0.74
CA ALA A 80 -14.04 -9.02 0.82
C ALA A 80 -14.49 -9.26 2.26
N GLY A 81 -13.71 -9.99 3.02
CA GLY A 81 -14.09 -10.25 4.43
C GLY A 81 -13.51 -9.15 5.33
N GLU A 82 -13.23 -8.01 4.77
CA GLU A 82 -12.66 -6.90 5.58
C GLU A 82 -12.98 -5.55 4.95
N THR A 83 -13.13 -4.54 5.77
CA THR A 83 -13.43 -3.18 5.23
C THR A 83 -12.72 -2.12 6.07
N TRP A 84 -12.52 -0.94 5.52
CA TRP A 84 -11.83 0.12 6.31
C TRP A 84 -12.69 1.39 6.35
N HIS A 85 -13.01 1.86 7.53
CA HIS A 85 -13.85 3.09 7.64
C HIS A 85 -13.05 4.30 7.17
N GLY A 86 -12.23 4.86 8.01
CA GLY A 86 -11.42 6.05 7.61
C GLY A 86 -10.47 6.44 8.73
N TYR A 87 -9.60 7.38 8.48
CA TYR A 87 -8.64 7.81 9.53
C TYR A 87 -8.92 9.25 9.94
N VAL A 88 -10.04 9.49 10.58
CA VAL A 88 -10.38 10.87 11.01
C VAL A 88 -9.64 11.22 12.30
N SER A 89 -9.67 12.47 12.69
CA SER A 89 -8.97 12.87 13.95
C SER A 89 -9.65 14.09 14.57
N ASP A 90 -10.86 13.91 15.06
CA ASP A 90 -11.57 15.06 15.68
C ASP A 90 -11.40 16.32 14.83
N MET A 4 27.10 6.77 -16.62
CA MET A 4 26.87 5.74 -15.55
C MET A 4 25.37 5.61 -15.26
N CYS A 5 24.80 4.49 -15.60
CA CYS A 5 23.34 4.30 -15.34
C CYS A 5 22.99 4.76 -13.91
N ALA A 6 21.88 5.41 -13.75
CA ALA A 6 21.49 5.88 -12.38
C ALA A 6 20.23 6.77 -12.47
N VAL A 7 19.09 6.22 -12.15
CA VAL A 7 17.85 7.03 -12.21
C VAL A 7 17.21 7.15 -10.83
N LEU A 8 16.33 8.10 -10.65
CA LEU A 8 15.67 8.27 -9.33
C LEU A 8 16.70 8.65 -8.26
N ARG A 9 16.87 9.92 -8.02
CA ARG A 9 17.85 10.35 -6.98
C ARG A 9 17.20 10.32 -5.60
N GLN A 10 16.50 9.27 -5.29
CA GLN A 10 15.84 9.17 -3.96
C GLN A 10 14.90 7.95 -3.94
N PRO A 11 15.12 7.09 -2.97
CA PRO A 11 14.29 5.88 -2.84
C PRO A 11 12.92 6.22 -2.26
N LYS A 12 11.87 5.72 -2.86
CA LYS A 12 10.50 6.01 -2.34
C LYS A 12 10.18 5.10 -1.16
N CYS A 13 9.23 5.46 -0.35
CA CYS A 13 8.88 4.61 0.82
C CYS A 13 7.36 4.48 0.95
N VAL A 14 6.89 3.37 1.45
CA VAL A 14 5.42 3.18 1.60
C VAL A 14 5.11 2.34 2.84
N LYS A 15 4.14 2.76 3.62
CA LYS A 15 3.79 1.98 4.85
C LYS A 15 2.80 0.87 4.50
N LEU A 16 3.28 -0.29 4.14
CA LEU A 16 2.35 -1.40 3.80
C LEU A 16 1.65 -1.92 5.05
N ARG A 17 0.63 -1.22 5.50
CA ARG A 17 -0.10 -1.67 6.72
C ARG A 17 -1.15 -2.72 6.35
N ALA A 18 -1.57 -3.51 7.31
CA ALA A 18 -2.59 -4.56 7.01
C ALA A 18 -3.44 -4.84 8.25
N LEU A 19 -4.74 -4.68 8.14
CA LEU A 19 -5.62 -4.93 9.31
C LEU A 19 -5.80 -6.44 9.52
N HIS A 20 -5.33 -7.23 8.59
CA HIS A 20 -5.48 -8.71 8.73
C HIS A 20 -4.22 -9.31 9.36
N SER A 21 -3.34 -8.49 9.86
CA SER A 21 -2.09 -9.03 10.49
C SER A 21 -1.62 -8.11 11.61
N ALA A 22 -2.53 -7.44 12.24
CA ALA A 22 -2.18 -6.51 13.37
C ALA A 22 -0.76 -5.96 13.23
N CYS A 23 -0.41 -5.44 12.08
CA CYS A 23 0.97 -4.90 11.90
C CYS A 23 1.10 -4.21 10.53
N LYS A 24 2.28 -3.76 10.21
CA LYS A 24 2.49 -3.09 8.89
C LYS A 24 3.89 -3.41 8.35
N PHE A 25 4.30 -2.77 7.30
CA PHE A 25 5.65 -3.05 6.73
C PHE A 25 6.18 -1.82 5.98
N GLY A 26 6.78 -0.90 6.69
CA GLY A 26 7.32 0.31 6.00
C GLY A 26 8.44 -0.12 5.05
N VAL A 27 8.11 -0.32 3.80
CA VAL A 27 9.14 -0.75 2.82
C VAL A 27 9.58 0.42 1.94
N ALA A 28 10.80 0.38 1.46
CA ALA A 28 11.30 1.48 0.59
C ALA A 28 11.97 0.91 -0.66
N ALA A 29 11.97 1.63 -1.74
CA ALA A 29 12.60 1.12 -2.99
C ALA A 29 12.64 2.21 -4.05
N ARG A 30 13.74 2.36 -4.73
CA ARG A 30 13.84 3.41 -5.79
C ARG A 30 12.62 3.33 -6.71
N SER A 31 12.45 2.23 -7.39
CA SER A 31 11.28 2.09 -8.30
C SER A 31 10.01 1.79 -7.48
N CYS A 32 9.23 2.80 -7.18
CA CYS A 32 7.99 2.58 -6.40
C CYS A 32 7.27 1.31 -6.86
N GLN A 33 7.43 0.96 -8.10
CA GLN A 33 6.75 -0.28 -8.62
C GLN A 33 7.20 -1.50 -7.82
N GLU A 34 8.38 -1.45 -7.26
CA GLU A 34 8.89 -2.61 -6.47
C GLU A 34 8.09 -2.75 -5.17
N LEU A 35 8.00 -1.69 -4.41
CA LEU A 35 7.24 -1.76 -3.13
C LEU A 35 5.78 -2.14 -3.39
N LEU A 36 5.23 -1.69 -4.48
CA LEU A 36 3.81 -2.03 -4.80
C LEU A 36 3.67 -3.52 -5.09
N ARG A 37 4.30 -4.00 -6.14
CA ARG A 37 4.21 -5.45 -6.46
C ARG A 37 4.68 -6.27 -5.27
N LYS A 38 5.94 -6.15 -4.92
CA LYS A 38 6.47 -6.91 -3.76
C LYS A 38 5.54 -6.73 -2.56
N GLY A 39 4.87 -5.61 -2.48
CA GLY A 39 3.93 -5.37 -1.35
C GLY A 39 2.81 -6.42 -1.37
N CYS A 40 2.21 -6.62 -2.51
CA CYS A 40 1.11 -7.62 -2.60
C CYS A 40 1.70 -9.04 -2.51
N VAL A 41 2.99 -9.16 -2.67
CA VAL A 41 3.61 -10.52 -2.59
C VAL A 41 3.80 -10.93 -1.12
N ARG A 42 4.35 -10.05 -0.32
CA ARG A 42 4.55 -10.38 1.11
C ARG A 42 3.21 -10.34 1.85
N PHE A 43 2.30 -9.53 1.39
CA PHE A 43 0.97 -9.44 2.05
C PHE A 43 -0.02 -10.38 1.38
N GLN A 44 0.34 -10.92 0.25
CA GLN A 44 -0.58 -11.85 -0.46
C GLN A 44 -1.96 -11.22 -0.61
N LEU A 45 -2.16 -10.40 -1.62
CA LEU A 45 -3.49 -9.74 -1.79
C LEU A 45 -4.01 -9.96 -3.21
N PRO A 46 -5.03 -10.78 -3.32
CA PRO A 46 -5.64 -11.06 -4.64
C PRO A 46 -6.53 -9.89 -5.07
N MET A 47 -6.95 -9.88 -6.30
CA MET A 47 -7.81 -8.75 -6.79
C MET A 47 -9.30 -9.05 -6.52
N PRO A 48 -9.69 -10.25 -6.83
CA PRO A 48 -11.11 -10.65 -6.63
C PRO A 48 -11.37 -11.01 -5.17
N GLY A 49 -12.37 -10.43 -4.57
CA GLY A 49 -12.67 -10.74 -3.14
C GLY A 49 -11.84 -9.84 -2.24
N SER A 50 -10.60 -9.61 -2.57
CA SER A 50 -9.74 -8.74 -1.71
C SER A 50 -9.94 -7.27 -2.08
N ARG A 51 -9.21 -6.39 -1.44
CA ARG A 51 -9.34 -4.94 -1.75
C ARG A 51 -8.38 -4.14 -0.88
N LEU A 52 -7.77 -3.13 -1.43
CA LEU A 52 -6.81 -2.31 -0.63
C LEU A 52 -7.41 -0.93 -0.36
N CYS A 53 -6.84 -0.20 0.56
CA CYS A 53 -7.39 1.16 0.88
C CYS A 53 -6.29 2.05 1.45
N LEU A 54 -6.47 3.34 1.35
CA LEU A 54 -5.44 4.28 1.89
C LEU A 54 -5.69 4.54 3.38
N TYR A 55 -4.70 4.29 4.20
CA TYR A 55 -4.88 4.53 5.66
C TYR A 55 -4.88 6.03 5.96
N GLU A 56 -4.45 6.83 5.03
CA GLU A 56 -4.43 8.30 5.26
C GLU A 56 -5.80 8.78 5.77
N ASP A 57 -6.84 8.53 5.04
CA ASP A 57 -8.19 8.99 5.50
C ASP A 57 -9.22 7.86 5.31
N GLY A 58 -8.78 6.71 4.89
CA GLY A 58 -9.74 5.59 4.70
C GLY A 58 -10.16 5.52 3.23
N THR A 59 -9.28 5.87 2.33
CA THR A 59 -9.64 5.82 0.88
C THR A 59 -9.59 4.37 0.38
N GLU A 60 -9.94 4.13 -0.85
CA GLU A 60 -9.90 2.73 -1.36
C GLU A 60 -9.04 2.63 -2.62
N VAL A 61 -8.25 1.61 -2.73
CA VAL A 61 -7.39 1.44 -3.94
C VAL A 61 -7.03 -0.03 -4.12
N THR A 62 -6.38 -0.37 -5.21
CA THR A 62 -6.00 -1.79 -5.43
C THR A 62 -4.48 -1.90 -5.60
N ASP A 63 -3.93 -3.07 -5.37
CA ASP A 63 -2.47 -3.25 -5.53
C ASP A 63 -2.05 -3.08 -6.99
N ASP A 64 -3.00 -2.97 -7.87
CA ASP A 64 -2.66 -2.80 -9.32
C ASP A 64 -2.97 -1.37 -9.78
N CYS A 65 -3.79 -0.67 -9.04
CA CYS A 65 -4.13 0.74 -9.43
C CYS A 65 -3.06 1.71 -8.94
N PHE A 66 -2.55 1.51 -7.76
CA PHE A 66 -1.50 2.42 -7.23
C PHE A 66 -0.49 2.77 -8.32
N PRO A 67 -0.64 3.94 -8.87
CA PRO A 67 0.25 4.41 -9.95
C PRO A 67 1.58 4.91 -9.36
N GLY A 68 1.66 6.18 -9.06
CA GLY A 68 2.92 6.74 -8.50
C GLY A 68 2.68 7.24 -7.08
N LEU A 69 2.39 6.35 -6.16
CA LEU A 69 2.14 6.77 -4.75
C LEU A 69 3.18 7.80 -4.31
N PRO A 70 2.77 8.66 -3.42
CA PRO A 70 3.68 9.70 -2.89
C PRO A 70 4.70 9.07 -1.95
N ASN A 71 5.33 9.87 -1.12
CA ASN A 71 6.33 9.30 -0.18
C ASN A 71 5.64 8.60 0.99
N ASP A 72 6.27 7.62 1.56
CA ASP A 72 5.65 6.88 2.70
C ASP A 72 4.17 6.65 2.42
N ALA A 73 3.83 6.37 1.20
CA ALA A 73 2.39 6.13 0.86
C ALA A 73 1.78 5.17 1.88
N GLU A 74 0.75 5.59 2.57
CA GLU A 74 0.12 4.70 3.58
C GLU A 74 -0.88 3.75 2.93
N LEU A 75 -0.54 2.49 2.82
CA LEU A 75 -1.47 1.51 2.20
C LEU A 75 -1.99 0.54 3.27
N LEU A 76 -3.14 -0.03 3.06
CA LEU A 76 -3.69 -0.97 4.07
C LEU A 76 -4.33 -2.19 3.39
N LEU A 77 -3.94 -3.38 3.79
CA LEU A 77 -4.51 -4.61 3.18
C LEU A 77 -5.94 -4.83 3.67
N LEU A 78 -6.85 -5.14 2.79
CA LEU A 78 -8.26 -5.37 3.22
C LEU A 78 -8.94 -6.37 2.27
N THR A 79 -9.99 -7.01 2.70
CA THR A 79 -10.69 -7.98 1.80
C THR A 79 -12.18 -7.99 2.10
N ALA A 80 -12.96 -8.63 1.28
CA ALA A 80 -14.43 -8.66 1.52
C ALA A 80 -14.72 -9.00 2.99
N GLY A 81 -13.90 -9.82 3.58
CA GLY A 81 -14.12 -10.20 5.00
C GLY A 81 -13.45 -9.16 5.91
N GLU A 82 -13.13 -8.01 5.39
CA GLU A 82 -12.47 -6.96 6.23
C GLU A 82 -12.85 -5.57 5.73
N THR A 83 -12.80 -4.60 6.60
CA THR A 83 -13.14 -3.20 6.18
C THR A 83 -12.27 -2.20 6.93
N TRP A 84 -12.35 -0.94 6.57
CA TRP A 84 -11.52 0.09 7.26
C TRP A 84 -12.33 1.38 7.43
N HIS A 85 -12.47 1.84 8.65
CA HIS A 85 -13.25 3.10 8.88
C HIS A 85 -12.47 4.30 8.35
N GLY A 86 -11.50 4.76 9.09
CA GLY A 86 -10.70 5.94 8.63
C GLY A 86 -9.65 6.27 9.69
N TYR A 87 -8.75 7.18 9.39
CA TYR A 87 -7.71 7.54 10.39
C TYR A 87 -8.11 8.82 11.13
N VAL A 88 -8.28 8.75 12.42
CA VAL A 88 -8.67 9.96 13.19
C VAL A 88 -7.43 10.80 13.51
N SER A 89 -7.61 12.07 13.74
CA SER A 89 -6.44 12.95 14.05
C SER A 89 -6.52 13.47 15.48
N ASP A 90 -6.15 12.68 16.45
CA ASP A 90 -6.21 13.14 17.86
C ASP A 90 -4.96 12.71 18.61
N MET A 4 20.78 9.24 -18.07
CA MET A 4 20.40 8.65 -19.38
C MET A 4 18.88 8.44 -19.44
N CYS A 5 18.31 7.82 -18.45
CA CYS A 5 16.84 7.59 -18.45
C CYS A 5 16.43 6.85 -17.18
N ALA A 6 15.16 6.86 -16.85
CA ALA A 6 14.69 6.16 -15.63
C ALA A 6 15.66 6.42 -14.47
N VAL A 7 16.01 7.66 -14.24
CA VAL A 7 16.96 7.98 -13.13
C VAL A 7 16.18 8.42 -11.89
N LEU A 8 16.60 7.99 -10.73
CA LEU A 8 15.89 8.39 -9.48
C LEU A 8 16.90 8.75 -8.39
N ARG A 9 16.87 9.96 -7.92
CA ARG A 9 17.84 10.37 -6.86
C ARG A 9 17.16 10.37 -5.49
N GLN A 10 16.40 9.35 -5.19
CA GLN A 10 15.70 9.28 -3.88
C GLN A 10 14.77 8.07 -3.83
N PRO A 11 15.08 7.16 -2.94
CA PRO A 11 14.27 5.93 -2.78
C PRO A 11 12.93 6.25 -2.12
N LYS A 12 11.84 5.88 -2.73
CA LYS A 12 10.50 6.16 -2.14
C LYS A 12 10.18 5.11 -1.08
N CYS A 13 9.26 5.41 -0.20
CA CYS A 13 8.89 4.42 0.87
C CYS A 13 7.38 4.26 0.94
N VAL A 14 6.92 3.12 1.37
CA VAL A 14 5.44 2.90 1.47
C VAL A 14 5.10 2.11 2.72
N LYS A 15 4.23 2.61 3.55
CA LYS A 15 3.87 1.87 4.79
C LYS A 15 2.71 0.90 4.50
N LEU A 16 3.03 -0.27 4.04
CA LEU A 16 1.95 -1.26 3.72
C LEU A 16 1.37 -1.86 5.00
N ARG A 17 0.48 -1.15 5.64
CA ARG A 17 -0.14 -1.67 6.90
C ARG A 17 -1.24 -2.68 6.54
N ALA A 18 -1.62 -3.53 7.46
CA ALA A 18 -2.68 -4.53 7.13
C ALA A 18 -3.71 -4.61 8.26
N LEU A 19 -4.96 -4.40 7.95
CA LEU A 19 -6.01 -4.47 9.01
C LEU A 19 -6.30 -5.92 9.37
N HIS A 20 -5.96 -6.83 8.51
CA HIS A 20 -6.20 -8.27 8.80
C HIS A 20 -5.12 -8.80 9.74
N SER A 21 -4.23 -7.95 10.16
CA SER A 21 -3.13 -8.39 11.07
C SER A 21 -2.88 -7.32 12.13
N ALA A 22 -1.88 -7.51 12.95
CA ALA A 22 -1.60 -6.48 14.00
C ALA A 22 -0.27 -5.77 13.70
N CYS A 23 0.05 -5.59 12.45
CA CYS A 23 1.33 -4.91 12.10
C CYS A 23 1.25 -4.29 10.70
N LYS A 24 2.37 -3.88 10.18
CA LYS A 24 2.38 -3.27 8.81
C LYS A 24 3.66 -3.68 8.07
N PHE A 25 3.98 -3.01 7.00
CA PHE A 25 5.20 -3.37 6.24
C PHE A 25 5.86 -2.11 5.67
N GLY A 26 6.54 -1.36 6.48
CA GLY A 26 7.22 -0.12 5.97
C GLY A 26 8.36 -0.52 5.04
N VAL A 27 8.11 -0.62 3.77
CA VAL A 27 9.17 -1.01 2.81
C VAL A 27 9.46 0.12 1.83
N ALA A 28 10.67 0.21 1.33
CA ALA A 28 11.01 1.29 0.37
C ALA A 28 11.65 0.71 -0.89
N ALA A 29 11.89 1.53 -1.88
CA ALA A 29 12.52 1.02 -3.14
C ALA A 29 12.56 2.13 -4.19
N ARG A 30 13.70 2.40 -4.74
CA ARG A 30 13.81 3.48 -5.77
C ARG A 30 12.63 3.39 -6.74
N SER A 31 12.45 2.25 -7.36
CA SER A 31 11.32 2.09 -8.32
C SER A 31 10.02 1.80 -7.57
N CYS A 32 9.22 2.80 -7.33
CA CYS A 32 7.94 2.57 -6.59
C CYS A 32 7.28 1.28 -7.08
N GLN A 33 7.47 0.94 -8.32
CA GLN A 33 6.86 -0.32 -8.84
C GLN A 33 7.24 -1.48 -7.94
N GLU A 34 8.44 -1.46 -7.40
CA GLU A 34 8.87 -2.56 -6.50
C GLU A 34 8.05 -2.53 -5.21
N LEU A 35 7.88 -1.38 -4.63
CA LEU A 35 7.08 -1.26 -3.39
C LEU A 35 5.69 -1.87 -3.61
N LEU A 36 5.09 -1.60 -4.73
CA LEU A 36 3.74 -2.16 -5.01
C LEU A 36 3.81 -3.69 -5.07
N ARG A 37 4.41 -4.22 -6.10
CA ARG A 37 4.51 -5.71 -6.20
C ARG A 37 4.93 -6.29 -4.86
N LYS A 38 6.07 -5.91 -4.37
CA LYS A 38 6.54 -6.43 -3.05
C LYS A 38 5.42 -6.28 -2.02
N GLY A 39 4.54 -5.33 -2.22
CA GLY A 39 3.42 -5.14 -1.26
C GLY A 39 2.44 -6.31 -1.39
N CYS A 40 1.90 -6.51 -2.56
CA CYS A 40 0.93 -7.64 -2.74
C CYS A 40 1.64 -8.98 -2.52
N VAL A 41 2.95 -8.98 -2.50
CA VAL A 41 3.68 -10.26 -2.30
C VAL A 41 3.82 -10.55 -0.80
N ARG A 42 4.67 -9.81 -0.12
CA ARG A 42 4.84 -10.04 1.34
C ARG A 42 3.48 -10.16 2.02
N PHE A 43 2.48 -9.51 1.48
CA PHE A 43 1.12 -9.61 2.09
C PHE A 43 0.30 -10.67 1.35
N GLN A 44 0.72 -11.02 0.17
CA GLN A 44 -0.02 -12.05 -0.62
C GLN A 44 -1.47 -11.63 -0.82
N LEU A 45 -1.74 -10.83 -1.83
CA LEU A 45 -3.13 -10.38 -2.09
C LEU A 45 -3.53 -10.75 -3.52
N PRO A 46 -4.29 -11.81 -3.63
CA PRO A 46 -4.75 -12.27 -4.97
C PRO A 46 -5.89 -11.38 -5.46
N MET A 47 -6.65 -11.85 -6.41
CA MET A 47 -7.78 -11.02 -6.94
C MET A 47 -9.13 -11.71 -6.72
N PRO A 48 -9.32 -12.26 -5.55
CA PRO A 48 -10.59 -12.94 -5.23
C PRO A 48 -11.68 -11.89 -4.95
N GLY A 49 -11.82 -11.48 -3.73
CA GLY A 49 -12.83 -10.46 -3.38
C GLY A 49 -12.23 -9.48 -2.37
N SER A 50 -10.95 -9.57 -2.15
CA SER A 50 -10.29 -8.65 -1.17
C SER A 50 -10.20 -7.24 -1.74
N ARG A 51 -9.32 -6.43 -1.22
CA ARG A 51 -9.18 -5.04 -1.74
C ARG A 51 -8.19 -4.24 -0.90
N LEU A 52 -7.64 -3.19 -1.44
CA LEU A 52 -6.67 -2.37 -0.66
C LEU A 52 -7.31 -1.01 -0.35
N CYS A 53 -6.74 -0.26 0.54
CA CYS A 53 -7.34 1.06 0.88
C CYS A 53 -6.31 1.98 1.54
N LEU A 54 -6.22 3.20 1.09
CA LEU A 54 -5.25 4.17 1.68
C LEU A 54 -5.56 4.40 3.16
N TYR A 55 -4.63 4.12 4.03
CA TYR A 55 -4.87 4.32 5.49
C TYR A 55 -4.92 5.82 5.79
N GLU A 56 -4.64 6.65 4.84
CA GLU A 56 -4.67 8.12 5.07
C GLU A 56 -6.02 8.54 5.66
N ASP A 57 -7.07 8.40 4.88
CA ASP A 57 -8.41 8.80 5.38
C ASP A 57 -9.43 7.68 5.10
N GLY A 58 -8.96 6.47 4.96
CA GLY A 58 -9.90 5.34 4.70
C GLY A 58 -10.21 5.28 3.19
N THR A 59 -9.30 5.72 2.37
CA THR A 59 -9.54 5.68 0.90
C THR A 59 -9.47 4.23 0.41
N GLU A 60 -9.94 3.97 -0.78
CA GLU A 60 -9.89 2.58 -1.30
C GLU A 60 -9.06 2.51 -2.58
N VAL A 61 -8.20 1.53 -2.69
CA VAL A 61 -7.35 1.42 -3.90
C VAL A 61 -6.94 -0.05 -4.12
N THR A 62 -6.27 -0.33 -5.21
CA THR A 62 -5.84 -1.73 -5.48
C THR A 62 -4.32 -1.79 -5.65
N ASP A 63 -3.75 -2.95 -5.63
CA ASP A 63 -2.27 -3.08 -5.79
C ASP A 63 -1.86 -2.65 -7.21
N ASP A 64 -2.81 -2.40 -8.07
CA ASP A 64 -2.47 -1.99 -9.46
C ASP A 64 -2.89 -0.53 -9.69
N CYS A 65 -3.81 -0.05 -8.91
CA CYS A 65 -4.25 1.37 -9.09
C CYS A 65 -3.32 2.31 -8.33
N PHE A 66 -2.19 1.83 -7.91
CA PHE A 66 -1.23 2.70 -7.17
C PHE A 66 -0.11 3.18 -8.11
N PRO A 67 -0.28 4.38 -8.61
CA PRO A 67 0.72 4.96 -9.54
C PRO A 67 2.01 5.32 -8.79
N GLY A 68 2.11 6.53 -8.31
CA GLY A 68 3.35 6.93 -7.57
C GLY A 68 2.95 7.57 -6.24
N LEU A 69 2.34 6.81 -5.37
CA LEU A 69 1.94 7.38 -4.05
C LEU A 69 3.04 8.26 -3.48
N PRO A 70 2.68 9.08 -2.55
CA PRO A 70 3.64 10.00 -1.91
C PRO A 70 4.58 9.22 -0.99
N ASN A 71 5.70 9.79 -0.62
CA ASN A 71 6.66 9.07 0.26
C ASN A 71 5.92 8.34 1.38
N ASP A 72 6.47 7.25 1.83
CA ASP A 72 5.80 6.48 2.92
C ASP A 72 4.30 6.37 2.63
N ALA A 73 3.95 6.20 1.39
CA ALA A 73 2.50 6.09 1.03
C ALA A 73 1.76 5.24 2.05
N GLU A 74 0.91 5.84 2.84
CA GLU A 74 0.17 5.06 3.87
C GLU A 74 -0.87 4.15 3.19
N LEU A 75 -0.55 2.89 3.04
CA LEU A 75 -1.52 1.96 2.40
C LEU A 75 -1.99 0.91 3.40
N LEU A 76 -3.12 0.30 3.16
CA LEU A 76 -3.62 -0.74 4.11
C LEU A 76 -4.23 -1.91 3.35
N LEU A 77 -3.67 -3.08 3.47
CA LEU A 77 -4.22 -4.26 2.76
C LEU A 77 -5.55 -4.67 3.39
N LEU A 78 -6.45 -5.22 2.62
CA LEU A 78 -7.77 -5.62 3.18
C LEU A 78 -8.35 -6.77 2.35
N THR A 79 -9.21 -7.56 2.94
CA THR A 79 -9.81 -8.68 2.17
C THR A 79 -11.32 -8.76 2.47
N ALA A 80 -12.03 -9.60 1.76
CA ALA A 80 -13.49 -9.72 1.99
C ALA A 80 -13.77 -9.97 3.48
N GLY A 81 -12.88 -10.64 4.16
CA GLY A 81 -13.10 -10.91 5.61
C GLY A 81 -12.57 -9.74 6.43
N GLU A 82 -12.36 -8.61 5.81
CA GLU A 82 -11.84 -7.42 6.56
C GLU A 82 -12.35 -6.12 5.95
N THR A 83 -12.52 -5.11 6.75
CA THR A 83 -13.01 -3.80 6.21
C THR A 83 -12.39 -2.65 7.01
N TRP A 84 -11.92 -1.64 6.33
CA TRP A 84 -11.29 -0.49 7.04
C TRP A 84 -12.25 0.70 7.08
N HIS A 85 -12.41 1.31 8.23
CA HIS A 85 -13.33 2.47 8.34
C HIS A 85 -12.64 3.74 7.85
N GLY A 86 -11.86 4.38 8.69
CA GLY A 86 -11.16 5.63 8.25
C GLY A 86 -10.14 6.02 9.32
N TYR A 87 -9.15 6.79 8.95
CA TYR A 87 -8.12 7.21 9.94
C TYR A 87 -8.69 8.31 10.86
N VAL A 88 -9.25 7.92 11.97
CA VAL A 88 -9.83 8.94 12.90
C VAL A 88 -8.74 9.44 13.87
N SER A 89 -8.80 10.69 14.23
CA SER A 89 -7.77 11.23 15.17
C SER A 89 -8.37 11.38 16.58
N ASP A 90 -7.99 10.52 17.48
CA ASP A 90 -8.55 10.61 18.86
C ASP A 90 -10.07 10.64 18.83
N MET A 4 23.95 3.02 -15.84
CA MET A 4 24.66 3.20 -14.54
C MET A 4 23.96 2.39 -13.45
N CYS A 5 22.74 2.71 -13.13
CA CYS A 5 22.00 1.95 -12.09
C CYS A 5 20.63 2.60 -11.83
N ALA A 6 19.91 2.90 -12.88
CA ALA A 6 18.56 3.52 -12.71
C ALA A 6 18.68 4.81 -11.90
N VAL A 7 19.40 5.78 -12.39
CA VAL A 7 19.55 7.06 -11.65
C VAL A 7 18.17 7.66 -11.36
N LEU A 8 17.69 7.50 -10.15
CA LEU A 8 16.35 8.07 -9.81
C LEU A 8 16.49 9.23 -8.82
N ARG A 9 15.42 9.63 -8.20
CA ARG A 9 15.50 10.75 -7.22
C ARG A 9 15.33 10.21 -5.80
N GLN A 10 16.29 9.46 -5.33
CA GLN A 10 16.19 8.89 -3.95
C GLN A 10 15.07 7.84 -3.91
N PRO A 11 15.27 6.87 -3.07
CA PRO A 11 14.28 5.78 -2.92
C PRO A 11 13.03 6.29 -2.19
N LYS A 12 11.86 5.98 -2.69
CA LYS A 12 10.62 6.43 -2.01
C LYS A 12 10.31 5.52 -0.82
N CYS A 13 9.18 5.67 -0.22
CA CYS A 13 8.84 4.80 0.94
C CYS A 13 7.33 4.58 1.02
N VAL A 14 6.92 3.44 1.54
CA VAL A 14 5.46 3.16 1.64
C VAL A 14 5.19 2.27 2.87
N LYS A 15 4.19 2.60 3.64
CA LYS A 15 3.88 1.78 4.84
C LYS A 15 2.77 0.78 4.54
N LEU A 16 3.12 -0.43 4.19
CA LEU A 16 2.07 -1.44 3.88
C LEU A 16 1.41 -1.92 5.17
N ARG A 17 0.37 -1.26 5.60
CA ARG A 17 -0.32 -1.68 6.85
C ARG A 17 -1.42 -2.69 6.54
N ALA A 18 -1.73 -3.56 7.46
CA ALA A 18 -2.79 -4.57 7.20
C ALA A 18 -3.70 -4.72 8.43
N LEU A 19 -4.99 -4.69 8.23
CA LEU A 19 -5.93 -4.84 9.37
C LEU A 19 -5.90 -6.28 9.89
N HIS A 20 -5.54 -7.21 9.05
CA HIS A 20 -5.49 -8.64 9.50
C HIS A 20 -4.13 -8.94 10.14
N SER A 21 -3.40 -7.92 10.50
CA SER A 21 -2.07 -8.15 11.14
C SER A 21 -1.90 -7.22 12.34
N ALA A 22 -0.69 -7.02 12.78
CA ALA A 22 -0.46 -6.13 13.95
C ALA A 22 0.54 -5.04 13.60
N CYS A 23 0.59 -4.63 12.36
CA CYS A 23 1.55 -3.56 11.97
C CYS A 23 1.53 -3.33 10.46
N LYS A 24 2.57 -2.77 9.93
CA LYS A 24 2.63 -2.52 8.46
C LYS A 24 4.03 -2.82 7.93
N PHE A 25 4.16 -2.96 6.64
CA PHE A 25 5.51 -3.25 6.06
C PHE A 25 6.12 -1.99 5.46
N GLY A 26 6.67 -1.14 6.28
CA GLY A 26 7.29 0.12 5.76
C GLY A 26 8.43 -0.25 4.82
N VAL A 27 8.14 -0.46 3.56
CA VAL A 27 9.22 -0.82 2.59
C VAL A 27 9.60 0.38 1.73
N ALA A 28 10.88 0.54 1.46
CA ALA A 28 11.34 1.68 0.63
C ALA A 28 12.04 1.17 -0.62
N ALA A 29 11.99 1.90 -1.69
CA ALA A 29 12.66 1.44 -2.94
C ALA A 29 12.60 2.53 -4.02
N ARG A 30 13.59 2.59 -4.87
CA ARG A 30 13.59 3.62 -5.94
C ARG A 30 12.40 3.42 -6.88
N SER A 31 12.19 2.22 -7.32
CA SER A 31 11.05 1.94 -8.23
C SER A 31 9.77 1.71 -7.42
N CYS A 32 9.04 2.74 -7.12
CA CYS A 32 7.79 2.57 -6.33
C CYS A 32 7.01 1.35 -6.83
N GLN A 33 7.11 1.05 -8.10
CA GLN A 33 6.39 -0.13 -8.65
C GLN A 33 6.88 -1.41 -7.96
N GLU A 34 8.14 -1.46 -7.65
CA GLU A 34 8.69 -2.67 -6.98
C GLU A 34 8.03 -2.86 -5.61
N LEU A 35 8.02 -1.83 -4.81
CA LEU A 35 7.38 -1.95 -3.47
C LEU A 35 5.95 -2.47 -3.63
N LEU A 36 5.26 -2.01 -4.63
CA LEU A 36 3.87 -2.46 -4.86
C LEU A 36 3.82 -3.99 -5.00
N ARG A 37 4.35 -4.51 -6.08
CA ARG A 37 4.35 -5.99 -6.26
C ARG A 37 4.86 -6.67 -5.00
N LYS A 38 6.07 -6.38 -4.62
CA LYS A 38 6.64 -7.01 -3.39
C LYS A 38 5.61 -6.92 -2.25
N GLY A 39 4.76 -5.93 -2.30
CA GLY A 39 3.73 -5.77 -1.23
C GLY A 39 2.70 -6.89 -1.37
N CYS A 40 2.10 -7.02 -2.51
CA CYS A 40 1.08 -8.10 -2.70
C CYS A 40 1.73 -9.47 -2.50
N VAL A 41 3.04 -9.52 -2.51
CA VAL A 41 3.73 -10.82 -2.32
C VAL A 41 3.95 -11.07 -0.82
N ARG A 42 4.60 -10.16 -0.15
CA ARG A 42 4.83 -10.33 1.30
C ARG A 42 3.50 -10.36 2.05
N PHE A 43 2.50 -9.68 1.53
CA PHE A 43 1.17 -9.68 2.18
C PHE A 43 0.28 -10.74 1.54
N GLN A 44 0.60 -11.11 0.33
CA GLN A 44 -0.21 -12.16 -0.38
C GLN A 44 -1.64 -11.66 -0.60
N LEU A 45 -1.87 -10.92 -1.65
CA LEU A 45 -3.25 -10.43 -1.92
C LEU A 45 -3.71 -10.85 -3.33
N PRO A 46 -4.45 -11.91 -3.37
CA PRO A 46 -4.96 -12.43 -4.66
C PRO A 46 -6.09 -11.52 -5.18
N MET A 47 -6.90 -12.01 -6.07
CA MET A 47 -8.01 -11.16 -6.60
C MET A 47 -9.38 -11.84 -6.40
N PRO A 48 -9.58 -12.40 -5.24
CA PRO A 48 -10.87 -13.07 -4.94
C PRO A 48 -11.95 -12.02 -4.63
N GLY A 49 -11.60 -10.77 -4.72
CA GLY A 49 -12.60 -9.69 -4.42
C GLY A 49 -12.06 -8.82 -3.29
N SER A 50 -10.80 -8.96 -2.95
CA SER A 50 -10.22 -8.13 -1.85
C SER A 50 -10.02 -6.69 -2.33
N ARG A 51 -9.19 -5.94 -1.63
CA ARG A 51 -8.95 -4.53 -2.04
C ARG A 51 -7.98 -3.86 -1.05
N LEU A 52 -7.22 -2.90 -1.51
CA LEU A 52 -6.26 -2.21 -0.60
C LEU A 52 -6.64 -0.74 -0.45
N CYS A 53 -7.03 -0.32 0.72
CA CYS A 53 -7.43 1.10 0.92
C CYS A 53 -6.24 1.96 1.37
N LEU A 54 -6.50 3.18 1.74
CA LEU A 54 -5.42 4.09 2.20
C LEU A 54 -5.70 4.57 3.62
N TYR A 55 -4.76 4.40 4.51
CA TYR A 55 -4.98 4.84 5.92
C TYR A 55 -5.08 6.36 6.02
N GLU A 56 -4.67 7.06 5.00
CA GLU A 56 -4.74 8.55 5.05
C GLU A 56 -6.10 9.00 5.60
N ASP A 57 -7.16 8.78 4.85
CA ASP A 57 -8.51 9.20 5.35
C ASP A 57 -9.56 8.17 4.93
N GLY A 58 -9.24 6.90 4.99
CA GLY A 58 -10.24 5.87 4.62
C GLY A 58 -10.42 5.86 3.10
N THR A 59 -9.36 6.05 2.35
CA THR A 59 -9.48 6.05 0.87
C THR A 59 -9.53 4.61 0.35
N GLU A 60 -10.01 4.41 -0.84
CA GLU A 60 -10.08 3.02 -1.38
C GLU A 60 -9.15 2.88 -2.60
N VAL A 61 -8.31 1.88 -2.59
CA VAL A 61 -7.37 1.68 -3.74
C VAL A 61 -7.10 0.19 -3.93
N THR A 62 -6.16 -0.16 -4.78
CA THR A 62 -5.87 -1.60 -5.00
C THR A 62 -4.36 -1.79 -5.27
N ASP A 63 -3.88 -3.01 -5.20
CA ASP A 63 -2.44 -3.26 -5.43
C ASP A 63 -2.14 -3.27 -6.94
N ASP A 64 -3.10 -2.90 -7.75
CA ASP A 64 -2.86 -2.88 -9.23
C ASP A 64 -3.17 -1.50 -9.80
N CYS A 65 -3.47 -0.55 -8.96
CA CYS A 65 -3.78 0.82 -9.46
C CYS A 65 -2.79 1.84 -8.90
N PHE A 66 -2.38 1.66 -7.67
CA PHE A 66 -1.41 2.62 -7.06
C PHE A 66 -0.33 3.01 -8.07
N PRO A 67 -0.50 4.18 -8.64
CA PRO A 67 0.47 4.68 -9.64
C PRO A 67 1.73 5.20 -8.96
N GLY A 68 1.76 6.45 -8.59
CA GLY A 68 2.97 7.02 -7.92
C GLY A 68 2.66 7.32 -6.46
N LEU A 69 2.44 6.29 -5.67
CA LEU A 69 2.14 6.51 -4.23
C LEU A 69 3.03 7.60 -3.64
N PRO A 70 2.48 8.35 -2.72
CA PRO A 70 3.23 9.45 -2.08
C PRO A 70 4.24 8.87 -1.08
N ASN A 71 5.26 9.61 -0.74
CA ASN A 71 6.27 9.11 0.22
C ASN A 71 5.57 8.44 1.41
N ASP A 72 6.16 7.42 1.97
CA ASP A 72 5.52 6.73 3.12
C ASP A 72 4.04 6.51 2.82
N ALA A 73 3.72 6.24 1.59
CA ALA A 73 2.29 6.02 1.22
C ALA A 73 1.62 5.11 2.24
N GLU A 74 0.60 5.59 2.91
CA GLU A 74 -0.09 4.74 3.92
C GLU A 74 -1.11 3.83 3.23
N LEU A 75 -0.76 2.58 3.05
CA LEU A 75 -1.72 1.64 2.38
C LEU A 75 -2.24 0.62 3.39
N LEU A 76 -3.42 0.11 3.16
CA LEU A 76 -3.99 -0.88 4.11
C LEU A 76 -4.52 -2.12 3.35
N LEU A 77 -3.80 -3.21 3.41
CA LEU A 77 -4.26 -4.44 2.71
C LEU A 77 -5.62 -4.87 3.26
N LEU A 78 -6.58 -5.06 2.41
CA LEU A 78 -7.94 -5.47 2.89
C LEU A 78 -8.53 -6.53 1.95
N THR A 79 -9.47 -7.30 2.42
CA THR A 79 -10.07 -8.34 1.54
C THR A 79 -11.60 -8.31 1.68
N ALA A 80 -12.29 -9.12 0.92
CA ALA A 80 -13.78 -9.13 1.00
C ALA A 80 -14.22 -9.30 2.45
N GLY A 81 -13.47 -10.03 3.23
CA GLY A 81 -13.85 -10.25 4.65
C GLY A 81 -13.27 -9.12 5.51
N GLU A 82 -12.92 -8.01 4.91
CA GLU A 82 -12.35 -6.89 5.70
C GLU A 82 -12.80 -5.54 5.15
N THR A 83 -12.93 -4.56 6.00
CA THR A 83 -13.37 -3.21 5.54
C THR A 83 -12.69 -2.13 6.39
N TRP A 84 -12.24 -1.06 5.79
CA TRP A 84 -11.58 0.02 6.58
C TRP A 84 -12.48 1.24 6.67
N HIS A 85 -12.78 1.69 7.86
CA HIS A 85 -13.67 2.89 8.00
C HIS A 85 -12.94 4.13 7.48
N GLY A 86 -11.84 4.49 8.09
CA GLY A 86 -11.10 5.70 7.64
C GLY A 86 -10.41 6.37 8.82
N TYR A 87 -9.34 7.07 8.58
CA TYR A 87 -8.61 7.75 9.69
C TYR A 87 -9.19 9.14 9.92
N VAL A 88 -8.86 9.76 11.03
CA VAL A 88 -9.39 11.12 11.30
C VAL A 88 -8.47 12.18 10.68
N SER A 89 -8.86 13.43 10.76
CA SER A 89 -8.03 14.50 10.17
C SER A 89 -8.00 15.72 11.10
N ASP A 90 -7.78 15.50 12.37
CA ASP A 90 -7.75 16.64 13.33
C ASP A 90 -6.37 16.76 13.97
N MET A 4 13.68 4.62 -19.79
CA MET A 4 14.73 3.81 -19.12
C MET A 4 14.81 4.15 -17.64
N CYS A 5 13.82 3.77 -16.88
CA CYS A 5 13.84 4.08 -15.42
C CYS A 5 15.22 3.80 -14.83
N ALA A 6 16.03 4.82 -14.71
CA ALA A 6 17.41 4.62 -14.16
C ALA A 6 18.01 5.97 -13.74
N VAL A 7 17.27 6.76 -13.02
CA VAL A 7 17.80 8.09 -12.59
C VAL A 7 17.05 8.58 -11.35
N LEU A 8 17.12 7.85 -10.27
CA LEU A 8 16.40 8.28 -9.04
C LEU A 8 17.41 8.70 -7.96
N ARG A 9 17.24 9.86 -7.39
CA ARG A 9 18.19 10.32 -6.34
C ARG A 9 17.54 10.22 -4.96
N GLN A 10 16.81 9.17 -4.71
CA GLN A 10 16.14 9.00 -3.38
C GLN A 10 15.09 7.88 -3.47
N PRO A 11 15.29 6.87 -2.68
CA PRO A 11 14.35 5.72 -2.67
C PRO A 11 13.03 6.12 -1.99
N LYS A 12 11.93 5.83 -2.62
CA LYS A 12 10.62 6.19 -2.02
C LYS A 12 10.23 5.15 -0.96
N CYS A 13 9.42 5.53 -0.01
CA CYS A 13 9.02 4.56 1.04
C CYS A 13 7.50 4.54 1.20
N VAL A 14 6.96 3.44 1.66
CA VAL A 14 5.49 3.34 1.85
C VAL A 14 5.18 2.40 3.02
N LYS A 15 4.28 2.78 3.88
CA LYS A 15 3.95 1.92 5.05
C LYS A 15 2.85 0.92 4.67
N LEU A 16 3.24 -0.28 4.30
CA LEU A 16 2.22 -1.30 3.92
C LEU A 16 1.55 -1.86 5.18
N ARG A 17 0.58 -1.16 5.71
CA ARG A 17 -0.11 -1.65 6.93
C ARG A 17 -1.15 -2.71 6.55
N ALA A 18 -1.55 -3.53 7.48
CA ALA A 18 -2.56 -4.58 7.16
C ALA A 18 -3.55 -4.74 8.32
N LEU A 19 -4.79 -4.37 8.11
CA LEU A 19 -5.80 -4.51 9.19
C LEU A 19 -5.96 -5.99 9.57
N HIS A 20 -5.76 -6.86 8.62
CA HIS A 20 -5.89 -8.33 8.91
C HIS A 20 -4.60 -8.85 9.54
N SER A 21 -3.69 -7.97 9.87
CA SER A 21 -2.41 -8.41 10.48
C SER A 21 -2.23 -7.77 11.86
N ALA A 22 -1.02 -7.73 12.35
CA ALA A 22 -0.78 -7.11 13.68
C ALA A 22 0.18 -5.93 13.56
N CYS A 23 0.33 -5.39 12.38
CA CYS A 23 1.27 -4.24 12.20
C CYS A 23 1.36 -3.84 10.73
N LYS A 24 2.43 -3.18 10.37
CA LYS A 24 2.60 -2.76 8.95
C LYS A 24 4.03 -3.05 8.49
N PHE A 25 4.29 -2.94 7.21
CA PHE A 25 5.67 -3.22 6.71
C PHE A 25 6.22 -2.00 5.98
N GLY A 26 7.04 -1.21 6.62
CA GLY A 26 7.61 -0.01 5.95
C GLY A 26 8.58 -0.46 4.86
N VAL A 27 8.10 -0.60 3.65
CA VAL A 27 8.99 -1.04 2.54
C VAL A 27 9.50 0.17 1.75
N ALA A 28 10.69 0.12 1.25
CA ALA A 28 11.24 1.26 0.46
C ALA A 28 11.92 0.76 -0.82
N ALA A 29 11.82 1.51 -1.88
CA ALA A 29 12.47 1.07 -3.16
C ALA A 29 12.42 2.21 -4.18
N ARG A 30 13.55 2.60 -4.70
CA ARG A 30 13.57 3.70 -5.70
C ARG A 30 12.42 3.53 -6.70
N SER A 31 12.01 2.32 -6.95
CA SER A 31 10.91 2.09 -7.92
C SER A 31 9.59 1.86 -7.17
N CYS A 32 8.80 2.88 -7.00
CA CYS A 32 7.50 2.70 -6.28
C CYS A 32 6.79 1.45 -6.79
N GLN A 33 6.95 1.13 -8.05
CA GLN A 33 6.30 -0.08 -8.60
C GLN A 33 6.83 -1.33 -7.89
N GLU A 34 7.98 -1.22 -7.28
CA GLU A 34 8.55 -2.40 -6.57
C GLU A 34 7.86 -2.58 -5.22
N LEU A 35 7.73 -1.52 -4.47
CA LEU A 35 7.06 -1.63 -3.15
C LEU A 35 5.63 -2.14 -3.33
N LEU A 36 4.96 -1.70 -4.36
CA LEU A 36 3.57 -2.17 -4.60
C LEU A 36 3.58 -3.66 -4.94
N ARG A 37 4.19 -4.03 -6.04
CA ARG A 37 4.25 -5.47 -6.40
C ARG A 37 4.78 -6.28 -5.23
N LYS A 38 6.01 -6.08 -4.88
CA LYS A 38 6.60 -6.84 -3.74
C LYS A 38 5.68 -6.74 -2.53
N GLY A 39 4.88 -5.71 -2.48
CA GLY A 39 3.94 -5.55 -1.33
C GLY A 39 2.82 -6.58 -1.43
N CYS A 40 2.16 -6.66 -2.55
CA CYS A 40 1.06 -7.67 -2.69
C CYS A 40 1.63 -9.08 -2.57
N VAL A 41 2.92 -9.23 -2.70
CA VAL A 41 3.53 -10.58 -2.60
C VAL A 41 3.63 -11.00 -1.13
N ARG A 42 4.35 -10.25 -0.34
CA ARG A 42 4.48 -10.59 1.10
C ARG A 42 3.12 -10.50 1.79
N PHE A 43 2.29 -9.58 1.38
CA PHE A 43 0.94 -9.46 2.02
C PHE A 43 -0.03 -10.42 1.34
N GLN A 44 0.34 -10.93 0.19
CA GLN A 44 -0.55 -11.89 -0.52
C GLN A 44 -1.95 -11.28 -0.71
N LEU A 45 -2.11 -10.40 -1.67
CA LEU A 45 -3.44 -9.79 -1.90
C LEU A 45 -3.96 -10.17 -3.28
N PRO A 46 -4.80 -11.18 -3.30
CA PRO A 46 -5.38 -11.67 -4.57
C PRO A 46 -6.41 -10.67 -5.12
N MET A 47 -6.72 -10.77 -6.39
CA MET A 47 -7.73 -9.83 -6.98
C MET A 47 -9.14 -10.16 -6.48
N PRO A 48 -9.48 -11.42 -6.52
CA PRO A 48 -10.83 -11.84 -6.08
C PRO A 48 -10.89 -11.87 -4.54
N GLY A 49 -12.05 -11.64 -3.99
CA GLY A 49 -12.19 -11.65 -2.51
C GLY A 49 -11.03 -10.89 -1.87
N SER A 50 -10.78 -9.69 -2.32
CA SER A 50 -9.66 -8.90 -1.73
C SER A 50 -9.78 -7.43 -2.14
N ARG A 51 -9.06 -6.55 -1.49
CA ARG A 51 -9.14 -5.11 -1.84
C ARG A 51 -8.17 -4.31 -0.97
N LEU A 52 -7.60 -3.26 -1.50
CA LEU A 52 -6.66 -2.45 -0.68
C LEU A 52 -7.25 -1.05 -0.47
N CYS A 53 -6.67 -0.27 0.40
CA CYS A 53 -7.23 1.09 0.64
C CYS A 53 -6.12 2.06 1.10
N LEU A 54 -6.38 3.33 1.00
CA LEU A 54 -5.38 4.34 1.41
C LEU A 54 -5.60 4.74 2.88
N TYR A 55 -4.67 4.46 3.74
CA TYR A 55 -4.85 4.81 5.17
C TYR A 55 -4.92 6.33 5.34
N GLU A 56 -4.52 7.07 4.34
CA GLU A 56 -4.57 8.56 4.45
C GLU A 56 -5.94 9.00 4.97
N ASP A 57 -6.99 8.55 4.35
CA ASP A 57 -8.36 8.95 4.80
C ASP A 57 -9.32 7.78 4.64
N GLY A 58 -8.82 6.58 4.53
CA GLY A 58 -9.72 5.41 4.37
C GLY A 58 -10.11 5.26 2.90
N THR A 59 -9.34 5.81 2.00
CA THR A 59 -9.67 5.69 0.55
C THR A 59 -9.57 4.23 0.12
N GLU A 60 -9.94 3.93 -1.10
CA GLU A 60 -9.87 2.51 -1.55
C GLU A 60 -9.06 2.41 -2.85
N VAL A 61 -8.21 1.43 -2.95
CA VAL A 61 -7.38 1.27 -4.19
C VAL A 61 -6.93 -0.18 -4.33
N THR A 62 -6.30 -0.52 -5.43
CA THR A 62 -5.82 -1.92 -5.64
C THR A 62 -4.30 -1.92 -5.86
N ASP A 63 -3.67 -3.05 -5.65
CA ASP A 63 -2.20 -3.13 -5.84
C ASP A 63 -1.83 -2.88 -7.32
N ASP A 64 -2.80 -2.81 -8.18
CA ASP A 64 -2.51 -2.59 -9.63
C ASP A 64 -2.87 -1.15 -10.04
N CYS A 65 -3.63 -0.47 -9.24
CA CYS A 65 -4.01 0.93 -9.60
C CYS A 65 -2.96 1.92 -9.08
N PHE A 66 -2.47 1.71 -7.88
CA PHE A 66 -1.45 2.64 -7.31
C PHE A 66 -0.46 3.06 -8.39
N PRO A 67 -0.67 4.24 -8.91
CA PRO A 67 0.21 4.78 -9.97
C PRO A 67 1.52 5.29 -9.37
N GLY A 68 1.55 6.51 -8.93
CA GLY A 68 2.79 7.06 -8.33
C GLY A 68 2.55 7.43 -6.86
N LEU A 69 2.31 6.46 -6.03
CA LEU A 69 2.07 6.75 -4.59
C LEU A 69 3.06 7.81 -4.09
N PRO A 70 2.58 8.67 -3.24
CA PRO A 70 3.44 9.75 -2.68
C PRO A 70 4.44 9.16 -1.69
N ASN A 71 5.42 9.94 -1.30
CA ASN A 71 6.44 9.45 -0.34
C ASN A 71 5.77 8.85 0.89
N ASP A 72 6.42 7.92 1.55
CA ASP A 72 5.81 7.30 2.76
C ASP A 72 4.33 7.02 2.52
N ALA A 73 4.01 6.60 1.33
CA ALA A 73 2.57 6.29 1.01
C ALA A 73 2.01 5.31 2.04
N GLU A 74 1.03 5.72 2.80
CA GLU A 74 0.43 4.81 3.81
C GLU A 74 -0.71 3.99 3.20
N LEU A 75 -0.50 2.72 2.99
CA LEU A 75 -1.57 1.88 2.40
C LEU A 75 -1.98 0.78 3.39
N LEU A 76 -3.15 0.22 3.23
CA LEU A 76 -3.59 -0.85 4.17
C LEU A 76 -4.19 -2.03 3.41
N LEU A 77 -3.90 -3.23 3.83
CA LEU A 77 -4.44 -4.42 3.15
C LEU A 77 -5.89 -4.67 3.59
N LEU A 78 -6.73 -5.14 2.70
CA LEU A 78 -8.15 -5.39 3.09
C LEU A 78 -8.74 -6.47 2.19
N THR A 79 -9.80 -7.11 2.61
CA THR A 79 -10.41 -8.18 1.77
C THR A 79 -11.91 -8.27 2.08
N ALA A 80 -12.65 -8.98 1.27
CA ALA A 80 -14.12 -9.10 1.52
C ALA A 80 -14.38 -9.40 2.99
N GLY A 81 -13.46 -10.07 3.64
CA GLY A 81 -13.65 -10.39 5.08
C GLY A 81 -13.00 -9.29 5.93
N GLU A 82 -12.87 -8.12 5.38
CA GLU A 82 -12.24 -7.01 6.16
C GLU A 82 -12.70 -5.65 5.63
N THR A 83 -12.70 -4.64 6.46
CA THR A 83 -13.13 -3.29 6.02
C THR A 83 -12.43 -2.22 6.86
N TRP A 84 -11.97 -1.16 6.24
CA TRP A 84 -11.27 -0.09 7.02
C TRP A 84 -12.15 1.15 7.12
N HIS A 85 -12.22 1.74 8.30
CA HIS A 85 -13.06 2.95 8.48
C HIS A 85 -12.38 4.16 7.82
N GLY A 86 -11.39 4.72 8.48
CA GLY A 86 -10.70 5.91 7.88
C GLY A 86 -9.69 6.46 8.89
N TYR A 87 -8.96 7.48 8.52
CA TYR A 87 -7.95 8.07 9.46
C TYR A 87 -8.63 9.08 10.39
N VAL A 88 -8.38 8.96 11.67
CA VAL A 88 -9.02 9.90 12.64
C VAL A 88 -8.19 11.19 12.74
N SER A 89 -8.84 12.32 12.76
CA SER A 89 -8.10 13.61 12.86
C SER A 89 -8.36 14.27 14.21
N ASP A 90 -7.49 14.06 15.16
CA ASP A 90 -7.69 14.67 16.51
C ASP A 90 -6.34 15.06 17.13
N MET A 4 23.49 11.87 -18.35
CA MET A 4 22.67 11.34 -17.20
C MET A 4 22.10 9.96 -17.54
N CYS A 5 21.97 9.11 -16.56
CA CYS A 5 21.42 7.76 -16.83
C CYS A 5 20.92 7.13 -15.52
N ALA A 6 19.69 6.68 -15.50
CA ALA A 6 19.15 6.05 -14.27
C ALA A 6 19.33 7.00 -13.08
N VAL A 7 18.40 7.88 -12.87
CA VAL A 7 18.52 8.82 -11.71
C VAL A 7 17.13 9.18 -11.18
N LEU A 8 16.73 8.53 -10.12
CA LEU A 8 15.38 8.82 -9.54
C LEU A 8 15.49 9.90 -8.45
N ARG A 9 14.38 10.45 -8.05
CA ARG A 9 14.42 11.49 -6.99
C ARG A 9 14.49 10.82 -5.62
N GLN A 10 15.52 10.05 -5.39
CA GLN A 10 15.66 9.35 -4.07
C GLN A 10 14.69 8.16 -4.01
N PRO A 11 15.00 7.24 -3.15
CA PRO A 11 14.14 6.03 -2.99
C PRO A 11 12.81 6.39 -2.32
N LYS A 12 11.72 5.89 -2.85
CA LYS A 12 10.40 6.19 -2.24
C LYS A 12 10.09 5.18 -1.14
N CYS A 13 9.30 5.56 -0.16
CA CYS A 13 8.97 4.60 0.94
C CYS A 13 7.46 4.41 1.03
N VAL A 14 7.03 3.28 1.53
CA VAL A 14 5.55 3.03 1.65
C VAL A 14 5.27 2.17 2.87
N LYS A 15 4.30 2.56 3.67
CA LYS A 15 3.97 1.75 4.88
C LYS A 15 2.79 0.82 4.58
N LEU A 16 3.05 -0.42 4.31
CA LEU A 16 1.94 -1.37 4.01
C LEU A 16 1.30 -1.89 5.30
N ARG A 17 0.24 -1.26 5.73
CA ARG A 17 -0.45 -1.70 6.97
C ARG A 17 -1.55 -2.70 6.62
N ALA A 18 -1.95 -3.52 7.55
CA ALA A 18 -3.01 -4.53 7.25
C ALA A 18 -3.91 -4.74 8.46
N LEU A 19 -5.19 -4.47 8.33
CA LEU A 19 -6.11 -4.66 9.48
C LEU A 19 -6.19 -6.15 9.84
N HIS A 20 -5.78 -7.00 8.94
CA HIS A 20 -5.81 -8.46 9.23
C HIS A 20 -4.62 -8.85 10.11
N SER A 21 -3.79 -7.90 10.45
CA SER A 21 -2.60 -8.20 11.30
C SER A 21 -2.47 -7.15 12.40
N ALA A 22 -1.31 -7.00 12.96
CA ALA A 22 -1.13 -5.99 14.05
C ALA A 22 0.02 -5.04 13.70
N CYS A 23 0.20 -4.73 12.44
CA CYS A 23 1.31 -3.81 12.06
C CYS A 23 1.30 -3.55 10.55
N LYS A 24 2.39 -3.06 10.01
CA LYS A 24 2.44 -2.78 8.55
C LYS A 24 3.82 -3.19 8.00
N PHE A 25 4.11 -2.81 6.78
CA PHE A 25 5.42 -3.18 6.19
C PHE A 25 6.11 -1.95 5.59
N GLY A 26 6.75 -1.16 6.41
CA GLY A 26 7.43 0.06 5.88
C GLY A 26 8.56 -0.36 4.94
N VAL A 27 8.24 -0.58 3.69
CA VAL A 27 9.29 -0.99 2.71
C VAL A 27 9.63 0.17 1.77
N ALA A 28 10.86 0.27 1.34
CA ALA A 28 11.23 1.39 0.42
C ALA A 28 11.86 0.83 -0.86
N ALA A 29 11.94 1.62 -1.89
CA ALA A 29 12.54 1.15 -3.16
C ALA A 29 12.50 2.26 -4.21
N ARG A 30 13.57 2.46 -4.92
CA ARG A 30 13.59 3.53 -5.97
C ARG A 30 12.39 3.36 -6.91
N SER A 31 12.32 2.26 -7.59
CA SER A 31 11.17 2.04 -8.52
C SER A 31 9.91 1.69 -7.71
N CYS A 32 9.11 2.66 -7.40
CA CYS A 32 7.87 2.40 -6.61
C CYS A 32 7.19 1.12 -7.10
N GLN A 33 7.34 0.79 -8.36
CA GLN A 33 6.70 -0.45 -8.88
C GLN A 33 7.10 -1.64 -8.01
N GLU A 34 8.32 -1.68 -7.58
CA GLU A 34 8.77 -2.81 -6.71
C GLU A 34 8.07 -2.75 -5.36
N LEU A 35 7.96 -1.58 -4.79
CA LEU A 35 7.28 -1.44 -3.49
C LEU A 35 5.88 -2.06 -3.57
N LEU A 36 5.15 -1.74 -4.60
CA LEU A 36 3.78 -2.30 -4.75
C LEU A 36 3.86 -3.81 -4.99
N ARG A 37 4.38 -4.22 -6.11
CA ARG A 37 4.50 -5.69 -6.38
C ARG A 37 4.99 -6.41 -5.13
N LYS A 38 6.22 -6.18 -4.76
CA LYS A 38 6.75 -6.85 -3.54
C LYS A 38 5.73 -6.71 -2.40
N GLY A 39 4.94 -5.67 -2.43
CA GLY A 39 3.92 -5.48 -1.36
C GLY A 39 2.87 -6.58 -1.46
N CYS A 40 2.25 -6.74 -2.60
CA CYS A 40 1.22 -7.81 -2.74
C CYS A 40 1.86 -9.17 -2.50
N VAL A 41 3.17 -9.23 -2.51
CA VAL A 41 3.86 -10.53 -2.28
C VAL A 41 4.06 -10.77 -0.78
N ARG A 42 4.63 -9.82 -0.10
CA ARG A 42 4.85 -9.99 1.37
C ARG A 42 3.49 -10.10 2.08
N PHE A 43 2.48 -9.48 1.55
CA PHE A 43 1.14 -9.54 2.19
C PHE A 43 0.28 -10.60 1.47
N GLN A 44 0.66 -10.96 0.28
CA GLN A 44 -0.10 -11.98 -0.49
C GLN A 44 -1.55 -11.52 -0.72
N LEU A 45 -1.78 -10.77 -1.75
CA LEU A 45 -3.16 -10.29 -2.03
C LEU A 45 -3.59 -10.68 -3.45
N PRO A 46 -4.22 -11.83 -3.53
CA PRO A 46 -4.69 -12.34 -4.85
C PRO A 46 -5.90 -11.53 -5.33
N MET A 47 -6.66 -12.08 -6.24
CA MET A 47 -7.85 -11.34 -6.74
C MET A 47 -9.15 -12.13 -6.49
N PRO A 48 -9.27 -12.70 -5.32
CA PRO A 48 -10.48 -13.47 -4.98
C PRO A 48 -11.63 -12.51 -4.64
N GLY A 49 -11.38 -11.23 -4.69
CA GLY A 49 -12.44 -10.24 -4.36
C GLY A 49 -11.93 -9.31 -3.25
N SER A 50 -10.68 -9.42 -2.88
CA SER A 50 -10.13 -8.56 -1.80
C SER A 50 -9.92 -7.13 -2.32
N ARG A 51 -9.14 -6.34 -1.65
CA ARG A 51 -8.90 -4.95 -2.10
C ARG A 51 -8.02 -4.19 -1.11
N LEU A 52 -7.52 -3.05 -1.50
CA LEU A 52 -6.66 -2.26 -0.58
C LEU A 52 -7.30 -0.89 -0.32
N CYS A 53 -6.77 -0.13 0.61
CA CYS A 53 -7.36 1.20 0.89
C CYS A 53 -6.28 2.18 1.37
N LEU A 54 -6.65 3.39 1.67
CA LEU A 54 -5.66 4.39 2.13
C LEU A 54 -5.96 4.80 3.58
N TYR A 55 -5.04 4.58 4.47
CA TYR A 55 -5.28 4.96 5.90
C TYR A 55 -5.35 6.49 6.05
N GLU A 56 -5.08 7.21 4.99
CA GLU A 56 -5.13 8.70 5.08
C GLU A 56 -6.45 9.15 5.71
N ASP A 57 -7.56 8.86 5.09
CA ASP A 57 -8.86 9.29 5.67
C ASP A 57 -9.97 8.28 5.33
N GLY A 58 -9.60 7.07 4.99
CA GLY A 58 -10.63 6.05 4.65
C GLY A 58 -10.83 5.99 3.14
N THR A 59 -9.76 5.99 2.39
CA THR A 59 -9.90 5.93 0.91
C THR A 59 -9.77 4.48 0.42
N GLU A 60 -10.12 4.21 -0.80
CA GLU A 60 -10.02 2.82 -1.31
C GLU A 60 -9.10 2.77 -2.53
N VAL A 61 -8.25 1.77 -2.60
CA VAL A 61 -7.32 1.66 -3.75
C VAL A 61 -6.95 0.18 -3.99
N THR A 62 -6.15 -0.08 -4.99
CA THR A 62 -5.76 -1.49 -5.27
C THR A 62 -4.24 -1.61 -5.41
N ASP A 63 -3.72 -2.80 -5.36
CA ASP A 63 -2.25 -2.97 -5.48
C ASP A 63 -1.81 -2.77 -6.93
N ASP A 64 -2.72 -2.47 -7.81
CA ASP A 64 -2.35 -2.26 -9.24
C ASP A 64 -2.66 -0.81 -9.67
N CYS A 65 -3.57 -0.17 -8.99
CA CYS A 65 -3.91 1.23 -9.37
C CYS A 65 -2.87 2.21 -8.80
N PHE A 66 -2.44 1.99 -7.58
CA PHE A 66 -1.43 2.90 -6.96
C PHE A 66 -0.37 3.29 -7.99
N PRO A 67 -0.52 4.46 -8.53
CA PRO A 67 0.44 4.97 -9.54
C PRO A 67 1.69 5.53 -8.87
N GLY A 68 1.66 6.79 -8.51
CA GLY A 68 2.86 7.40 -7.84
C GLY A 68 2.55 7.65 -6.37
N LEU A 69 2.38 6.61 -5.60
CA LEU A 69 2.08 6.79 -4.15
C LEU A 69 2.99 7.86 -3.54
N PRO A 70 2.45 8.55 -2.57
CA PRO A 70 3.21 9.62 -1.89
C PRO A 70 4.27 9.00 -0.98
N ASN A 71 5.30 9.74 -0.65
CA ASN A 71 6.35 9.17 0.24
C ASN A 71 5.71 8.44 1.43
N ASP A 72 6.33 7.39 1.89
CA ASP A 72 5.75 6.63 3.03
C ASP A 72 4.26 6.41 2.79
N ALA A 73 3.88 6.20 1.56
CA ALA A 73 2.44 5.97 1.25
C ALA A 73 1.81 5.05 2.29
N GLU A 74 0.85 5.55 3.03
CA GLU A 74 0.19 4.69 4.06
C GLU A 74 -0.96 3.88 3.44
N LEU A 75 -0.69 2.66 3.06
CA LEU A 75 -1.76 1.82 2.46
C LEU A 75 -2.26 0.80 3.47
N LEU A 76 -3.40 0.22 3.24
CA LEU A 76 -3.94 -0.79 4.19
C LEU A 76 -4.51 -2.00 3.44
N LEU A 77 -3.81 -3.10 3.47
CA LEU A 77 -4.30 -4.32 2.78
C LEU A 77 -5.71 -4.67 3.27
N LEU A 78 -6.54 -5.24 2.42
CA LEU A 78 -7.91 -5.60 2.85
C LEU A 78 -8.46 -6.70 1.95
N THR A 79 -9.42 -7.44 2.42
CA THR A 79 -10.00 -8.54 1.58
C THR A 79 -11.51 -8.59 1.74
N ALA A 80 -12.19 -9.28 0.88
CA ALA A 80 -13.68 -9.38 0.98
C ALA A 80 -14.09 -9.61 2.43
N GLY A 81 -13.29 -10.30 3.18
CA GLY A 81 -13.64 -10.55 4.61
C GLY A 81 -13.07 -9.43 5.47
N GLU A 82 -12.91 -8.26 4.91
CA GLU A 82 -12.36 -7.13 5.71
C GLU A 82 -12.82 -5.78 5.13
N THR A 83 -12.84 -4.77 5.94
CA THR A 83 -13.27 -3.42 5.45
C THR A 83 -12.68 -2.32 6.34
N TRP A 84 -12.27 -1.23 5.77
CA TRP A 84 -11.69 -0.13 6.60
C TRP A 84 -12.64 1.08 6.62
N HIS A 85 -12.93 1.59 7.77
CA HIS A 85 -13.84 2.78 7.85
C HIS A 85 -13.12 4.03 7.35
N GLY A 86 -12.05 4.42 8.01
CA GLY A 86 -11.31 5.63 7.57
C GLY A 86 -10.68 6.32 8.77
N TYR A 87 -9.73 7.18 8.53
CA TYR A 87 -9.07 7.90 9.66
C TYR A 87 -9.86 9.16 10.03
N VAL A 88 -11.15 9.03 10.18
CA VAL A 88 -11.97 10.22 10.54
C VAL A 88 -12.41 10.15 12.00
N SER A 89 -13.26 11.05 12.43
CA SER A 89 -13.71 11.02 13.85
C SER A 89 -15.16 11.52 13.95
N ASP A 90 -16.09 10.78 13.41
CA ASP A 90 -17.51 11.21 13.47
C ASP A 90 -18.42 10.00 13.69
N MET A 4 9.47 4.98 -12.67
CA MET A 4 9.34 3.57 -13.14
C MET A 4 10.73 2.96 -13.38
N CYS A 5 11.59 3.69 -14.03
CA CYS A 5 12.96 3.16 -14.30
C CYS A 5 13.76 4.16 -15.14
N ALA A 6 13.98 5.33 -14.62
CA ALA A 6 14.75 6.35 -15.39
C ALA A 6 15.68 7.14 -14.46
N VAL A 7 16.81 6.56 -14.12
CA VAL A 7 17.76 7.26 -13.21
C VAL A 7 17.02 7.98 -12.09
N LEU A 8 16.62 7.26 -11.08
CA LEU A 8 15.88 7.91 -9.95
C LEU A 8 16.87 8.40 -8.90
N ARG A 9 16.65 9.57 -8.36
CA ARG A 9 17.59 10.10 -7.32
C ARG A 9 16.91 10.15 -5.95
N GLN A 10 16.22 9.11 -5.59
CA GLN A 10 15.54 9.09 -4.25
C GLN A 10 14.56 7.91 -4.17
N PRO A 11 14.87 6.98 -3.30
CA PRO A 11 14.02 5.79 -3.11
C PRO A 11 12.74 6.17 -2.37
N LYS A 12 11.60 5.85 -2.92
CA LYS A 12 10.32 6.19 -2.23
C LYS A 12 10.03 5.18 -1.12
N CYS A 13 9.32 5.59 -0.11
CA CYS A 13 9.01 4.64 1.01
C CYS A 13 7.50 4.55 1.23
N VAL A 14 7.02 3.43 1.69
CA VAL A 14 5.56 3.28 1.93
C VAL A 14 5.31 2.35 3.12
N LYS A 15 4.33 2.67 3.92
CA LYS A 15 4.03 1.80 5.10
C LYS A 15 2.98 0.75 4.73
N LEU A 16 3.40 -0.47 4.51
CA LEU A 16 2.43 -1.53 4.14
C LEU A 16 1.70 -2.03 5.39
N ARG A 17 0.61 -1.42 5.73
CA ARG A 17 -0.16 -1.85 6.94
C ARG A 17 -1.21 -2.89 6.54
N ALA A 18 -1.61 -3.74 7.45
CA ALA A 18 -2.62 -4.77 7.10
C ALA A 18 -3.62 -4.96 8.25
N LEU A 19 -4.86 -4.59 8.04
CA LEU A 19 -5.87 -4.76 9.12
C LEU A 19 -5.95 -6.24 9.52
N HIS A 20 -5.51 -7.11 8.66
CA HIS A 20 -5.55 -8.56 8.98
C HIS A 20 -4.34 -8.94 9.85
N SER A 21 -3.51 -7.98 10.16
CA SER A 21 -2.32 -8.28 11.02
C SER A 21 -2.28 -7.33 12.20
N ALA A 22 -1.14 -7.19 12.82
CA ALA A 22 -1.04 -6.27 13.99
C ALA A 22 0.04 -5.21 13.74
N CYS A 23 0.28 -4.86 12.50
CA CYS A 23 1.32 -3.83 12.21
C CYS A 23 1.41 -3.58 10.71
N LYS A 24 2.51 -3.03 10.26
CA LYS A 24 2.68 -2.75 8.81
C LYS A 24 4.13 -3.05 8.39
N PHE A 25 4.47 -2.77 7.16
CA PHE A 25 5.86 -3.04 6.70
C PHE A 25 6.40 -1.84 5.92
N GLY A 26 7.04 -0.93 6.59
CA GLY A 26 7.59 0.26 5.89
C GLY A 26 8.65 -0.19 4.87
N VAL A 27 8.26 -0.36 3.64
CA VAL A 27 9.23 -0.80 2.61
C VAL A 27 9.68 0.39 1.75
N ALA A 28 10.90 0.38 1.30
CA ALA A 28 11.39 1.51 0.45
C ALA A 28 12.00 0.98 -0.84
N ALA A 29 11.89 1.72 -1.90
CA ALA A 29 12.47 1.27 -3.20
C ALA A 29 12.43 2.41 -4.22
N ARG A 30 13.36 2.43 -5.15
CA ARG A 30 13.36 3.52 -6.16
C ARG A 30 12.07 3.48 -6.99
N SER A 31 11.78 2.38 -7.60
CA SER A 31 10.54 2.28 -8.43
C SER A 31 9.34 1.96 -7.53
N CYS A 32 8.60 2.96 -7.13
CA CYS A 32 7.42 2.71 -6.25
C CYS A 32 6.67 1.46 -6.72
N GLN A 33 6.71 1.17 -7.99
CA GLN A 33 6.00 -0.04 -8.50
C GLN A 33 6.56 -1.30 -7.83
N GLU A 34 7.77 -1.23 -7.34
CA GLU A 34 8.36 -2.43 -6.67
C GLU A 34 7.72 -2.63 -5.29
N LEU A 35 7.62 -1.59 -4.52
CA LEU A 35 7.01 -1.71 -3.17
C LEU A 35 5.58 -2.23 -3.29
N LEU A 36 4.85 -1.79 -4.29
CA LEU A 36 3.45 -2.25 -4.46
C LEU A 36 3.44 -3.75 -4.83
N ARG A 37 4.14 -4.11 -5.86
CA ARG A 37 4.17 -5.55 -6.26
C ARG A 37 4.71 -6.40 -5.10
N LYS A 38 5.96 -6.20 -4.76
CA LYS A 38 6.54 -6.98 -3.62
C LYS A 38 5.60 -6.89 -2.42
N GLY A 39 4.89 -5.81 -2.30
CA GLY A 39 3.95 -5.66 -1.15
C GLY A 39 2.80 -6.66 -1.30
N CYS A 40 2.15 -6.65 -2.44
CA CYS A 40 1.03 -7.61 -2.64
C CYS A 40 1.55 -9.03 -2.46
N VAL A 41 2.84 -9.22 -2.51
CA VAL A 41 3.40 -10.59 -2.33
C VAL A 41 3.55 -10.91 -0.84
N ARG A 42 4.26 -10.09 -0.12
CA ARG A 42 4.43 -10.34 1.35
C ARG A 42 3.07 -10.28 2.04
N PHE A 43 2.19 -9.43 1.57
CA PHE A 43 0.85 -9.32 2.21
C PHE A 43 -0.15 -10.22 1.46
N GLN A 44 0.23 -10.70 0.32
CA GLN A 44 -0.67 -11.59 -0.46
C GLN A 44 -2.03 -10.93 -0.69
N LEU A 45 -2.14 -10.10 -1.71
CA LEU A 45 -3.45 -9.44 -1.96
C LEU A 45 -3.88 -9.67 -3.42
N PRO A 46 -4.72 -10.65 -3.60
CA PRO A 46 -5.22 -10.98 -4.96
C PRO A 46 -6.20 -9.92 -5.44
N MET A 47 -5.98 -9.38 -6.60
CA MET A 47 -6.91 -8.33 -7.13
C MET A 47 -8.36 -8.71 -6.83
N PRO A 48 -8.72 -9.90 -7.24
CA PRO A 48 -10.11 -10.39 -7.02
C PRO A 48 -10.30 -10.85 -5.58
N GLY A 49 -11.51 -11.00 -5.15
CA GLY A 49 -11.78 -11.45 -3.75
C GLY A 49 -10.85 -10.71 -2.79
N SER A 50 -10.49 -9.49 -3.11
CA SER A 50 -9.60 -8.71 -2.20
C SER A 50 -9.65 -7.22 -2.56
N ARG A 51 -8.88 -6.41 -1.88
CA ARG A 51 -8.89 -4.96 -2.18
C ARG A 51 -7.99 -4.20 -1.21
N LEU A 52 -7.47 -3.07 -1.61
CA LEU A 52 -6.59 -2.29 -0.70
C LEU A 52 -7.16 -0.89 -0.53
N CYS A 53 -6.77 -0.20 0.52
CA CYS A 53 -7.30 1.17 0.74
C CYS A 53 -6.25 2.05 1.42
N LEU A 54 -6.14 3.28 1.00
CA LEU A 54 -5.14 4.19 1.60
C LEU A 54 -5.52 4.51 3.05
N TYR A 55 -4.67 4.19 3.99
CA TYR A 55 -4.99 4.47 5.42
C TYR A 55 -4.95 5.98 5.66
N GLU A 56 -4.42 6.73 4.73
CA GLU A 56 -4.36 8.21 4.89
C GLU A 56 -5.75 8.77 5.16
N ASP A 57 -6.75 8.29 4.47
CA ASP A 57 -8.13 8.81 4.70
C ASP A 57 -9.18 7.76 4.31
N GLY A 58 -8.93 6.52 4.63
CA GLY A 58 -9.91 5.45 4.28
C GLY A 58 -10.18 5.44 2.78
N THR A 59 -9.22 5.83 1.98
CA THR A 59 -9.42 5.82 0.51
C THR A 59 -9.39 4.39 -0.02
N GLU A 60 -9.91 4.16 -1.19
CA GLU A 60 -9.91 2.77 -1.74
C GLU A 60 -9.04 2.69 -2.99
N VAL A 61 -8.19 1.70 -3.07
CA VAL A 61 -7.31 1.55 -4.26
C VAL A 61 -6.86 0.09 -4.41
N THR A 62 -6.18 -0.22 -5.48
CA THR A 62 -5.73 -1.62 -5.68
C THR A 62 -4.20 -1.66 -5.85
N ASP A 63 -3.59 -2.79 -5.62
CA ASP A 63 -2.11 -2.89 -5.76
C ASP A 63 -1.70 -2.63 -7.22
N ASP A 64 -2.62 -2.70 -8.13
CA ASP A 64 -2.28 -2.45 -9.56
C ASP A 64 -2.71 -1.04 -9.98
N CYS A 65 -3.31 -0.30 -9.08
CA CYS A 65 -3.74 1.08 -9.43
C CYS A 65 -2.75 2.10 -8.87
N PHE A 66 -2.27 1.89 -7.67
CA PHE A 66 -1.30 2.84 -7.07
C PHE A 66 -0.30 3.31 -8.12
N PRO A 67 -0.55 4.49 -8.65
CA PRO A 67 0.34 5.06 -9.68
C PRO A 67 1.66 5.54 -9.06
N GLY A 68 1.58 6.39 -8.07
CA GLY A 68 2.82 6.89 -7.43
C GLY A 68 2.47 7.57 -6.11
N LEU A 69 2.04 6.82 -5.14
CA LEU A 69 1.68 7.43 -3.82
C LEU A 69 2.80 8.37 -3.36
N PRO A 70 2.45 9.24 -2.47
CA PRO A 70 3.45 10.22 -1.93
C PRO A 70 4.45 9.51 -1.02
N ASN A 71 5.55 10.16 -0.71
CA ASN A 71 6.57 9.53 0.16
C ASN A 71 5.90 8.83 1.35
N ASP A 72 6.50 7.79 1.84
CA ASP A 72 5.90 7.07 2.99
C ASP A 72 4.42 6.81 2.75
N ALA A 73 4.06 6.55 1.53
CA ALA A 73 2.62 6.28 1.21
C ALA A 73 2.09 5.18 2.14
N GLU A 74 1.01 5.44 2.83
CA GLU A 74 0.46 4.42 3.76
C GLU A 74 -0.65 3.61 3.09
N LEU A 75 -0.40 2.36 2.80
CA LEU A 75 -1.46 1.52 2.17
C LEU A 75 -1.87 0.40 3.13
N LEU A 76 -3.15 0.08 3.17
CA LEU A 76 -3.61 -0.99 4.08
C LEU A 76 -4.17 -2.17 3.29
N LEU A 77 -4.04 -3.36 3.81
CA LEU A 77 -4.58 -4.55 3.09
C LEU A 77 -6.05 -4.76 3.45
N LEU A 78 -6.85 -5.25 2.54
CA LEU A 78 -8.28 -5.47 2.84
C LEU A 78 -8.88 -6.49 1.87
N THR A 79 -9.96 -7.13 2.26
CA THR A 79 -10.58 -8.14 1.36
C THR A 79 -12.08 -8.24 1.65
N ALA A 80 -12.80 -8.98 0.86
CA ALA A 80 -14.27 -9.11 1.09
C ALA A 80 -14.54 -9.38 2.58
N GLY A 81 -13.68 -10.14 3.21
CA GLY A 81 -13.89 -10.45 4.65
C GLY A 81 -13.26 -9.35 5.51
N GLU A 82 -13.07 -8.17 4.96
CA GLU A 82 -12.46 -7.08 5.75
C GLU A 82 -12.82 -5.71 5.18
N THR A 83 -12.88 -4.70 6.01
CA THR A 83 -13.24 -3.34 5.51
C THR A 83 -12.46 -2.28 6.32
N TRP A 84 -11.87 -1.33 5.66
CA TRP A 84 -11.11 -0.28 6.39
C TRP A 84 -11.97 0.97 6.58
N HIS A 85 -12.12 1.41 7.80
CA HIS A 85 -12.94 2.63 8.05
C HIS A 85 -12.27 3.86 7.45
N GLY A 86 -11.32 4.43 8.14
CA GLY A 86 -10.62 5.64 7.62
C GLY A 86 -10.07 6.47 8.77
N TYR A 87 -8.82 6.82 8.73
CA TYR A 87 -8.22 7.64 9.82
C TYR A 87 -8.96 8.97 9.93
N VAL A 88 -9.33 9.36 11.12
CA VAL A 88 -10.06 10.65 11.29
C VAL A 88 -9.08 11.83 11.28
N SER A 89 -9.58 13.03 11.15
CA SER A 89 -8.67 14.21 11.12
C SER A 89 -8.65 14.88 12.49
N ASP A 90 -8.21 14.17 13.50
CA ASP A 90 -8.15 14.77 14.86
C ASP A 90 -9.53 15.31 15.26
N MET A 4 24.43 14.91 -14.19
CA MET A 4 24.09 15.55 -12.89
C MET A 4 23.27 14.58 -12.02
N CYS A 5 22.82 15.02 -10.88
CA CYS A 5 22.02 14.12 -9.99
C CYS A 5 20.86 13.51 -10.78
N ALA A 6 20.49 12.30 -10.46
CA ALA A 6 19.37 11.65 -11.19
C ALA A 6 19.05 10.29 -10.56
N VAL A 7 18.86 10.25 -9.27
CA VAL A 7 18.55 8.96 -8.60
C VAL A 7 17.06 8.90 -8.24
N LEU A 8 16.21 9.26 -9.15
CA LEU A 8 14.74 9.21 -8.88
C LEU A 8 14.44 9.97 -7.57
N ARG A 9 14.97 11.14 -7.41
CA ARG A 9 14.70 11.91 -6.17
C ARG A 9 14.79 10.99 -4.94
N GLN A 10 15.81 10.19 -4.86
CA GLN A 10 15.96 9.26 -3.70
C GLN A 10 14.88 8.17 -3.76
N PRO A 11 15.10 7.12 -3.02
CA PRO A 11 14.15 5.99 -2.98
C PRO A 11 12.87 6.38 -2.24
N LYS A 12 11.74 5.99 -2.76
CA LYS A 12 10.45 6.33 -2.08
C LYS A 12 10.17 5.31 -0.97
N CYS A 13 9.21 5.57 -0.14
CA CYS A 13 8.90 4.61 0.96
C CYS A 13 7.38 4.51 1.18
N VAL A 14 6.92 3.39 1.66
CA VAL A 14 5.45 3.24 1.88
C VAL A 14 5.20 2.31 3.08
N LYS A 15 4.20 2.60 3.87
CA LYS A 15 3.91 1.75 5.05
C LYS A 15 2.77 0.77 4.70
N LEU A 16 3.10 -0.41 4.25
CA LEU A 16 2.05 -1.40 3.90
C LEU A 16 1.40 -1.96 5.16
N ARG A 17 0.44 -1.27 5.70
CA ARG A 17 -0.24 -1.75 6.94
C ARG A 17 -1.30 -2.80 6.57
N ALA A 18 -1.71 -3.62 7.50
CA ALA A 18 -2.73 -4.65 7.18
C ALA A 18 -3.72 -4.80 8.34
N LEU A 19 -4.99 -4.70 8.07
CA LEU A 19 -6.00 -4.85 9.15
C LEU A 19 -6.03 -6.30 9.64
N HIS A 20 -5.62 -7.21 8.81
CA HIS A 20 -5.63 -8.65 9.23
C HIS A 20 -4.40 -8.95 10.08
N SER A 21 -3.63 -7.94 10.42
CA SER A 21 -2.42 -8.17 11.26
C SER A 21 -2.12 -6.91 12.09
N ALA A 22 -1.57 -7.09 13.25
CA ALA A 22 -1.26 -5.91 14.11
C ALA A 22 0.09 -5.29 13.72
N CYS A 23 0.25 -4.95 12.47
CA CYS A 23 1.55 -4.35 12.03
C CYS A 23 1.47 -3.88 10.57
N LYS A 24 2.57 -3.47 10.02
CA LYS A 24 2.58 -3.00 8.61
C LYS A 24 3.91 -3.36 7.94
N PHE A 25 4.25 -2.70 6.87
CA PHE A 25 5.53 -3.03 6.19
C PHE A 25 6.13 -1.77 5.53
N GLY A 26 6.76 -0.93 6.31
CA GLY A 26 7.38 0.30 5.72
C GLY A 26 8.45 -0.11 4.72
N VAL A 27 8.06 -0.45 3.52
CA VAL A 27 9.07 -0.87 2.50
C VAL A 27 9.49 0.32 1.64
N ALA A 28 10.73 0.36 1.24
CA ALA A 28 11.21 1.49 0.38
C ALA A 28 11.81 0.95 -0.92
N ALA A 29 11.80 1.73 -1.97
CA ALA A 29 12.37 1.26 -3.26
C ALA A 29 12.31 2.38 -4.30
N ARG A 30 13.41 2.64 -4.97
CA ARG A 30 13.42 3.71 -6.00
C ARG A 30 12.17 3.60 -6.89
N SER A 31 11.99 2.48 -7.52
CA SER A 31 10.79 2.31 -8.40
C SER A 31 9.57 1.93 -7.56
N CYS A 32 8.75 2.90 -7.24
CA CYS A 32 7.54 2.60 -6.42
C CYS A 32 6.87 1.31 -6.91
N GLN A 33 7.02 1.01 -8.18
CA GLN A 33 6.40 -0.24 -8.71
C GLN A 33 6.90 -1.45 -7.93
N GLU A 34 8.05 -1.33 -7.32
CA GLU A 34 8.60 -2.49 -6.54
C GLU A 34 7.84 -2.65 -5.22
N LEU A 35 7.63 -1.58 -4.52
CA LEU A 35 6.89 -1.67 -3.23
C LEU A 35 5.48 -2.20 -3.46
N LEU A 36 4.84 -1.77 -4.51
CA LEU A 36 3.45 -2.25 -4.80
C LEU A 36 3.46 -3.76 -5.04
N ARG A 37 4.19 -4.21 -6.01
CA ARG A 37 4.24 -5.68 -6.29
C ARG A 37 4.74 -6.43 -5.05
N LYS A 38 6.00 -6.30 -4.76
CA LYS A 38 6.56 -6.99 -3.56
C LYS A 38 5.60 -6.86 -2.38
N GLY A 39 4.92 -5.74 -2.29
CA GLY A 39 3.96 -5.54 -1.17
C GLY A 39 2.84 -6.57 -1.28
N CYS A 40 2.18 -6.63 -2.41
CA CYS A 40 1.08 -7.61 -2.58
C CYS A 40 1.63 -9.03 -2.44
N VAL A 41 2.93 -9.18 -2.47
CA VAL A 41 3.52 -10.53 -2.34
C VAL A 41 3.74 -10.86 -0.86
N ARG A 42 4.35 -9.96 -0.14
CA ARG A 42 4.58 -10.22 1.32
C ARG A 42 3.24 -10.16 2.06
N PHE A 43 2.28 -9.45 1.52
CA PHE A 43 0.95 -9.35 2.19
C PHE A 43 -0.03 -10.30 1.51
N GLN A 44 0.28 -10.73 0.31
CA GLN A 44 -0.64 -11.67 -0.40
C GLN A 44 -2.01 -11.04 -0.61
N LEU A 45 -2.16 -10.24 -1.64
CA LEU A 45 -3.49 -9.60 -1.89
C LEU A 45 -3.95 -9.92 -3.32
N PRO A 46 -4.88 -10.83 -3.40
CA PRO A 46 -5.42 -11.24 -4.72
C PRO A 46 -6.30 -10.14 -5.31
N MET A 47 -6.46 -10.11 -6.60
CA MET A 47 -7.31 -9.06 -7.23
C MET A 47 -8.79 -9.36 -6.98
N PRO A 48 -9.17 -10.58 -7.24
CA PRO A 48 -10.57 -11.00 -7.05
C PRO A 48 -10.85 -11.30 -5.57
N GLY A 49 -11.93 -10.81 -5.04
CA GLY A 49 -12.25 -11.06 -3.61
C GLY A 49 -11.18 -10.42 -2.73
N SER A 50 -10.79 -9.21 -3.03
CA SER A 50 -9.76 -8.54 -2.20
C SER A 50 -9.70 -7.05 -2.53
N ARG A 51 -8.91 -6.27 -1.83
CA ARG A 51 -8.85 -4.83 -2.12
C ARG A 51 -7.98 -4.10 -1.10
N LEU A 52 -7.29 -3.07 -1.52
CA LEU A 52 -6.44 -2.29 -0.58
C LEU A 52 -7.05 -0.92 -0.34
N CYS A 53 -6.48 -0.14 0.53
CA CYS A 53 -7.06 1.22 0.80
C CYS A 53 -6.01 2.14 1.41
N LEU A 54 -6.08 3.41 1.11
CA LEU A 54 -5.10 4.37 1.66
C LEU A 54 -5.37 4.59 3.16
N TYR A 55 -4.48 4.14 4.00
CA TYR A 55 -4.68 4.32 5.47
C TYR A 55 -4.55 5.79 5.84
N GLU A 56 -4.01 6.59 4.95
CA GLU A 56 -3.85 8.04 5.25
C GLU A 56 -5.18 8.64 5.68
N ASP A 57 -6.24 8.33 4.99
CA ASP A 57 -7.57 8.89 5.38
C ASP A 57 -8.64 7.80 5.33
N GLY A 58 -8.52 6.86 4.41
CA GLY A 58 -9.53 5.78 4.32
C GLY A 58 -9.98 5.63 2.87
N THR A 59 -9.07 5.75 1.94
CA THR A 59 -9.44 5.61 0.50
C THR A 59 -9.31 4.15 0.07
N GLU A 60 -9.76 3.82 -1.10
CA GLU A 60 -9.66 2.40 -1.57
C GLU A 60 -8.85 2.35 -2.86
N VAL A 61 -7.95 1.40 -2.96
CA VAL A 61 -7.11 1.31 -4.20
C VAL A 61 -6.60 -0.12 -4.39
N THR A 62 -6.06 -0.40 -5.55
CA THR A 62 -5.54 -1.77 -5.80
C THR A 62 -4.01 -1.75 -5.87
N ASP A 63 -3.38 -2.88 -5.69
CA ASP A 63 -1.89 -2.92 -5.73
C ASP A 63 -1.39 -2.63 -7.14
N ASP A 64 -2.27 -2.55 -8.10
CA ASP A 64 -1.84 -2.27 -9.50
C ASP A 64 -2.17 -0.83 -9.88
N CYS A 65 -3.05 -0.20 -9.15
CA CYS A 65 -3.41 1.21 -9.48
C CYS A 65 -2.40 2.18 -8.86
N PHE A 66 -2.00 1.93 -7.64
CA PHE A 66 -1.01 2.83 -6.97
C PHE A 66 0.06 3.28 -7.97
N PRO A 67 -0.10 4.48 -8.46
CA PRO A 67 0.87 5.04 -9.44
C PRO A 67 2.15 5.48 -8.73
N GLY A 68 2.19 6.71 -8.28
CA GLY A 68 3.41 7.20 -7.57
C GLY A 68 3.01 7.77 -6.21
N LEU A 69 2.54 6.94 -5.33
CA LEU A 69 2.13 7.43 -3.97
C LEU A 69 3.17 8.41 -3.44
N PRO A 70 2.75 9.16 -2.45
CA PRO A 70 3.65 10.15 -1.82
C PRO A 70 4.70 9.44 -0.97
N ASN A 71 5.35 10.15 -0.07
CA ASN A 71 6.38 9.49 0.79
C ASN A 71 5.71 8.62 1.85
N ASP A 72 6.37 7.58 2.27
CA ASP A 72 5.78 6.69 3.30
C ASP A 72 4.30 6.44 2.98
N ALA A 73 3.97 6.31 1.73
CA ALA A 73 2.55 6.07 1.34
C ALA A 73 1.90 5.09 2.30
N GLU A 74 1.14 5.56 3.24
CA GLU A 74 0.48 4.65 4.22
C GLU A 74 -0.64 3.86 3.53
N LEU A 75 -0.42 2.60 3.27
CA LEU A 75 -1.46 1.78 2.61
C LEU A 75 -2.01 0.74 3.60
N LEU A 76 -3.11 0.12 3.28
CA LEU A 76 -3.69 -0.90 4.20
C LEU A 76 -4.28 -2.07 3.41
N LEU A 77 -4.05 -3.27 3.86
CA LEU A 77 -4.61 -4.46 3.14
C LEU A 77 -6.08 -4.66 3.50
N LEU A 78 -6.88 -5.12 2.59
CA LEU A 78 -8.32 -5.34 2.89
C LEU A 78 -8.92 -6.35 1.93
N THR A 79 -10.02 -6.96 2.28
CA THR A 79 -10.65 -7.96 1.37
C THR A 79 -12.16 -7.99 1.59
N ALA A 80 -12.88 -8.73 0.79
CA ALA A 80 -14.36 -8.79 0.97
C ALA A 80 -14.69 -9.14 2.42
N GLY A 81 -13.79 -9.78 3.11
CA GLY A 81 -14.06 -10.13 4.53
C GLY A 81 -13.46 -9.04 5.43
N GLU A 82 -13.18 -7.90 4.88
CA GLU A 82 -12.59 -6.80 5.71
C GLU A 82 -12.99 -5.43 5.15
N THR A 83 -12.88 -4.40 5.94
CA THR A 83 -13.27 -3.04 5.46
C THR A 83 -12.55 -1.97 6.29
N TRP A 84 -12.13 -0.90 5.67
CA TRP A 84 -11.44 0.18 6.44
C TRP A 84 -12.26 1.47 6.39
N HIS A 85 -12.44 2.10 7.53
CA HIS A 85 -13.23 3.36 7.55
C HIS A 85 -12.34 4.57 7.26
N GLY A 86 -11.62 5.03 8.24
CA GLY A 86 -10.71 6.20 8.02
C GLY A 86 -9.78 6.35 9.23
N TYR A 87 -8.64 6.93 9.03
CA TYR A 87 -7.68 7.12 10.16
C TYR A 87 -7.90 8.47 10.84
N VAL A 88 -8.66 8.50 11.90
CA VAL A 88 -8.91 9.80 12.59
C VAL A 88 -7.88 10.01 13.70
N SER A 89 -7.57 11.24 14.01
CA SER A 89 -6.58 11.52 15.09
C SER A 89 -7.30 11.86 16.39
N ASP A 90 -7.85 10.88 17.05
CA ASP A 90 -8.57 11.14 18.33
C ASP A 90 -7.60 11.08 19.51
N MET A 4 24.20 4.77 -15.61
CA MET A 4 24.08 4.92 -17.08
C MET A 4 22.66 5.32 -17.46
N CYS A 5 22.35 6.58 -17.43
CA CYS A 5 20.98 7.03 -17.78
C CYS A 5 19.95 6.38 -16.85
N ALA A 6 18.69 6.49 -17.17
CA ALA A 6 17.65 5.87 -16.29
C ALA A 6 17.96 6.16 -14.83
N VAL A 7 17.98 7.42 -14.46
CA VAL A 7 18.27 7.77 -13.04
C VAL A 7 16.97 8.05 -12.28
N LEU A 8 16.79 7.41 -11.16
CA LEU A 8 15.54 7.65 -10.38
C LEU A 8 15.67 8.93 -9.54
N ARG A 9 14.67 9.24 -8.76
CA ARG A 9 14.73 10.46 -7.91
C ARG A 9 14.57 10.09 -6.43
N GLN A 10 15.57 9.50 -5.85
CA GLN A 10 15.49 9.11 -4.41
C GLN A 10 14.49 7.95 -4.25
N PRO A 11 14.82 7.08 -3.34
CA PRO A 11 13.96 5.89 -3.07
C PRO A 11 12.69 6.30 -2.32
N LYS A 12 11.54 5.99 -2.88
CA LYS A 12 10.27 6.35 -2.19
C LYS A 12 9.96 5.33 -1.10
N CYS A 13 9.20 5.71 -0.11
CA CYS A 13 8.86 4.75 0.98
C CYS A 13 7.34 4.63 1.15
N VAL A 14 6.89 3.50 1.62
CA VAL A 14 5.42 3.32 1.82
C VAL A 14 5.16 2.44 3.06
N LYS A 15 4.07 2.67 3.73
CA LYS A 15 3.76 1.86 4.94
C LYS A 15 2.78 0.74 4.60
N LEU A 16 3.26 -0.46 4.43
CA LEU A 16 2.36 -1.60 4.09
C LEU A 16 1.64 -2.11 5.36
N ARG A 17 0.66 -1.38 5.81
CA ARG A 17 -0.09 -1.81 7.03
C ARG A 17 -1.18 -2.82 6.64
N ALA A 18 -1.62 -3.64 7.56
CA ALA A 18 -2.68 -4.63 7.23
C ALA A 18 -3.76 -4.67 8.32
N LEU A 19 -4.99 -4.42 7.97
CA LEU A 19 -6.08 -4.45 8.98
C LEU A 19 -6.36 -5.88 9.42
N HIS A 20 -6.15 -6.83 8.55
CA HIS A 20 -6.40 -8.25 8.91
C HIS A 20 -5.23 -8.81 9.71
N SER A 21 -4.29 -7.96 10.04
CA SER A 21 -3.11 -8.44 10.83
C SER A 21 -2.93 -7.57 12.07
N ALA A 22 -1.78 -7.63 12.69
CA ALA A 22 -1.54 -6.81 13.90
C ALA A 22 -0.27 -5.97 13.73
N CYS A 23 0.03 -5.55 12.53
CA CYS A 23 1.25 -4.73 12.30
C CYS A 23 1.30 -4.20 10.88
N LYS A 24 2.45 -3.77 10.43
CA LYS A 24 2.59 -3.23 9.06
C LYS A 24 3.98 -3.52 8.51
N PHE A 25 4.37 -2.85 7.45
CA PHE A 25 5.73 -3.09 6.88
C PHE A 25 6.20 -1.87 6.10
N GLY A 26 6.87 -0.96 6.75
CA GLY A 26 7.37 0.25 6.03
C GLY A 26 8.44 -0.16 5.03
N VAL A 27 8.07 -0.35 3.79
CA VAL A 27 9.06 -0.77 2.78
C VAL A 27 9.40 0.41 1.85
N ALA A 28 10.59 0.42 1.30
CA ALA A 28 10.99 1.54 0.39
C ALA A 28 11.65 0.97 -0.86
N ALA A 29 11.73 1.76 -1.90
CA ALA A 29 12.38 1.27 -3.15
C ALA A 29 12.38 2.36 -4.23
N ARG A 30 13.43 2.45 -4.99
CA ARG A 30 13.50 3.50 -6.06
C ARG A 30 12.20 3.49 -6.87
N SER A 31 11.95 2.42 -7.59
CA SER A 31 10.71 2.36 -8.40
C SER A 31 9.52 1.99 -7.51
N CYS A 32 8.80 2.97 -7.04
CA CYS A 32 7.63 2.68 -6.15
C CYS A 32 6.85 1.48 -6.68
N GLN A 33 6.88 1.24 -7.96
CA GLN A 33 6.14 0.08 -8.53
C GLN A 33 6.63 -1.22 -7.88
N GLU A 34 7.83 -1.24 -7.38
CA GLU A 34 8.37 -2.48 -6.74
C GLU A 34 7.72 -2.68 -5.37
N LEU A 35 7.65 -1.65 -4.58
CA LEU A 35 7.03 -1.78 -3.23
C LEU A 35 5.58 -2.22 -3.35
N LEU A 36 4.88 -1.74 -4.34
CA LEU A 36 3.46 -2.12 -4.51
C LEU A 36 3.36 -3.61 -4.85
N ARG A 37 3.95 -4.01 -5.94
CA ARG A 37 3.91 -5.45 -6.33
C ARG A 37 4.47 -6.31 -5.20
N LYS A 38 5.76 -6.24 -4.98
CA LYS A 38 6.37 -7.04 -3.89
C LYS A 38 5.52 -6.91 -2.61
N GLY A 39 4.89 -5.78 -2.44
CA GLY A 39 4.04 -5.58 -1.23
C GLY A 39 2.90 -6.60 -1.25
N CYS A 40 2.19 -6.69 -2.35
CA CYS A 40 1.07 -7.67 -2.43
C CYS A 40 1.63 -9.09 -2.38
N VAL A 41 2.92 -9.24 -2.59
CA VAL A 41 3.53 -10.60 -2.56
C VAL A 41 3.78 -11.00 -1.10
N ARG A 42 4.34 -10.12 -0.33
CA ARG A 42 4.60 -10.44 1.11
C ARG A 42 3.28 -10.43 1.88
N PHE A 43 2.36 -9.59 1.48
CA PHE A 43 1.05 -9.53 2.18
C PHE A 43 0.06 -10.50 1.52
N GLN A 44 0.41 -11.03 0.39
CA GLN A 44 -0.49 -11.98 -0.31
C GLN A 44 -1.89 -11.37 -0.46
N LEU A 45 -2.09 -10.55 -1.46
CA LEU A 45 -3.43 -9.93 -1.65
C LEU A 45 -3.95 -10.23 -3.06
N PRO A 46 -4.98 -11.03 -3.12
CA PRO A 46 -5.59 -11.40 -4.42
C PRO A 46 -6.37 -10.22 -4.99
N MET A 47 -6.66 -10.25 -6.26
CA MET A 47 -7.43 -9.12 -6.88
C MET A 47 -8.90 -9.22 -6.50
N PRO A 48 -9.48 -10.37 -6.77
CA PRO A 48 -10.91 -10.59 -6.46
C PRO A 48 -11.09 -10.87 -4.97
N GLY A 49 -12.24 -10.58 -4.43
CA GLY A 49 -12.48 -10.83 -2.97
C GLY A 49 -11.37 -10.17 -2.15
N SER A 50 -10.82 -9.09 -2.64
CA SER A 50 -9.74 -8.41 -1.88
C SER A 50 -9.68 -6.92 -2.28
N ARG A 51 -8.88 -6.15 -1.59
CA ARG A 51 -8.79 -4.71 -1.93
C ARG A 51 -7.83 -4.00 -0.98
N LEU A 52 -7.02 -3.10 -1.49
CA LEU A 52 -6.07 -2.37 -0.62
C LEU A 52 -6.47 -0.90 -0.54
N CYS A 53 -6.78 -0.41 0.63
CA CYS A 53 -7.21 1.01 0.76
C CYS A 53 -6.07 1.87 1.32
N LEU A 54 -6.09 3.15 1.03
CA LEU A 54 -5.03 4.04 1.54
C LEU A 54 -5.36 4.49 2.97
N TYR A 55 -4.47 4.26 3.89
CA TYR A 55 -4.75 4.66 5.31
C TYR A 55 -4.63 6.18 5.47
N GLU A 56 -4.36 6.89 4.41
CA GLU A 56 -4.23 8.37 4.52
C GLU A 56 -5.55 8.98 5.03
N ASP A 57 -6.64 8.70 4.36
CA ASP A 57 -7.94 9.25 4.81
C ASP A 57 -9.07 8.27 4.53
N GLY A 58 -8.74 7.01 4.37
CA GLY A 58 -9.79 6.00 4.08
C GLY A 58 -10.03 5.91 2.58
N THR A 59 -9.00 6.06 1.80
CA THR A 59 -9.17 5.98 0.31
C THR A 59 -9.19 4.52 -0.13
N GLU A 60 -9.67 4.25 -1.32
CA GLU A 60 -9.71 2.85 -1.81
C GLU A 60 -8.79 2.67 -3.03
N VAL A 61 -8.02 1.62 -3.05
CA VAL A 61 -7.10 1.40 -4.20
C VAL A 61 -6.80 -0.09 -4.37
N THR A 62 -6.02 -0.45 -5.35
CA THR A 62 -5.71 -1.90 -5.56
C THR A 62 -4.20 -2.07 -5.75
N ASP A 63 -3.70 -3.26 -5.58
CA ASP A 63 -2.24 -3.50 -5.74
C ASP A 63 -1.85 -3.44 -7.23
N ASP A 64 -2.80 -3.23 -8.10
CA ASP A 64 -2.46 -3.16 -9.55
C ASP A 64 -2.68 -1.74 -10.08
N CYS A 65 -3.30 -0.89 -9.31
CA CYS A 65 -3.55 0.51 -9.79
C CYS A 65 -2.50 1.46 -9.21
N PHE A 66 -2.11 1.25 -7.98
CA PHE A 66 -1.08 2.15 -7.35
C PHE A 66 0.02 2.49 -8.36
N PRO A 67 -0.10 3.65 -8.94
CA PRO A 67 0.89 4.11 -9.93
C PRO A 67 2.13 4.68 -9.22
N GLY A 68 1.99 5.79 -8.55
CA GLY A 68 3.15 6.39 -7.84
C GLY A 68 2.67 7.11 -6.58
N LEU A 69 2.13 6.37 -5.64
CA LEU A 69 1.63 7.01 -4.39
C LEU A 69 2.63 8.07 -3.90
N PRO A 70 2.15 8.91 -3.03
CA PRO A 70 3.00 9.99 -2.46
C PRO A 70 4.04 9.39 -1.51
N ASN A 71 5.07 10.13 -1.20
CA ASN A 71 6.11 9.59 -0.29
C ASN A 71 5.46 8.88 0.91
N ASP A 72 6.14 7.94 1.48
CA ASP A 72 5.56 7.21 2.65
C ASP A 72 4.11 6.83 2.35
N ALA A 73 3.83 6.48 1.13
CA ALA A 73 2.43 6.08 0.77
C ALA A 73 1.90 5.06 1.78
N GLU A 74 0.93 5.43 2.57
CA GLU A 74 0.38 4.48 3.58
C GLU A 74 -0.64 3.53 2.93
N LEU A 75 -0.31 2.27 2.83
CA LEU A 75 -1.26 1.30 2.22
C LEU A 75 -1.82 0.37 3.29
N LEU A 76 -3.03 -0.09 3.14
CA LEU A 76 -3.62 -0.99 4.17
C LEU A 76 -4.26 -2.21 3.51
N LEU A 77 -3.88 -3.39 3.93
CA LEU A 77 -4.48 -4.62 3.32
C LEU A 77 -5.95 -4.73 3.73
N LEU A 78 -6.81 -4.97 2.77
CA LEU A 78 -8.26 -5.10 3.10
C LEU A 78 -8.92 -6.10 2.15
N THR A 79 -10.05 -6.64 2.51
CA THR A 79 -10.72 -7.62 1.62
C THR A 79 -12.24 -7.51 1.75
N ALA A 80 -12.97 -8.33 1.05
CA ALA A 80 -14.46 -8.27 1.13
C ALA A 80 -14.92 -8.51 2.57
N GLY A 81 -14.23 -9.35 3.29
CA GLY A 81 -14.63 -9.61 4.70
C GLY A 81 -14.03 -8.53 5.61
N GLU A 82 -13.50 -7.49 5.03
CA GLU A 82 -12.90 -6.40 5.86
C GLU A 82 -13.20 -5.03 5.25
N THR A 83 -13.21 -4.01 6.06
CA THR A 83 -13.50 -2.64 5.54
C THR A 83 -12.79 -1.60 6.38
N TRP A 84 -12.27 -0.57 5.78
CA TRP A 84 -11.57 0.49 6.57
C TRP A 84 -12.33 1.81 6.48
N HIS A 85 -12.60 2.43 7.60
CA HIS A 85 -13.34 3.72 7.58
C HIS A 85 -12.49 4.81 6.92
N GLY A 86 -11.44 5.23 7.58
CA GLY A 86 -10.57 6.29 6.99
C GLY A 86 -9.95 7.12 8.11
N TYR A 87 -8.67 7.35 8.07
CA TYR A 87 -8.02 8.15 9.14
C TYR A 87 -8.54 9.60 9.11
N VAL A 88 -8.76 10.18 10.26
CA VAL A 88 -9.26 11.58 10.31
C VAL A 88 -8.09 12.56 10.49
N SER A 89 -8.01 13.55 9.64
CA SER A 89 -6.90 14.54 9.76
C SER A 89 -7.46 15.97 9.72
N ASP A 90 -8.44 16.25 10.52
CA ASP A 90 -9.03 17.62 10.52
C ASP A 90 -8.24 18.54 11.46
N MET A 4 19.88 1.03 -17.43
CA MET A 4 19.99 1.44 -18.87
C MET A 4 19.24 2.75 -19.10
N CYS A 5 19.85 3.86 -18.76
CA CYS A 5 19.16 5.17 -18.96
C CYS A 5 17.87 5.23 -18.16
N ALA A 6 17.96 5.35 -16.86
CA ALA A 6 16.73 5.42 -16.03
C ALA A 6 17.07 5.91 -14.62
N VAL A 7 17.53 7.12 -14.51
CA VAL A 7 17.88 7.66 -13.16
C VAL A 7 16.60 7.96 -12.37
N LEU A 8 16.58 7.63 -11.12
CA LEU A 8 15.36 7.89 -10.29
C LEU A 8 15.53 9.17 -9.48
N ARG A 9 14.68 9.38 -8.51
CA ARG A 9 14.79 10.61 -7.68
C ARG A 9 14.60 10.25 -6.20
N GLN A 10 15.63 9.79 -5.56
CA GLN A 10 15.53 9.40 -4.13
C GLN A 10 14.63 8.18 -3.98
N PRO A 11 14.99 7.32 -3.06
CA PRO A 11 14.20 6.09 -2.83
C PRO A 11 12.86 6.40 -2.16
N LYS A 12 11.78 5.96 -2.75
CA LYS A 12 10.45 6.23 -2.15
C LYS A 12 10.12 5.15 -1.11
N CYS A 13 9.30 5.46 -0.14
CA CYS A 13 8.95 4.45 0.89
C CYS A 13 7.43 4.32 1.03
N VAL A 14 6.96 3.23 1.56
CA VAL A 14 5.49 3.04 1.72
C VAL A 14 5.21 2.17 2.94
N LYS A 15 4.26 2.55 3.75
CA LYS A 15 3.93 1.73 4.96
C LYS A 15 2.82 0.74 4.63
N LEU A 16 3.17 -0.48 4.31
CA LEU A 16 2.14 -1.50 3.98
C LEU A 16 1.46 -1.99 5.26
N ARG A 17 0.49 -1.27 5.74
CA ARG A 17 -0.23 -1.70 6.97
C ARG A 17 -1.28 -2.74 6.63
N ALA A 18 -1.73 -3.50 7.59
CA ALA A 18 -2.76 -4.53 7.28
C ALA A 18 -3.78 -4.64 8.43
N LEU A 19 -5.04 -4.64 8.12
CA LEU A 19 -6.07 -4.75 9.18
C LEU A 19 -6.13 -6.18 9.72
N HIS A 20 -5.65 -7.13 8.95
CA HIS A 20 -5.67 -8.54 9.40
C HIS A 20 -4.50 -8.79 10.38
N SER A 21 -3.76 -7.77 10.68
CA SER A 21 -2.61 -7.94 11.62
C SER A 21 -2.39 -6.66 12.42
N ALA A 22 -1.62 -6.74 13.47
CA ALA A 22 -1.37 -5.51 14.28
C ALA A 22 -0.04 -4.87 13.89
N CYS A 23 0.16 -4.59 12.63
CA CYS A 23 1.45 -3.97 12.21
C CYS A 23 1.41 -3.62 10.71
N LYS A 24 2.53 -3.22 10.18
CA LYS A 24 2.60 -2.85 8.73
C LYS A 24 3.97 -3.23 8.16
N PHE A 25 4.33 -2.68 7.04
CA PHE A 25 5.65 -3.00 6.44
C PHE A 25 6.25 -1.77 5.75
N GLY A 26 6.96 -0.96 6.47
CA GLY A 26 7.57 0.25 5.85
C GLY A 26 8.63 -0.18 4.84
N VAL A 27 8.22 -0.50 3.64
CA VAL A 27 9.21 -0.92 2.60
C VAL A 27 9.63 0.27 1.74
N ALA A 28 10.82 0.24 1.20
CA ALA A 28 11.27 1.37 0.35
C ALA A 28 11.88 0.85 -0.95
N ALA A 29 12.04 1.70 -1.93
CA ALA A 29 12.63 1.26 -3.22
C ALA A 29 12.67 2.42 -4.22
N ARG A 30 13.77 2.61 -4.88
CA ARG A 30 13.86 3.72 -5.87
C ARG A 30 12.67 3.69 -6.82
N SER A 31 12.17 2.52 -7.13
CA SER A 31 11.01 2.42 -8.05
C SER A 31 9.76 2.02 -7.25
N CYS A 32 8.98 2.99 -6.82
CA CYS A 32 7.76 2.67 -6.03
C CYS A 32 7.07 1.42 -6.58
N GLN A 33 7.22 1.18 -7.86
CA GLN A 33 6.56 -0.03 -8.45
C GLN A 33 7.09 -1.28 -7.77
N GLU A 34 8.33 -1.28 -7.38
CA GLU A 34 8.91 -2.48 -6.70
C GLU A 34 8.27 -2.66 -5.33
N LEU A 35 7.87 -1.59 -4.69
CA LEU A 35 7.23 -1.72 -3.35
C LEU A 35 5.78 -2.19 -3.51
N LEU A 36 5.13 -1.78 -4.56
CA LEU A 36 3.72 -2.21 -4.76
C LEU A 36 3.67 -3.71 -5.05
N ARG A 37 4.30 -4.15 -6.10
CA ARG A 37 4.29 -5.61 -6.42
C ARG A 37 4.78 -6.39 -5.19
N LYS A 38 5.92 -6.04 -4.68
CA LYS A 38 6.44 -6.75 -3.48
C LYS A 38 5.42 -6.66 -2.34
N GLY A 39 4.63 -5.62 -2.35
CA GLY A 39 3.61 -5.45 -1.28
C GLY A 39 2.56 -6.56 -1.39
N CYS A 40 2.00 -6.74 -2.56
CA CYS A 40 0.98 -7.81 -2.72
C CYS A 40 1.64 -9.18 -2.56
N VAL A 41 2.93 -9.25 -2.69
CA VAL A 41 3.63 -10.56 -2.53
C VAL A 41 3.82 -10.87 -1.05
N ARG A 42 4.41 -9.97 -0.31
CA ARG A 42 4.61 -10.22 1.14
C ARG A 42 3.27 -10.28 1.87
N PHE A 43 2.37 -9.39 1.53
CA PHE A 43 1.04 -9.39 2.19
C PHE A 43 0.11 -10.38 1.47
N GLN A 44 0.51 -10.83 0.31
CA GLN A 44 -0.33 -11.79 -0.45
C GLN A 44 -1.77 -11.27 -0.56
N LEU A 45 -2.01 -10.38 -1.48
CA LEU A 45 -3.39 -9.84 -1.63
C LEU A 45 -4.00 -10.32 -2.95
N PRO A 46 -4.91 -11.26 -2.84
CA PRO A 46 -5.58 -11.82 -4.03
C PRO A 46 -6.55 -10.81 -4.63
N MET A 47 -7.05 -11.07 -5.80
CA MET A 47 -8.01 -10.12 -6.45
C MET A 47 -9.45 -10.44 -6.03
N PRO A 48 -9.79 -11.70 -6.06
CA PRO A 48 -11.16 -12.13 -5.70
C PRO A 48 -11.32 -12.19 -4.17
N GLY A 49 -12.22 -11.42 -3.63
CA GLY A 49 -12.43 -11.43 -2.15
C GLY A 49 -11.34 -10.61 -1.48
N SER A 50 -10.81 -9.63 -2.16
CA SER A 50 -9.73 -8.80 -1.54
C SER A 50 -9.86 -7.34 -1.99
N ARG A 51 -9.06 -6.47 -1.45
CA ARG A 51 -9.13 -5.02 -1.83
C ARG A 51 -8.19 -4.20 -0.96
N LEU A 52 -7.55 -3.21 -1.52
CA LEU A 52 -6.62 -2.38 -0.70
C LEU A 52 -7.24 -0.99 -0.50
N CYS A 53 -6.75 -0.25 0.46
CA CYS A 53 -7.33 1.11 0.71
C CYS A 53 -6.26 2.05 1.27
N LEU A 54 -6.52 3.33 1.20
CA LEU A 54 -5.53 4.32 1.72
C LEU A 54 -5.80 4.61 3.20
N TYR A 55 -4.88 4.26 4.06
CA TYR A 55 -5.09 4.51 5.51
C TYR A 55 -5.02 6.01 5.82
N GLU A 56 -4.70 6.81 4.84
CA GLU A 56 -4.62 8.28 5.08
C GLU A 56 -5.98 8.81 5.51
N ASP A 57 -7.00 8.56 4.75
CA ASP A 57 -8.36 9.05 5.12
C ASP A 57 -9.40 7.95 4.92
N GLY A 58 -8.96 6.75 4.64
CA GLY A 58 -9.93 5.63 4.44
C GLY A 58 -10.29 5.52 2.96
N THR A 59 -9.40 5.91 2.09
CA THR A 59 -9.70 5.83 0.63
C THR A 59 -9.62 4.37 0.16
N GLU A 60 -9.92 4.11 -1.08
CA GLU A 60 -9.87 2.71 -1.57
C GLU A 60 -9.01 2.60 -2.82
N VAL A 61 -8.19 1.58 -2.90
CA VAL A 61 -7.31 1.41 -4.09
C VAL A 61 -6.92 -0.06 -4.26
N THR A 62 -6.25 -0.40 -5.33
CA THR A 62 -5.85 -1.81 -5.54
C THR A 62 -4.33 -1.91 -5.71
N ASP A 63 -3.78 -3.09 -5.61
CA ASP A 63 -2.31 -3.25 -5.76
C ASP A 63 -1.89 -3.00 -7.22
N ASP A 64 -2.84 -2.78 -8.08
CA ASP A 64 -2.50 -2.53 -9.52
C ASP A 64 -2.84 -1.09 -9.91
N CYS A 65 -3.51 -0.38 -9.05
CA CYS A 65 -3.86 1.03 -9.36
C CYS A 65 -2.97 2.00 -8.59
N PHE A 66 -1.85 1.54 -8.11
CA PHE A 66 -0.92 2.43 -7.36
C PHE A 66 0.24 2.88 -8.25
N PRO A 67 0.11 4.07 -8.78
CA PRO A 67 1.17 4.62 -9.66
C PRO A 67 2.39 5.03 -8.84
N GLY A 68 2.44 6.25 -8.40
CA GLY A 68 3.61 6.70 -7.59
C GLY A 68 3.11 7.33 -6.28
N LEU A 69 2.51 6.54 -5.43
CA LEU A 69 2.01 7.10 -4.14
C LEU A 69 3.01 8.09 -3.55
N PRO A 70 2.53 8.88 -2.64
CA PRO A 70 3.39 9.88 -1.96
C PRO A 70 4.38 9.18 -1.04
N ASN A 71 5.50 9.80 -0.76
CA ASN A 71 6.50 9.15 0.14
C ASN A 71 5.81 8.49 1.32
N ASP A 72 6.32 7.37 1.75
CA ASP A 72 5.68 6.66 2.90
C ASP A 72 4.21 6.42 2.60
N ALA A 73 3.89 6.14 1.36
CA ALA A 73 2.47 5.89 0.99
C ALA A 73 1.81 5.00 2.04
N GLU A 74 0.89 5.54 2.80
CA GLU A 74 0.21 4.73 3.84
C GLU A 74 -0.84 3.82 3.21
N LEU A 75 -0.52 2.58 2.98
CA LEU A 75 -1.50 1.64 2.37
C LEU A 75 -1.98 0.64 3.42
N LEU A 76 -3.14 0.07 3.23
CA LEU A 76 -3.65 -0.91 4.23
C LEU A 76 -4.32 -2.09 3.53
N LEU A 77 -3.87 -3.29 3.80
CA LEU A 77 -4.46 -4.49 3.15
C LEU A 77 -5.89 -4.70 3.65
N LEU A 78 -6.80 -5.04 2.77
CA LEU A 78 -8.21 -5.26 3.20
C LEU A 78 -8.85 -6.33 2.31
N THR A 79 -9.89 -6.97 2.78
CA THR A 79 -10.54 -8.02 1.94
C THR A 79 -12.04 -8.07 2.23
N ALA A 80 -12.76 -8.90 1.52
CA ALA A 80 -14.23 -8.99 1.75
C ALA A 80 -14.52 -9.19 3.23
N GLY A 81 -13.72 -9.95 3.91
CA GLY A 81 -13.94 -10.17 5.37
C GLY A 81 -13.27 -9.06 6.15
N GLU A 82 -12.91 -7.99 5.50
CA GLU A 82 -12.25 -6.86 6.22
C GLU A 82 -12.70 -5.52 5.64
N THR A 83 -12.81 -4.51 6.47
CA THR A 83 -13.24 -3.18 5.98
C THR A 83 -12.53 -2.08 6.78
N TRP A 84 -12.42 -0.89 6.22
CA TRP A 84 -11.74 0.20 6.96
C TRP A 84 -12.61 1.46 6.98
N HIS A 85 -12.86 2.00 8.14
CA HIS A 85 -13.70 3.23 8.23
C HIS A 85 -12.96 4.42 7.62
N GLY A 86 -11.81 4.75 8.14
CA GLY A 86 -11.05 5.90 7.60
C GLY A 86 -10.43 6.71 8.74
N TYR A 87 -9.44 7.51 8.44
CA TYR A 87 -8.80 8.32 9.52
C TYR A 87 -9.69 9.50 9.89
N VAL A 88 -9.68 9.90 11.14
CA VAL A 88 -10.53 11.05 11.56
C VAL A 88 -9.80 11.90 12.60
N SER A 89 -10.29 13.08 12.85
CA SER A 89 -9.61 13.97 13.85
C SER A 89 -10.65 14.81 14.59
N ASP A 90 -11.67 14.19 15.13
CA ASP A 90 -12.71 14.96 15.86
C ASP A 90 -12.11 15.57 17.14
N MET A 4 23.72 9.74 -19.31
CA MET A 4 22.26 9.67 -19.61
C MET A 4 21.45 10.15 -18.41
N CYS A 5 21.49 11.43 -18.12
CA CYS A 5 20.72 11.96 -16.96
C CYS A 5 19.27 11.49 -17.03
N ALA A 6 18.98 10.36 -16.43
CA ALA A 6 17.58 9.84 -16.46
C ALA A 6 17.43 8.66 -15.51
N VAL A 7 17.68 8.87 -14.24
CA VAL A 7 17.55 7.75 -13.25
C VAL A 7 17.02 8.29 -11.92
N LEU A 8 16.36 7.47 -11.16
CA LEU A 8 15.82 7.94 -9.86
C LEU A 8 16.95 8.07 -8.82
N ARG A 9 17.11 9.23 -8.25
CA ARG A 9 18.19 9.42 -7.24
C ARG A 9 17.59 9.55 -5.84
N GLN A 10 16.65 8.71 -5.52
CA GLN A 10 16.01 8.77 -4.17
C GLN A 10 14.98 7.66 -4.02
N PRO A 11 15.27 6.73 -3.15
CA PRO A 11 14.36 5.59 -2.92
C PRO A 11 13.10 6.04 -2.16
N LYS A 12 11.94 5.76 -2.69
CA LYS A 12 10.69 6.16 -2.00
C LYS A 12 10.35 5.15 -0.90
N CYS A 13 9.39 5.45 -0.08
CA CYS A 13 9.02 4.50 1.01
C CYS A 13 7.49 4.41 1.15
N VAL A 14 7.00 3.29 1.59
CA VAL A 14 5.52 3.13 1.76
C VAL A 14 5.22 2.22 2.95
N LYS A 15 4.36 2.67 3.83
CA LYS A 15 4.04 1.83 5.03
C LYS A 15 2.92 0.84 4.69
N LEU A 16 3.26 -0.37 4.35
CA LEU A 16 2.22 -1.38 4.00
C LEU A 16 1.52 -1.89 5.26
N ARG A 17 0.49 -1.22 5.69
CA ARG A 17 -0.25 -1.67 6.91
C ARG A 17 -1.24 -2.77 6.52
N ALA A 18 -1.59 -3.61 7.45
CA ALA A 18 -2.55 -4.71 7.13
C ALA A 18 -3.49 -4.97 8.31
N LEU A 19 -4.76 -4.76 8.12
CA LEU A 19 -5.73 -5.00 9.24
C LEU A 19 -5.68 -6.47 9.67
N HIS A 20 -5.32 -7.35 8.77
CA HIS A 20 -5.26 -8.79 9.13
C HIS A 20 -3.92 -9.11 9.81
N SER A 21 -3.17 -8.09 10.16
CA SER A 21 -1.85 -8.34 10.82
C SER A 21 -1.77 -7.53 12.11
N ALA A 22 -0.58 -7.33 12.62
CA ALA A 22 -0.42 -6.55 13.88
C ALA A 22 0.39 -5.27 13.62
N CYS A 23 0.57 -4.91 12.38
CA CYS A 23 1.36 -3.69 12.07
C CYS A 23 1.44 -3.47 10.55
N LYS A 24 2.46 -2.78 10.11
CA LYS A 24 2.61 -2.52 8.65
C LYS A 24 4.02 -2.88 8.19
N PHE A 25 4.29 -2.78 6.92
CA PHE A 25 5.65 -3.11 6.41
C PHE A 25 6.27 -1.89 5.72
N GLY A 26 6.89 -1.02 6.48
CA GLY A 26 7.51 0.19 5.86
C GLY A 26 8.57 -0.25 4.85
N VAL A 27 8.17 -0.53 3.64
CA VAL A 27 9.16 -0.96 2.61
C VAL A 27 9.61 0.23 1.77
N ALA A 28 10.83 0.23 1.29
CA ALA A 28 11.32 1.35 0.46
C ALA A 28 11.97 0.82 -0.82
N ALA A 29 11.94 1.58 -1.88
CA ALA A 29 12.55 1.11 -3.15
C ALA A 29 12.56 2.24 -4.19
N ARG A 30 13.60 2.33 -4.97
CA ARG A 30 13.68 3.41 -6.00
C ARG A 30 12.36 3.48 -6.77
N SER A 31 12.04 2.47 -7.53
CA SER A 31 10.77 2.48 -8.29
C SER A 31 9.60 2.07 -7.39
N CYS A 32 8.90 3.01 -6.83
CA CYS A 32 7.75 2.68 -5.95
C CYS A 32 6.96 1.52 -6.54
N GLN A 33 6.91 1.42 -7.85
CA GLN A 33 6.15 0.30 -8.48
C GLN A 33 6.65 -1.03 -7.94
N GLU A 34 7.89 -1.09 -7.54
CA GLU A 34 8.44 -2.36 -6.99
C GLU A 34 7.88 -2.60 -5.60
N LEU A 35 7.67 -1.56 -4.84
CA LEU A 35 7.11 -1.72 -3.47
C LEU A 35 5.66 -2.18 -3.55
N LEU A 36 4.95 -1.75 -4.56
CA LEU A 36 3.53 -2.16 -4.70
C LEU A 36 3.45 -3.66 -5.01
N ARG A 37 4.14 -4.09 -6.03
CA ARG A 37 4.11 -5.54 -6.38
C ARG A 37 4.66 -6.37 -5.22
N LYS A 38 5.90 -6.16 -4.86
CA LYS A 38 6.48 -6.92 -3.72
C LYS A 38 5.59 -6.77 -2.49
N GLY A 39 4.89 -5.67 -2.40
CA GLY A 39 4.00 -5.46 -1.22
C GLY A 39 2.88 -6.50 -1.22
N CYS A 40 2.29 -6.76 -2.36
CA CYS A 40 1.19 -7.77 -2.40
C CYS A 40 1.78 -9.18 -2.29
N VAL A 41 3.04 -9.34 -2.58
CA VAL A 41 3.66 -10.70 -2.48
C VAL A 41 3.80 -11.11 -1.02
N ARG A 42 4.34 -10.25 -0.19
CA ARG A 42 4.49 -10.61 1.25
C ARG A 42 3.15 -10.51 1.97
N PHE A 43 2.26 -9.69 1.48
CA PHE A 43 0.93 -9.56 2.14
C PHE A 43 -0.08 -10.51 1.50
N GLN A 44 0.32 -11.21 0.48
CA GLN A 44 -0.63 -12.16 -0.19
C GLN A 44 -1.97 -11.46 -0.43
N LEU A 45 -2.03 -10.55 -1.35
CA LEU A 45 -3.31 -9.83 -1.62
C LEU A 45 -3.81 -10.15 -3.03
N PRO A 46 -4.83 -10.97 -3.09
CA PRO A 46 -5.41 -11.35 -4.39
C PRO A 46 -6.19 -10.16 -5.00
N MET A 47 -6.38 -10.17 -6.28
CA MET A 47 -7.11 -9.04 -6.93
C MET A 47 -8.63 -9.27 -6.94
N PRO A 48 -9.05 -10.48 -7.16
CA PRO A 48 -10.50 -10.79 -7.20
C PRO A 48 -11.09 -10.87 -5.80
N GLY A 49 -10.50 -11.64 -4.93
CA GLY A 49 -11.06 -11.76 -3.55
C GLY A 49 -10.22 -10.90 -2.60
N SER A 50 -10.23 -9.61 -2.78
CA SER A 50 -9.43 -8.73 -1.89
C SER A 50 -9.68 -7.25 -2.23
N ARG A 51 -9.01 -6.36 -1.55
CA ARG A 51 -9.19 -4.91 -1.82
C ARG A 51 -8.26 -4.10 -0.91
N LEU A 52 -7.62 -3.10 -1.45
CA LEU A 52 -6.70 -2.27 -0.62
C LEU A 52 -7.30 -0.89 -0.41
N CYS A 53 -6.80 -0.15 0.55
CA CYS A 53 -7.36 1.21 0.79
C CYS A 53 -6.30 2.11 1.45
N LEU A 54 -6.19 3.33 1.02
CA LEU A 54 -5.20 4.26 1.62
C LEU A 54 -5.58 4.56 3.07
N TYR A 55 -4.80 4.10 4.01
CA TYR A 55 -5.11 4.36 5.44
C TYR A 55 -5.14 5.87 5.71
N GLU A 56 -4.58 6.65 4.84
CA GLU A 56 -4.59 8.13 5.05
C GLU A 56 -6.01 8.61 5.34
N ASP A 57 -6.95 8.29 4.49
CA ASP A 57 -8.35 8.74 4.73
C ASP A 57 -9.33 7.60 4.40
N GLY A 58 -8.87 6.38 4.45
CA GLY A 58 -9.77 5.23 4.15
C GLY A 58 -10.08 5.19 2.65
N THR A 59 -9.19 5.71 1.84
CA THR A 59 -9.44 5.68 0.37
C THR A 59 -9.40 4.24 -0.14
N GLU A 60 -9.87 3.99 -1.34
CA GLU A 60 -9.86 2.60 -1.87
C GLU A 60 -8.91 2.49 -3.07
N VAL A 61 -8.11 1.45 -3.10
CA VAL A 61 -7.17 1.25 -4.23
C VAL A 61 -6.79 -0.23 -4.34
N THR A 62 -6.06 -0.60 -5.36
CA THR A 62 -5.67 -2.04 -5.50
C THR A 62 -4.16 -2.15 -5.72
N ASP A 63 -3.59 -3.31 -5.44
CA ASP A 63 -2.14 -3.49 -5.64
C ASP A 63 -1.77 -3.31 -7.11
N ASP A 64 -2.74 -3.26 -7.98
CA ASP A 64 -2.45 -3.08 -9.43
C ASP A 64 -2.84 -1.68 -9.89
N CYS A 65 -3.26 -0.85 -8.97
CA CYS A 65 -3.64 0.55 -9.36
C CYS A 65 -2.65 1.55 -8.77
N PHE A 66 -2.23 1.34 -7.56
CA PHE A 66 -1.26 2.28 -6.92
C PHE A 66 -0.21 2.71 -7.93
N PRO A 67 -0.40 3.89 -8.46
CA PRO A 67 0.53 4.46 -9.46
C PRO A 67 1.82 4.92 -8.80
N GLY A 68 1.88 6.15 -8.38
CA GLY A 68 3.11 6.66 -7.72
C GLY A 68 2.74 7.32 -6.39
N LEU A 69 2.26 6.56 -5.45
CA LEU A 69 1.89 7.14 -4.13
C LEU A 69 2.97 8.11 -3.65
N PRO A 70 2.60 8.92 -2.70
CA PRO A 70 3.54 9.90 -2.12
C PRO A 70 4.55 9.19 -1.22
N ASN A 71 5.39 9.92 -0.54
CA ASN A 71 6.39 9.27 0.34
C ASN A 71 5.68 8.52 1.48
N ASP A 72 6.31 7.51 2.01
CA ASP A 72 5.68 6.74 3.10
C ASP A 72 4.20 6.49 2.78
N ALA A 73 3.90 6.23 1.54
CA ALA A 73 2.48 5.98 1.15
C ALA A 73 1.81 5.07 2.19
N GLU A 74 0.86 5.58 2.92
CA GLU A 74 0.18 4.76 3.95
C GLU A 74 -0.92 3.89 3.30
N LEU A 75 -0.66 2.63 3.13
CA LEU A 75 -1.68 1.73 2.50
C LEU A 75 -2.15 0.69 3.52
N LEU A 76 -3.32 0.14 3.34
CA LEU A 76 -3.83 -0.88 4.30
C LEU A 76 -4.40 -2.08 3.54
N LEU A 77 -3.92 -3.26 3.85
CA LEU A 77 -4.43 -4.48 3.16
C LEU A 77 -5.85 -4.79 3.64
N LEU A 78 -6.75 -5.08 2.73
CA LEU A 78 -8.14 -5.39 3.14
C LEU A 78 -8.74 -6.41 2.16
N THR A 79 -9.78 -7.08 2.56
CA THR A 79 -10.41 -8.09 1.64
C THR A 79 -11.91 -8.17 1.90
N ALA A 80 -12.62 -8.90 1.10
CA ALA A 80 -14.09 -9.01 1.30
C ALA A 80 -14.40 -9.43 2.74
N GLY A 81 -13.46 -10.07 3.39
CA GLY A 81 -13.69 -10.49 4.79
C GLY A 81 -13.14 -9.41 5.74
N GLU A 82 -12.89 -8.24 5.22
CA GLU A 82 -12.35 -7.14 6.08
C GLU A 82 -12.80 -5.78 5.56
N THR A 83 -12.84 -4.78 6.40
CA THR A 83 -13.26 -3.43 5.94
C THR A 83 -12.53 -2.34 6.72
N TRP A 84 -12.38 -1.18 6.14
CA TRP A 84 -11.68 -0.07 6.86
C TRP A 84 -12.49 1.21 6.79
N HIS A 85 -12.94 1.71 7.92
CA HIS A 85 -13.73 2.97 7.91
C HIS A 85 -12.89 4.13 7.36
N GLY A 86 -11.95 4.60 8.14
CA GLY A 86 -11.09 5.72 7.68
C GLY A 86 -10.44 6.41 8.88
N TYR A 87 -9.47 7.24 8.65
CA TYR A 87 -8.81 7.95 9.79
C TYR A 87 -9.54 9.25 10.11
N VAL A 88 -10.22 9.30 11.21
CA VAL A 88 -10.96 10.54 11.59
C VAL A 88 -9.99 11.56 12.21
N SER A 89 -10.21 12.82 11.96
CA SER A 89 -9.31 13.85 12.54
C SER A 89 -9.97 14.52 13.75
N ASP A 90 -10.27 13.75 14.76
CA ASP A 90 -10.91 14.34 15.98
C ASP A 90 -9.85 14.73 17.01
N MET A 4 11.39 3.19 -21.06
CA MET A 4 12.16 2.40 -20.06
C MET A 4 13.45 3.12 -19.69
N CYS A 5 14.07 2.74 -18.61
CA CYS A 5 15.35 3.41 -18.20
C CYS A 5 15.80 2.89 -16.83
N ALA A 6 16.79 3.52 -16.26
CA ALA A 6 17.28 3.06 -14.93
C ALA A 6 18.24 4.09 -14.32
N VAL A 7 17.71 5.05 -13.62
CA VAL A 7 18.59 6.10 -13.01
C VAL A 7 17.79 6.94 -12.02
N LEU A 8 17.48 6.40 -10.86
CA LEU A 8 16.70 7.18 -9.86
C LEU A 8 17.62 7.72 -8.77
N ARG A 9 17.33 8.89 -8.27
CA ARG A 9 18.19 9.48 -7.20
C ARG A 9 17.34 9.78 -5.96
N GLN A 10 16.51 8.85 -5.56
CA GLN A 10 15.65 9.08 -4.37
C GLN A 10 14.68 7.91 -4.20
N PRO A 11 15.02 7.01 -3.32
CA PRO A 11 14.18 5.83 -3.06
C PRO A 11 12.91 6.21 -2.31
N LYS A 12 11.77 5.89 -2.85
CA LYS A 12 10.49 6.23 -2.16
C LYS A 12 10.18 5.18 -1.09
N CYS A 13 9.38 5.53 -0.13
CA CYS A 13 9.05 4.54 0.95
C CYS A 13 7.53 4.40 1.11
N VAL A 14 7.07 3.26 1.54
CA VAL A 14 5.60 3.07 1.74
C VAL A 14 5.34 2.27 3.01
N LYS A 15 4.21 2.45 3.62
CA LYS A 15 3.89 1.69 4.86
C LYS A 15 2.79 0.68 4.58
N LEU A 16 3.14 -0.56 4.38
CA LEU A 16 2.11 -1.59 4.09
C LEU A 16 1.48 -2.09 5.39
N ARG A 17 0.44 -1.45 5.85
CA ARG A 17 -0.25 -1.89 7.09
C ARG A 17 -1.42 -2.79 6.72
N ALA A 18 -1.87 -3.63 7.61
CA ALA A 18 -3.02 -4.52 7.26
C ALA A 18 -4.04 -4.55 8.41
N LEU A 19 -5.30 -4.53 8.07
CA LEU A 19 -6.36 -4.57 9.13
C LEU A 19 -6.48 -5.99 9.68
N HIS A 20 -6.06 -6.97 8.93
CA HIS A 20 -6.14 -8.37 9.41
C HIS A 20 -5.01 -8.66 10.39
N SER A 21 -4.15 -7.70 10.61
CA SER A 21 -3.02 -7.90 11.56
C SER A 21 -2.55 -6.55 12.11
N ALA A 22 -2.27 -6.48 13.38
CA ALA A 22 -1.81 -5.19 13.96
C ALA A 22 -0.35 -4.92 13.58
N CYS A 23 -0.03 -4.96 12.32
CA CYS A 23 1.37 -4.71 11.90
C CYS A 23 1.41 -4.16 10.46
N LYS A 24 2.54 -3.66 10.05
CA LYS A 24 2.67 -3.12 8.68
C LYS A 24 4.11 -3.31 8.17
N PHE A 25 4.31 -3.23 6.89
CA PHE A 25 5.70 -3.43 6.36
C PHE A 25 6.23 -2.15 5.72
N GLY A 26 6.83 -1.29 6.49
CA GLY A 26 7.38 -0.03 5.91
C GLY A 26 8.54 -0.40 4.98
N VAL A 27 8.28 -0.53 3.71
CA VAL A 27 9.37 -0.90 2.75
C VAL A 27 9.76 0.29 1.88
N ALA A 28 10.97 0.31 1.39
CA ALA A 28 11.42 1.43 0.52
C ALA A 28 11.93 0.88 -0.80
N ALA A 29 12.11 1.73 -1.78
CA ALA A 29 12.61 1.24 -3.10
C ALA A 29 12.61 2.40 -4.12
N ARG A 30 13.53 2.38 -5.03
CA ARG A 30 13.58 3.47 -6.06
C ARG A 30 12.35 3.38 -6.97
N SER A 31 12.12 2.24 -7.56
CA SER A 31 10.95 2.09 -8.46
C SER A 31 9.69 1.77 -7.64
N CYS A 32 8.90 2.77 -7.33
CA CYS A 32 7.67 2.52 -6.54
C CYS A 32 6.98 1.24 -7.01
N GLN A 33 7.10 0.92 -8.27
CA GLN A 33 6.46 -0.31 -8.80
C GLN A 33 6.92 -1.52 -7.97
N GLU A 34 8.09 -1.44 -7.40
CA GLU A 34 8.57 -2.58 -6.58
C GLU A 34 7.87 -2.58 -5.22
N LEU A 35 7.74 -1.43 -4.61
CA LEU A 35 7.05 -1.35 -3.30
C LEU A 35 5.63 -1.92 -3.43
N LEU A 36 4.95 -1.59 -4.49
CA LEU A 36 3.56 -2.11 -4.68
C LEU A 36 3.62 -3.62 -4.91
N ARG A 37 4.29 -4.06 -5.94
CA ARG A 37 4.37 -5.53 -6.19
C ARG A 37 4.88 -6.25 -4.94
N LYS A 38 6.14 -6.07 -4.62
CA LYS A 38 6.69 -6.73 -3.41
C LYS A 38 5.73 -6.53 -2.23
N GLY A 39 4.94 -5.49 -2.27
CA GLY A 39 3.99 -5.24 -1.16
C GLY A 39 2.85 -6.25 -1.24
N CYS A 40 2.21 -6.35 -2.37
CA CYS A 40 1.08 -7.32 -2.51
C CYS A 40 1.63 -8.75 -2.42
N VAL A 41 2.93 -8.91 -2.48
CA VAL A 41 3.52 -10.27 -2.40
C VAL A 41 3.64 -10.69 -0.94
N ARG A 42 4.52 -10.07 -0.20
CA ARG A 42 4.68 -10.44 1.24
C ARG A 42 3.32 -10.42 1.93
N PHE A 43 2.44 -9.56 1.49
CA PHE A 43 1.07 -9.50 2.11
C PHE A 43 0.13 -10.45 1.38
N GLN A 44 0.50 -10.85 0.20
CA GLN A 44 -0.36 -11.78 -0.59
C GLN A 44 -1.77 -11.20 -0.77
N LEU A 45 -1.94 -10.31 -1.71
CA LEU A 45 -3.29 -9.72 -1.94
C LEU A 45 -3.78 -10.06 -3.34
N PRO A 46 -4.71 -10.98 -3.41
CA PRO A 46 -5.28 -11.40 -4.71
C PRO A 46 -6.17 -10.29 -5.28
N MET A 47 -6.35 -10.27 -6.57
CA MET A 47 -7.20 -9.22 -7.19
C MET A 47 -8.65 -9.37 -6.72
N PRO A 48 -9.17 -10.54 -6.93
CA PRO A 48 -10.57 -10.83 -6.53
C PRO A 48 -10.67 -11.09 -5.02
N GLY A 49 -11.86 -11.07 -4.49
CA GLY A 49 -12.03 -11.32 -3.03
C GLY A 49 -10.95 -10.57 -2.24
N SER A 50 -10.55 -9.42 -2.70
CA SER A 50 -9.51 -8.65 -1.97
C SER A 50 -9.65 -7.16 -2.27
N ARG A 51 -8.92 -6.33 -1.58
CA ARG A 51 -9.03 -4.86 -1.83
C ARG A 51 -8.11 -4.09 -0.88
N LEU A 52 -7.56 -3.00 -1.34
CA LEU A 52 -6.67 -2.18 -0.48
C LEU A 52 -7.30 -0.80 -0.25
N CYS A 53 -6.76 -0.01 0.64
CA CYS A 53 -7.37 1.33 0.88
C CYS A 53 -6.36 2.27 1.54
N LEU A 54 -6.23 3.47 1.02
CA LEU A 54 -5.29 4.45 1.62
C LEU A 54 -5.59 4.61 3.12
N TYR A 55 -4.58 4.58 3.94
CA TYR A 55 -4.82 4.72 5.41
C TYR A 55 -4.70 6.20 5.82
N GLU A 56 -4.17 7.03 4.97
CA GLU A 56 -4.04 8.46 5.33
C GLU A 56 -5.39 9.03 5.77
N ASP A 57 -6.47 8.44 5.32
CA ASP A 57 -7.81 8.96 5.71
C ASP A 57 -8.86 7.85 5.59
N GLY A 58 -8.83 7.09 4.52
CA GLY A 58 -9.85 6.01 4.36
C GLY A 58 -10.28 5.92 2.90
N THR A 59 -9.36 5.77 2.00
CA THR A 59 -9.72 5.66 0.56
C THR A 59 -9.61 4.22 0.08
N GLU A 60 -10.24 3.87 -1.01
CA GLU A 60 -10.16 2.47 -1.50
C GLU A 60 -9.36 2.41 -2.80
N VAL A 61 -8.40 1.52 -2.89
CA VAL A 61 -7.57 1.42 -4.12
C VAL A 61 -7.12 -0.02 -4.34
N THR A 62 -6.51 -0.30 -5.46
CA THR A 62 -6.04 -1.70 -5.73
C THR A 62 -4.51 -1.75 -5.81
N ASP A 63 -3.94 -2.90 -5.61
CA ASP A 63 -2.46 -3.02 -5.67
C ASP A 63 -1.96 -2.86 -7.11
N ASP A 64 -2.85 -2.92 -8.06
CA ASP A 64 -2.44 -2.78 -9.49
C ASP A 64 -2.77 -1.36 -10.00
N CYS A 65 -3.23 -0.51 -9.13
CA CYS A 65 -3.58 0.88 -9.56
C CYS A 65 -2.62 1.89 -8.94
N PHE A 66 -2.21 1.66 -7.73
CA PHE A 66 -1.26 2.61 -7.07
C PHE A 66 -0.20 3.08 -8.04
N PRO A 67 -0.39 4.27 -8.56
CA PRO A 67 0.56 4.85 -9.53
C PRO A 67 1.83 5.33 -8.81
N GLY A 68 1.84 6.57 -8.38
CA GLY A 68 3.05 7.09 -7.67
C GLY A 68 2.63 7.70 -6.34
N LEU A 69 2.21 6.89 -5.40
CA LEU A 69 1.80 7.44 -4.08
C LEU A 69 2.89 8.37 -3.53
N PRO A 70 2.51 9.17 -2.59
CA PRO A 70 3.46 10.13 -1.97
C PRO A 70 4.45 9.38 -1.08
N ASN A 71 5.50 10.03 -0.66
CA ASN A 71 6.50 9.35 0.21
C ASN A 71 5.79 8.58 1.32
N ASP A 72 6.41 7.54 1.81
CA ASP A 72 5.77 6.73 2.88
C ASP A 72 4.30 6.50 2.55
N ALA A 73 4.00 6.29 1.30
CA ALA A 73 2.58 6.07 0.91
C ALA A 73 1.91 5.10 1.91
N GLU A 74 0.91 5.56 2.61
CA GLU A 74 0.23 4.67 3.59
C GLU A 74 -0.81 3.78 2.90
N LEU A 75 -0.53 2.52 2.77
CA LEU A 75 -1.50 1.60 2.11
C LEU A 75 -1.96 0.53 3.10
N LEU A 76 -3.23 0.21 3.12
CA LEU A 76 -3.73 -0.82 4.07
C LEU A 76 -4.27 -2.03 3.33
N LEU A 77 -3.87 -3.21 3.73
CA LEU A 77 -4.37 -4.44 3.07
C LEU A 77 -5.78 -4.74 3.54
N LEU A 78 -6.64 -5.17 2.67
CA LEU A 78 -8.05 -5.47 3.07
C LEU A 78 -8.66 -6.48 2.10
N THR A 79 -9.75 -7.09 2.48
CA THR A 79 -10.38 -8.09 1.58
C THR A 79 -11.90 -8.09 1.77
N ALA A 80 -12.63 -8.73 0.91
CA ALA A 80 -14.12 -8.76 1.05
C ALA A 80 -14.50 -9.14 2.48
N GLY A 81 -13.64 -9.85 3.16
CA GLY A 81 -13.96 -10.25 4.56
C GLY A 81 -13.41 -9.21 5.52
N GLU A 82 -13.07 -8.05 5.02
CA GLU A 82 -12.52 -6.98 5.91
C GLU A 82 -12.84 -5.59 5.33
N THR A 83 -12.97 -4.61 6.18
CA THR A 83 -13.27 -3.23 5.68
C THR A 83 -12.58 -2.19 6.55
N TRP A 84 -12.13 -1.11 5.98
CA TRP A 84 -11.44 -0.06 6.77
C TRP A 84 -12.31 1.20 6.84
N HIS A 85 -12.42 1.79 8.00
CA HIS A 85 -13.26 3.02 8.13
C HIS A 85 -12.47 4.24 7.62
N GLY A 86 -11.58 4.75 8.41
CA GLY A 86 -10.80 5.94 7.96
C GLY A 86 -10.06 6.56 9.15
N TYR A 87 -8.90 7.11 8.92
CA TYR A 87 -8.14 7.73 10.05
C TYR A 87 -8.65 9.15 10.31
N VAL A 88 -8.64 9.57 11.56
CA VAL A 88 -9.13 10.94 11.87
C VAL A 88 -8.04 11.98 11.58
N SER A 89 -8.34 13.24 11.78
CA SER A 89 -7.32 14.29 11.51
C SER A 89 -6.92 14.98 12.83
N ASP A 90 -6.05 14.36 13.58
CA ASP A 90 -5.61 14.97 14.88
C ASP A 90 -6.82 15.18 15.80
N MET A 4 15.98 11.91 -19.55
CA MET A 4 16.79 12.72 -18.61
C MET A 4 17.66 11.80 -17.74
N CYS A 5 18.95 11.96 -17.80
CA CYS A 5 19.85 11.11 -16.97
C CYS A 5 19.50 11.25 -15.49
N ALA A 6 18.56 10.47 -15.01
CA ALA A 6 18.17 10.56 -13.57
C ALA A 6 17.37 9.33 -13.16
N VAL A 7 18.03 8.25 -12.86
CA VAL A 7 17.30 7.01 -12.45
C VAL A 7 16.69 7.19 -11.06
N LEU A 8 15.84 8.16 -10.89
CA LEU A 8 15.20 8.37 -9.56
C LEU A 8 16.27 8.62 -8.49
N ARG A 9 16.42 9.84 -8.05
CA ARG A 9 17.44 10.13 -7.01
C ARG A 9 16.77 10.19 -5.63
N GLN A 10 15.91 9.24 -5.34
CA GLN A 10 15.21 9.24 -4.03
C GLN A 10 14.28 8.03 -3.94
N PRO A 11 14.61 7.12 -3.06
CA PRO A 11 13.79 5.90 -2.86
C PRO A 11 12.48 6.26 -2.16
N LYS A 12 11.37 5.95 -2.76
CA LYS A 12 10.06 6.27 -2.12
C LYS A 12 9.72 5.23 -1.04
N CYS A 13 9.18 5.66 0.06
CA CYS A 13 8.83 4.71 1.14
C CYS A 13 7.31 4.55 1.23
N VAL A 14 6.85 3.39 1.62
CA VAL A 14 5.38 3.17 1.73
C VAL A 14 5.06 2.27 2.93
N LYS A 15 4.20 2.72 3.80
CA LYS A 15 3.86 1.87 4.99
C LYS A 15 2.79 0.86 4.63
N LEU A 16 3.18 -0.35 4.32
CA LEU A 16 2.18 -1.39 3.96
C LEU A 16 1.50 -1.94 5.22
N ARG A 17 0.54 -1.21 5.75
CA ARG A 17 -0.17 -1.69 6.97
C ARG A 17 -1.23 -2.71 6.59
N ALA A 18 -1.69 -3.51 7.53
CA ALA A 18 -2.72 -4.52 7.19
C ALA A 18 -3.75 -4.65 8.32
N LEU A 19 -4.99 -4.33 8.05
CA LEU A 19 -6.04 -4.44 9.11
C LEU A 19 -6.29 -5.91 9.43
N HIS A 20 -5.93 -6.79 8.56
CA HIS A 20 -6.15 -8.24 8.81
C HIS A 20 -5.06 -8.78 9.74
N SER A 21 -4.17 -7.92 10.18
CA SER A 21 -3.08 -8.38 11.07
C SER A 21 -2.88 -7.37 12.21
N ALA A 22 -1.75 -7.41 12.86
CA ALA A 22 -1.50 -6.47 13.98
C ALA A 22 -0.21 -5.68 13.73
N CYS A 23 0.03 -5.27 12.50
CA CYS A 23 1.28 -4.50 12.22
C CYS A 23 1.29 -4.01 10.78
N LYS A 24 2.44 -3.65 10.28
CA LYS A 24 2.54 -3.15 8.88
C LYS A 24 3.91 -3.49 8.29
N PHE A 25 4.30 -2.83 7.24
CA PHE A 25 5.63 -3.12 6.62
C PHE A 25 6.17 -1.86 5.93
N GLY A 26 6.91 -1.05 6.62
CA GLY A 26 7.47 0.17 5.99
C GLY A 26 8.53 -0.22 4.96
N VAL A 27 8.14 -0.43 3.74
CA VAL A 27 9.13 -0.83 2.69
C VAL A 27 9.56 0.39 1.87
N ALA A 28 10.80 0.43 1.47
CA ALA A 28 11.29 1.59 0.66
C ALA A 28 11.98 1.10 -0.60
N ALA A 29 11.90 1.85 -1.67
CA ALA A 29 12.56 1.42 -2.94
C ALA A 29 12.49 2.54 -3.98
N ARG A 30 13.41 2.56 -4.90
CA ARG A 30 13.41 3.63 -5.94
C ARG A 30 12.13 3.54 -6.80
N SER A 31 11.92 2.43 -7.44
CA SER A 31 10.71 2.28 -8.29
C SER A 31 9.52 1.83 -7.45
N CYS A 32 8.70 2.76 -7.01
CA CYS A 32 7.52 2.38 -6.19
C CYS A 32 6.85 1.14 -6.78
N GLN A 33 6.88 1.01 -8.08
CA GLN A 33 6.26 -0.20 -8.71
C GLN A 33 6.83 -1.46 -8.08
N GLU A 34 8.06 -1.39 -7.65
CA GLU A 34 8.70 -2.59 -7.01
C GLU A 34 8.13 -2.78 -5.61
N LEU A 35 7.79 -1.71 -4.94
CA LEU A 35 7.23 -1.84 -3.57
C LEU A 35 5.76 -2.30 -3.64
N LEU A 36 5.04 -1.83 -4.61
CA LEU A 36 3.61 -2.26 -4.74
C LEU A 36 3.54 -3.76 -5.05
N ARG A 37 4.10 -4.18 -6.14
CA ARG A 37 4.06 -5.63 -6.48
C ARG A 37 4.65 -6.45 -5.33
N LYS A 38 5.88 -6.18 -4.98
CA LYS A 38 6.51 -6.93 -3.85
C LYS A 38 5.59 -6.88 -2.64
N GLY A 39 4.86 -5.81 -2.47
CA GLY A 39 3.94 -5.70 -1.31
C GLY A 39 2.88 -6.79 -1.40
N CYS A 40 2.22 -6.90 -2.53
CA CYS A 40 1.18 -7.96 -2.68
C CYS A 40 1.82 -9.34 -2.52
N VAL A 41 3.11 -9.43 -2.68
CA VAL A 41 3.80 -10.75 -2.55
C VAL A 41 3.99 -11.10 -1.06
N ARG A 42 4.48 -10.17 -0.30
CA ARG A 42 4.69 -10.43 1.16
C ARG A 42 3.35 -10.37 1.90
N PHE A 43 2.46 -9.53 1.46
CA PHE A 43 1.13 -9.43 2.13
C PHE A 43 0.15 -10.41 1.49
N GLN A 44 0.51 -10.97 0.36
CA GLN A 44 -0.39 -11.93 -0.32
C GLN A 44 -1.78 -11.33 -0.51
N LEU A 45 -1.97 -10.56 -1.54
CA LEU A 45 -3.32 -9.95 -1.77
C LEU A 45 -3.87 -10.39 -3.13
N PRO A 46 -4.86 -11.22 -3.08
CA PRO A 46 -5.50 -11.73 -4.32
C PRO A 46 -6.34 -10.63 -4.97
N MET A 47 -6.81 -10.85 -6.17
CA MET A 47 -7.64 -9.81 -6.85
C MET A 47 -9.07 -9.83 -6.32
N PRO A 48 -9.65 -11.00 -6.30
CA PRO A 48 -11.05 -11.13 -5.82
C PRO A 48 -11.10 -11.08 -4.29
N GLY A 49 -12.25 -10.75 -3.74
CA GLY A 49 -12.36 -10.67 -2.26
C GLY A 49 -11.14 -9.94 -1.68
N SER A 50 -10.65 -8.95 -2.38
CA SER A 50 -9.46 -8.20 -1.87
C SER A 50 -9.66 -6.70 -2.08
N ARG A 51 -8.82 -5.89 -1.51
CA ARG A 51 -8.97 -4.41 -1.67
C ARG A 51 -7.97 -3.67 -0.78
N LEU A 52 -7.06 -2.95 -1.37
CA LEU A 52 -6.06 -2.20 -0.55
C LEU A 52 -6.48 -0.74 -0.46
N CYS A 53 -6.88 -0.30 0.70
CA CYS A 53 -7.33 1.12 0.84
C CYS A 53 -6.19 2.00 1.34
N LEU A 54 -6.37 3.29 1.29
CA LEU A 54 -5.32 4.23 1.76
C LEU A 54 -5.62 4.70 3.19
N TYR A 55 -4.77 4.38 4.12
CA TYR A 55 -5.01 4.81 5.53
C TYR A 55 -5.02 6.34 5.61
N GLU A 56 -4.54 6.99 4.60
CA GLU A 56 -4.52 8.48 4.62
C GLU A 56 -5.90 9.04 4.94
N ASP A 57 -6.89 8.68 4.17
CA ASP A 57 -8.27 9.19 4.44
C ASP A 57 -9.32 8.15 4.09
N GLY A 58 -9.08 6.91 4.43
CA GLY A 58 -10.06 5.84 4.10
C GLY A 58 -10.27 5.77 2.59
N THR A 59 -9.25 6.03 1.82
CA THR A 59 -9.40 5.97 0.33
C THR A 59 -9.41 4.51 -0.12
N GLU A 60 -9.83 4.24 -1.31
CA GLU A 60 -9.87 2.82 -1.79
C GLU A 60 -8.93 2.66 -2.99
N VAL A 61 -8.10 1.65 -2.96
CA VAL A 61 -7.15 1.43 -4.10
C VAL A 61 -6.83 -0.07 -4.24
N THR A 62 -6.06 -0.42 -5.24
CA THR A 62 -5.70 -1.85 -5.44
C THR A 62 -4.19 -2.01 -5.63
N ASP A 63 -3.69 -3.20 -5.53
CA ASP A 63 -2.23 -3.41 -5.70
C ASP A 63 -1.83 -3.24 -7.17
N ASP A 64 -2.79 -3.18 -8.05
CA ASP A 64 -2.46 -3.01 -9.50
C ASP A 64 -2.80 -1.60 -9.98
N CYS A 65 -3.35 -0.79 -9.11
CA CYS A 65 -3.71 0.60 -9.52
C CYS A 65 -2.68 1.59 -8.98
N PHE A 66 -2.23 1.39 -7.77
CA PHE A 66 -1.24 2.33 -7.17
C PHE A 66 -0.20 2.74 -8.21
N PRO A 67 -0.39 3.91 -8.76
CA PRO A 67 0.54 4.45 -9.78
C PRO A 67 1.78 5.07 -9.12
N GLY A 68 1.64 6.28 -8.62
CA GLY A 68 2.80 6.94 -7.95
C GLY A 68 2.36 7.48 -6.59
N LEU A 69 2.12 6.61 -5.65
CA LEU A 69 1.69 7.07 -4.30
C LEU A 69 2.65 8.13 -3.76
N PRO A 70 2.18 8.86 -2.79
CA PRO A 70 3.00 9.92 -2.16
C PRO A 70 4.08 9.28 -1.28
N ASN A 71 4.91 10.08 -0.67
CA ASN A 71 5.98 9.51 0.21
C ASN A 71 5.36 8.70 1.34
N ASP A 72 6.06 7.69 1.81
CA ASP A 72 5.51 6.86 2.90
C ASP A 72 4.05 6.53 2.62
N ALA A 73 3.72 6.27 1.39
CA ALA A 73 2.31 5.94 1.03
C ALA A 73 1.69 5.03 2.08
N GLU A 74 0.77 5.53 2.86
CA GLU A 74 0.13 4.69 3.91
C GLU A 74 -0.93 3.78 3.29
N LEU A 75 -0.56 2.57 2.97
CA LEU A 75 -1.55 1.63 2.36
C LEU A 75 -2.02 0.61 3.40
N LEU A 76 -3.21 0.09 3.25
CA LEU A 76 -3.72 -0.91 4.23
C LEU A 76 -4.31 -2.12 3.51
N LEU A 77 -3.83 -3.30 3.82
CA LEU A 77 -4.35 -4.53 3.17
C LEU A 77 -5.75 -4.86 3.70
N LEU A 78 -6.72 -4.92 2.83
CA LEU A 78 -8.11 -5.23 3.27
C LEU A 78 -8.76 -6.21 2.28
N THR A 79 -9.76 -6.93 2.71
CA THR A 79 -10.42 -7.89 1.78
C THR A 79 -11.94 -7.79 1.92
N ALA A 80 -12.67 -8.57 1.17
CA ALA A 80 -14.15 -8.51 1.26
C ALA A 80 -14.61 -8.83 2.69
N GLY A 81 -13.83 -9.57 3.43
CA GLY A 81 -14.22 -9.90 4.82
C GLY A 81 -13.71 -8.82 5.78
N GLU A 82 -13.35 -7.69 5.26
CA GLU A 82 -12.84 -6.60 6.15
C GLU A 82 -13.24 -5.22 5.61
N THR A 83 -13.18 -4.20 6.43
CA THR A 83 -13.56 -2.84 5.95
C THR A 83 -12.84 -1.78 6.80
N TRP A 84 -12.40 -0.71 6.19
CA TRP A 84 -11.71 0.37 6.96
C TRP A 84 -12.52 1.66 6.93
N HIS A 85 -12.83 2.20 8.07
CA HIS A 85 -13.61 3.47 8.11
C HIS A 85 -12.84 4.60 7.41
N GLY A 86 -11.67 4.91 7.90
CA GLY A 86 -10.86 6.00 7.28
C GLY A 86 -10.39 6.97 8.35
N TYR A 87 -9.20 7.49 8.21
CA TYR A 87 -8.68 8.46 9.22
C TYR A 87 -9.57 9.70 9.25
N VAL A 88 -10.22 9.95 10.36
CA VAL A 88 -11.10 11.15 10.45
C VAL A 88 -10.28 12.38 10.82
N SER A 89 -10.67 13.53 10.32
CA SER A 89 -9.90 14.77 10.63
C SER A 89 -10.81 15.77 11.38
N ASP A 90 -10.88 15.64 12.69
CA ASP A 90 -11.74 16.58 13.47
C ASP A 90 -10.86 17.51 14.31
#